data_7AIO
#
_entry.id   7AIO
#
_cell.length_a   1.00
_cell.length_b   1.00
_cell.length_c   1.00
_cell.angle_alpha   90.00
_cell.angle_beta   90.00
_cell.angle_gamma   90.00
#
_symmetry.space_group_name_H-M   'P 1'
#
loop_
_entity.id
_entity.type
_entity.pdbx_description
1 polymer 'Solute carrier family 12 member 6'
2 branched beta-D-mannopyranose-(1-4)-2-acetamido-2-deoxy-beta-D-glucopyranose-(1-4)-2-acetamido-2-deoxy-beta-D-glucopyranose
3 non-polymer 2-acetamido-2-deoxy-beta-D-glucopyranose
#
_entity_poly.entity_id   1
_entity_poly.type   'polypeptide(L)'
_entity_poly.pdbx_seq_one_letter_code
;MPHFTVTKVEDPEEGAAASISQEPSLADIKARIQDSDEPDLSQNDITGEHSQLLDDGHKKARNAYLNNSNYEEGDEYFDK
NLALFEEEMDTRPKVSSLLNRMANYTNLTQGAKEHEEAENITEGKKKPTKTPQMGTFMGVYLPCLQNIFGVILFLRLTWV
VGTAGVLQAFAIVLICCCCTMLTAISMSAIATNGVVPAGGSYFMISRALGPEFGGAVGLCFYLGTTFAAAMYILGAIEIF
LVYIVPRAAIFHSDDALKESAAMLNNMRVYGTAFLVLMVLVVFIGVRYVNKFASLFLACVIVSILAIYAGAIKSSFAPPH
FPVCMLGNRTLSSRHIDVCSKTKEINNMTVPSKLWGFFCNSSQFFNATCDEYFVHNNVTSIQGIPGLASGIITENLWSNY
LPKGEIIEKPSAKSSDVLGSLNHEYVLVDITTSFTLLVGIFFPSVTGIMAGSNRSGDLKDAQKSIPIGTILAILTTSFVY
LSNVVLFGACIEGVVLRDKFGDAVKGNLVVGTLSWPSPWVIVIGSFFSTCGAGLQSLTGAPRLLQAIAKDNIIPFLRVFG
HSKANGEPTWALLLTAAIAELGILIASLDLVAPILSMFFLMCYLFVNLACALQTLLRTPNWRPRFRYYHWALSFMGMSIC
LALMFISSWYYAIVAMVIAGMIYKYIEYQGAEKEWGDGIRGLSLSAARFALLRLEEGPPHTKNWRPQLLVLLKLDEDLHV
KHPRLLTFASQLKAGKGLTIVGSVIVGNFLENYGEALAAEQTIKHLMEAEKVKGFCQLVVAAKLREGISHLIQSCGLGGM
KHNTVVMGWPNGWRQSEDARAWKTFIGTVRVTTAAHLALLVAKNISFFPSNVEQFSEGNIDVWWIVHDGGMLMLLPFLLK
QHKVWRKCSIRIFTVAQLEDNSIQMKKDLATFLYHLRIEAEVEVVEMHDSDISAYTYERDLMMEQRSQMLRHMRLSKTER
DREAQLVKDRNSMLRLTSIGSDEDEETETYQEKVHMDWTKDKYMASRGQKAKSMEGFQDLLNMRPDQSNVRRMHTAVKLN
EVIVNKSHEAKLVLLNMPGPPRNPEGDENYMEFLEVLTEGLERVLLVRGGGSEVITIYS
;
_entity_poly.pdbx_strand_id   B,A
#
loop_
_chem_comp.id
_chem_comp.type
_chem_comp.name
_chem_comp.formula
BMA D-saccharide, beta linking beta-D-mannopyranose 'C6 H12 O6'
NAG D-saccharide, beta linking 2-acetamido-2-deoxy-beta-D-glucopyranose 'C8 H15 N O6'
#
# COMPACT_ATOMS: atom_id res chain seq x y z
N MET A 102 -41.39 8.76 28.57
CA MET A 102 -42.03 8.27 27.36
C MET A 102 -41.19 8.57 26.13
N ALA A 103 -40.90 7.54 25.33
CA ALA A 103 -40.10 7.71 24.13
C ALA A 103 -40.37 6.57 23.17
N ASN A 104 -40.32 6.88 21.88
CA ASN A 104 -40.44 5.91 20.79
C ASN A 104 -39.20 5.99 19.92
N TYR A 105 -38.12 5.34 20.34
CA TYR A 105 -36.88 5.40 19.58
C TYR A 105 -36.65 4.06 18.89
N THR A 106 -35.62 4.03 18.04
CA THR A 106 -35.24 2.85 17.28
C THR A 106 -33.73 2.71 17.31
N ASN A 107 -33.25 1.53 16.94
CA ASN A 107 -31.81 1.27 16.90
C ASN A 107 -31.32 0.97 15.49
N LEU A 108 -32.18 1.13 14.48
CA LEU A 108 -31.81 0.79 13.12
C LEU A 108 -30.94 1.90 12.55
N THR A 109 -30.65 1.83 11.26
CA THR A 109 -29.77 2.79 10.60
C THR A 109 -30.60 3.85 9.89
N GLN A 110 -29.90 4.84 9.34
CA GLN A 110 -30.50 5.86 8.50
C GLN A 110 -29.78 5.81 7.17
N GLY A 111 -30.50 5.42 6.12
CA GLY A 111 -29.92 5.26 4.80
C GLY A 111 -30.08 6.48 3.93
N ALA A 112 -30.26 6.23 2.64
CA ALA A 112 -30.38 7.31 1.68
C ALA A 112 -31.62 8.16 1.92
N LYS A 113 -32.67 7.57 2.51
CA LYS A 113 -33.90 8.31 2.73
C LYS A 113 -33.68 9.53 3.62
N GLU A 114 -32.89 9.37 4.69
CA GLU A 114 -32.66 10.51 5.57
C GLU A 114 -31.69 11.50 4.95
N HIS A 115 -30.58 11.01 4.39
CA HIS A 115 -29.62 11.92 3.76
C HIS A 115 -30.31 12.77 2.71
N GLU A 116 -31.21 12.15 1.92
CA GLU A 116 -31.95 12.88 0.90
C GLU A 116 -32.87 13.90 1.52
N GLU A 117 -33.56 13.53 2.62
CA GLU A 117 -34.44 14.50 3.24
C GLU A 117 -33.65 15.70 3.71
N ALA A 118 -32.53 15.46 4.38
CA ALA A 118 -31.65 16.54 4.84
C ALA A 118 -31.25 17.45 3.70
N GLU A 119 -30.77 16.86 2.59
CA GLU A 119 -30.34 17.68 1.46
C GLU A 119 -31.48 18.52 0.91
N ASN A 120 -32.67 17.94 0.78
CA ASN A 120 -33.79 18.73 0.30
C ASN A 120 -34.18 19.81 1.31
N ILE A 121 -34.15 19.48 2.60
CA ILE A 121 -34.54 20.35 3.70
C ILE A 121 -33.54 21.50 3.83
N THR A 122 -32.45 21.43 3.06
CA THR A 122 -31.48 22.52 3.05
C THR A 122 -32.18 23.87 2.95
N GLU A 123 -33.15 23.96 2.02
CA GLU A 123 -33.92 25.21 1.80
C GLU A 123 -35.36 24.85 1.43
N LYS A 126 -36.47 22.93 11.87
CA LYS A 126 -37.88 22.81 11.52
C LYS A 126 -38.64 22.05 12.62
N LYS A 127 -39.94 22.28 12.68
CA LYS A 127 -40.76 21.61 13.70
C LYS A 127 -40.77 20.09 13.53
N PRO A 128 -40.91 19.51 12.33
CA PRO A 128 -40.87 18.05 12.24
C PRO A 128 -39.54 17.47 12.68
N THR A 129 -38.43 18.09 12.28
CA THR A 129 -37.09 17.62 12.64
C THR A 129 -36.88 17.64 14.15
N LYS A 130 -37.33 18.70 14.82
CA LYS A 130 -37.09 18.89 16.25
C LYS A 130 -37.60 17.72 17.09
N THR A 131 -38.77 17.17 16.76
CA THR A 131 -39.30 16.08 17.58
C THR A 131 -38.40 14.86 17.61
N PRO A 132 -37.90 14.33 16.49
CA PRO A 132 -36.94 13.21 16.58
C PRO A 132 -35.61 13.55 17.23
N GLN A 133 -35.29 14.81 17.49
CA GLN A 133 -34.03 15.14 18.14
C GLN A 133 -33.89 14.34 19.43
N MET A 134 -32.76 13.64 19.56
CA MET A 134 -32.54 12.79 20.73
C MET A 134 -31.20 13.09 21.38
N GLY A 135 -31.20 13.05 22.71
CA GLY A 135 -30.01 13.32 23.49
C GLY A 135 -28.98 12.24 23.29
N THR A 136 -27.77 12.50 23.79
CA THR A 136 -26.67 11.57 23.61
C THR A 136 -27.04 10.18 24.12
N PHE A 137 -27.72 10.12 25.27
CA PHE A 137 -28.07 8.83 25.85
C PHE A 137 -28.96 8.04 24.91
N MET A 138 -30.15 8.56 24.64
CA MET A 138 -31.12 7.83 23.83
C MET A 138 -30.79 7.88 22.35
N GLY A 139 -29.73 8.58 21.96
CA GLY A 139 -29.39 8.70 20.57
C GLY A 139 -28.23 7.83 20.16
N VAL A 140 -27.25 7.64 21.04
CA VAL A 140 -26.09 6.85 20.68
C VAL A 140 -25.79 5.79 21.74
N TYR A 141 -26.16 6.04 23.00
CA TYR A 141 -25.92 5.03 24.02
C TYR A 141 -26.81 3.81 23.82
N LEU A 142 -28.13 4.02 23.73
CA LEU A 142 -29.01 2.87 23.62
C LEU A 142 -28.93 2.15 22.27
N PRO A 143 -28.85 2.83 21.12
CA PRO A 143 -28.63 2.07 19.88
C PRO A 143 -27.36 1.25 19.90
N CYS A 144 -26.26 1.83 20.38
CA CYS A 144 -25.00 1.09 20.43
C CYS A 144 -25.08 -0.02 21.45
N LEU A 145 -25.77 0.21 22.57
CA LEU A 145 -25.87 -0.82 23.59
C LEU A 145 -26.72 -1.99 23.10
N GLN A 146 -27.86 -1.69 22.47
CA GLN A 146 -28.71 -2.73 21.92
C GLN A 146 -28.06 -3.47 20.75
N ASN A 147 -27.07 -2.87 20.09
CA ASN A 147 -26.49 -3.56 18.95
C ASN A 147 -25.15 -4.22 19.27
N ILE A 148 -24.49 -3.84 20.35
CA ILE A 148 -23.30 -4.55 20.78
C ILE A 148 -23.66 -5.84 21.50
N PHE A 149 -24.69 -5.81 22.36
CA PHE A 149 -25.09 -7.00 23.10
C PHE A 149 -25.73 -7.99 22.16
N GLY A 150 -24.92 -8.91 21.62
CA GLY A 150 -25.38 -9.91 20.69
C GLY A 150 -25.69 -11.23 21.35
N VAL A 151 -25.63 -12.29 20.56
CA VAL A 151 -25.95 -13.62 21.05
C VAL A 151 -24.75 -14.24 21.75
N ILE A 152 -23.52 -13.87 21.36
CA ILE A 152 -22.32 -14.52 21.88
C ILE A 152 -22.30 -14.48 23.41
N LEU A 153 -22.59 -13.32 23.99
CA LEU A 153 -22.59 -13.18 25.45
C LEU A 153 -23.30 -14.33 26.15
N PHE A 154 -24.31 -14.90 25.52
CA PHE A 154 -25.02 -16.00 26.15
C PHE A 154 -24.51 -17.35 25.67
N LEU A 155 -24.88 -17.72 24.44
CA LEU A 155 -24.57 -19.05 23.92
C LEU A 155 -23.10 -19.39 23.92
N ARG A 156 -22.20 -18.42 23.96
CA ARG A 156 -20.79 -18.78 23.91
C ARG A 156 -19.89 -18.14 24.95
N LEU A 157 -20.35 -17.18 25.75
CA LEU A 157 -19.42 -16.63 26.74
C LEU A 157 -19.07 -17.63 27.82
N THR A 158 -20.06 -18.38 28.32
CA THR A 158 -19.76 -19.39 29.32
C THR A 158 -18.81 -20.44 28.78
N TRP A 159 -19.06 -20.87 27.54
CA TRP A 159 -18.18 -21.85 26.92
C TRP A 159 -16.77 -21.30 26.75
N VAL A 160 -16.64 -20.03 26.37
CA VAL A 160 -15.33 -19.43 26.16
C VAL A 160 -14.57 -19.34 27.48
N VAL A 161 -15.24 -18.80 28.50
CA VAL A 161 -14.64 -18.74 29.84
C VAL A 161 -14.14 -20.11 30.26
N GLY A 162 -14.98 -21.13 30.10
CA GLY A 162 -14.58 -22.47 30.49
C GLY A 162 -13.38 -22.98 29.74
N THR A 163 -13.43 -22.93 28.41
CA THR A 163 -12.35 -23.53 27.64
C THR A 163 -11.10 -22.66 27.60
N ALA A 164 -11.15 -21.43 28.13
CA ALA A 164 -9.99 -20.56 28.12
C ALA A 164 -9.37 -20.34 29.48
N GLY A 165 -10.11 -20.52 30.56
CA GLY A 165 -9.62 -20.14 31.87
C GLY A 165 -9.81 -18.65 32.04
N VAL A 166 -10.24 -18.23 33.24
CA VAL A 166 -10.64 -16.85 33.46
C VAL A 166 -9.57 -15.87 33.01
N LEU A 167 -8.31 -16.23 33.18
CA LEU A 167 -7.22 -15.33 32.80
C LEU A 167 -7.23 -15.10 31.29
N GLN A 168 -7.19 -16.17 30.51
CA GLN A 168 -7.14 -16.00 29.07
C GLN A 168 -8.45 -15.45 28.52
N ALA A 169 -9.58 -15.77 29.16
CA ALA A 169 -10.85 -15.16 28.75
C ALA A 169 -10.83 -13.66 28.98
N PHE A 170 -10.26 -13.23 30.10
CA PHE A 170 -10.11 -11.81 30.38
C PHE A 170 -9.20 -11.16 29.34
N ALA A 171 -8.12 -11.85 28.97
CA ALA A 171 -7.23 -11.31 27.95
C ALA A 171 -7.95 -11.15 26.62
N ILE A 172 -8.78 -12.14 26.26
CA ILE A 172 -9.52 -12.09 24.99
C ILE A 172 -10.48 -10.90 25.00
N VAL A 173 -11.30 -10.82 26.04
CA VAL A 173 -12.29 -9.75 26.11
C VAL A 173 -11.59 -8.40 26.14
N LEU A 174 -10.44 -8.32 26.79
CA LEU A 174 -9.72 -7.07 26.88
C LEU A 174 -9.15 -6.65 25.53
N ILE A 175 -8.57 -7.60 24.77
CA ILE A 175 -8.01 -7.26 23.47
C ILE A 175 -9.13 -6.81 22.53
N CYS A 176 -10.24 -7.54 22.51
CA CYS A 176 -11.35 -7.15 21.65
C CYS A 176 -11.88 -5.78 22.03
N CYS A 177 -12.09 -5.55 23.32
CA CYS A 177 -12.58 -4.26 23.77
C CYS A 177 -11.57 -3.15 23.50
N CYS A 178 -10.29 -3.48 23.46
CA CYS A 178 -9.28 -2.47 23.16
C CYS A 178 -9.34 -2.05 21.70
N CYS A 179 -9.50 -3.03 20.80
CA CYS A 179 -9.61 -2.66 19.37
C CYS A 179 -10.90 -1.87 19.16
N THR A 180 -12.00 -2.24 19.83
CA THR A 180 -13.23 -1.51 19.59
C THR A 180 -13.22 -0.15 20.26
N MET A 181 -12.46 0.02 21.35
CA MET A 181 -12.38 1.33 22.00
C MET A 181 -11.51 2.28 21.21
N LEU A 182 -10.34 1.83 20.73
CA LEU A 182 -9.54 2.69 19.88
C LEU A 182 -10.28 3.02 18.59
N THR A 183 -11.04 2.07 18.05
CA THR A 183 -11.85 2.38 16.88
C THR A 183 -12.98 3.35 17.24
N ALA A 184 -13.50 3.29 18.46
CA ALA A 184 -14.48 4.28 18.87
C ALA A 184 -13.86 5.66 18.95
N ILE A 185 -12.62 5.75 19.40
CA ILE A 185 -11.93 7.03 19.45
C ILE A 185 -11.70 7.57 18.05
N SER A 186 -11.26 6.71 17.13
CA SER A 186 -11.07 7.15 15.75
C SER A 186 -12.40 7.56 15.11
N MET A 187 -13.46 6.80 15.37
CA MET A 187 -14.76 7.13 14.81
C MET A 187 -15.32 8.41 15.40
N SER A 188 -15.02 8.68 16.67
CA SER A 188 -15.42 9.94 17.26
C SER A 188 -14.64 11.11 16.67
N ALA A 189 -13.35 10.89 16.40
CA ALA A 189 -12.58 11.91 15.70
C ALA A 189 -13.19 12.22 14.34
N ILE A 190 -13.67 11.18 13.65
CA ILE A 190 -14.38 11.40 12.40
C ILE A 190 -15.68 12.14 12.63
N ALA A 191 -16.38 11.82 13.72
CA ALA A 191 -17.69 12.42 13.96
C ALA A 191 -17.57 13.90 14.27
N THR A 192 -16.55 14.31 15.01
CA THR A 192 -16.43 15.72 15.36
C THR A 192 -15.97 16.56 14.17
N ASN A 193 -15.07 16.01 13.36
CA ASN A 193 -14.53 16.73 12.21
C ASN A 193 -15.60 17.08 11.18
N GLY A 194 -15.89 18.36 11.03
CA GLY A 194 -16.82 18.80 10.01
C GLY A 194 -18.26 18.52 10.39
N VAL A 195 -19.15 18.90 9.48
CA VAL A 195 -20.57 18.64 9.67
C VAL A 195 -20.85 17.15 9.55
N VAL A 196 -21.73 16.66 10.42
CA VAL A 196 -22.10 15.25 10.43
C VAL A 196 -23.31 15.05 9.52
N PRO A 197 -23.19 14.28 8.45
CA PRO A 197 -24.33 14.09 7.54
C PRO A 197 -25.47 13.37 8.24
N ALA A 198 -26.67 13.54 7.70
CA ALA A 198 -27.87 12.99 8.32
C ALA A 198 -28.01 11.49 8.13
N GLY A 199 -27.31 10.91 7.16
CA GLY A 199 -27.40 9.49 6.94
C GLY A 199 -26.74 8.69 8.06
N GLY A 200 -26.55 7.42 7.80
CA GLY A 200 -25.95 6.54 8.77
C GLY A 200 -24.47 6.78 8.99
N SER A 201 -23.78 5.82 9.61
CA SER A 201 -22.35 5.96 9.79
C SER A 201 -21.61 5.92 8.47
N TYR A 202 -22.20 5.28 7.46
CA TYR A 202 -21.55 5.21 6.16
C TYR A 202 -21.35 6.60 5.57
N PHE A 203 -22.36 7.46 5.67
CA PHE A 203 -22.24 8.80 5.11
C PHE A 203 -21.20 9.62 5.85
N MET A 204 -21.16 9.52 7.18
CA MET A 204 -20.12 10.20 7.94
C MET A 204 -18.74 9.73 7.51
N ILE A 205 -18.54 8.42 7.46
CA ILE A 205 -17.24 7.87 7.07
C ILE A 205 -16.86 8.33 5.68
N SER A 206 -17.84 8.36 4.77
CA SER A 206 -17.56 8.78 3.40
C SER A 206 -17.16 10.25 3.35
N ARG A 207 -18.01 11.14 3.86
CA ARG A 207 -17.68 12.56 3.81
C ARG A 207 -16.43 12.91 4.59
N ALA A 208 -15.97 12.04 5.49
CA ALA A 208 -14.76 12.36 6.25
C ALA A 208 -13.51 11.73 5.67
N LEU A 209 -13.62 10.60 4.96
CA LEU A 209 -12.45 9.87 4.49
C LEU A 209 -12.39 9.77 2.98
N GLY A 210 -13.25 10.46 2.26
CA GLY A 210 -13.26 10.39 0.82
C GLY A 210 -14.02 9.17 0.36
N PRO A 211 -14.54 9.23 -0.86
CA PRO A 211 -15.39 8.13 -1.35
C PRO A 211 -14.68 6.79 -1.43
N GLU A 212 -13.37 6.77 -1.63
CA GLU A 212 -12.65 5.50 -1.73
C GLU A 212 -12.74 4.71 -0.42
N PHE A 213 -12.28 5.32 0.67
CA PHE A 213 -12.42 4.67 1.97
C PHE A 213 -13.88 4.50 2.34
N GLY A 214 -14.73 5.45 1.94
CA GLY A 214 -16.14 5.32 2.24
C GLY A 214 -16.73 4.05 1.65
N GLY A 215 -16.42 3.77 0.39
CA GLY A 215 -16.94 2.57 -0.26
C GLY A 215 -16.30 1.31 0.27
N ALA A 216 -14.99 1.34 0.54
CA ALA A 216 -14.34 0.15 1.08
C ALA A 216 -14.94 -0.23 2.43
N VAL A 217 -15.03 0.74 3.33
CA VAL A 217 -15.64 0.49 4.64
C VAL A 217 -17.10 0.09 4.49
N GLY A 218 -17.81 0.74 3.57
CA GLY A 218 -19.21 0.40 3.37
C GLY A 218 -19.40 -1.05 2.98
N LEU A 219 -18.63 -1.53 2.01
CA LEU A 219 -18.82 -2.92 1.58
C LEU A 219 -18.32 -3.90 2.63
N CYS A 220 -17.21 -3.61 3.30
CA CYS A 220 -16.74 -4.54 4.32
C CYS A 220 -17.71 -4.63 5.48
N PHE A 221 -18.19 -3.47 5.95
CA PHE A 221 -19.20 -3.45 6.99
C PHE A 221 -20.50 -4.08 6.51
N TYR A 222 -20.78 -4.03 5.22
CA TYR A 222 -22.00 -4.64 4.70
C TYR A 222 -21.92 -6.16 4.73
N LEU A 223 -20.79 -6.70 4.28
CA LEU A 223 -20.61 -8.15 4.39
C LEU A 223 -20.62 -8.58 5.84
N GLY A 224 -19.99 -7.79 6.70
CA GLY A 224 -20.12 -8.01 8.13
C GLY A 224 -21.55 -8.11 8.59
N THR A 225 -22.37 -7.13 8.20
CA THR A 225 -23.75 -7.11 8.66
C THR A 225 -24.57 -8.27 8.09
N THR A 226 -24.31 -8.67 6.84
CA THR A 226 -25.03 -9.82 6.30
C THR A 226 -24.67 -11.10 7.04
N PHE A 227 -23.38 -11.36 7.18
CA PHE A 227 -23.00 -12.54 7.95
C PHE A 227 -23.41 -12.43 9.41
N ALA A 228 -23.65 -11.23 9.91
CA ALA A 228 -24.21 -11.09 11.25
C ALA A 228 -25.68 -11.48 11.28
N ALA A 229 -26.43 -11.11 10.25
CA ALA A 229 -27.80 -11.60 10.17
C ALA A 229 -27.83 -13.11 10.04
N ALA A 230 -26.79 -13.69 9.45
CA ALA A 230 -26.72 -15.13 9.34
C ALA A 230 -26.39 -15.77 10.68
N MET A 231 -25.41 -15.22 11.39
CA MET A 231 -25.08 -15.75 12.70
C MET A 231 -26.26 -15.61 13.65
N TYR A 232 -26.98 -14.49 13.60
CA TYR A 232 -28.08 -14.30 14.52
C TYR A 232 -29.23 -15.24 14.20
N ILE A 233 -29.46 -15.54 12.92
CA ILE A 233 -30.47 -16.54 12.61
C ILE A 233 -30.02 -17.91 13.08
N LEU A 234 -28.75 -18.26 12.87
CA LEU A 234 -28.22 -19.52 13.38
C LEU A 234 -28.37 -19.61 14.89
N GLY A 235 -28.15 -18.50 15.59
CA GLY A 235 -28.26 -18.50 17.03
C GLY A 235 -29.69 -18.68 17.50
N ALA A 236 -30.63 -17.96 16.87
CA ALA A 236 -32.03 -18.16 17.22
C ALA A 236 -32.47 -19.59 16.97
N ILE A 237 -32.02 -20.19 15.85
CA ILE A 237 -32.37 -21.57 15.57
C ILE A 237 -31.74 -22.51 16.59
N GLU A 238 -30.46 -22.29 16.92
CA GLU A 238 -29.79 -23.13 17.89
C GLU A 238 -30.47 -23.06 19.24
N ILE A 239 -30.89 -21.86 19.66
CA ILE A 239 -31.56 -21.74 20.95
C ILE A 239 -32.90 -22.47 20.91
N PHE A 240 -33.68 -22.24 19.84
CA PHE A 240 -34.98 -22.88 19.75
C PHE A 240 -34.85 -24.39 19.77
N LEU A 241 -33.87 -24.91 19.03
CA LEU A 241 -33.77 -26.34 18.75
C LEU A 241 -33.13 -27.08 19.91
N VAL A 242 -32.08 -26.53 20.49
CA VAL A 242 -31.37 -27.26 21.53
C VAL A 242 -32.07 -27.07 22.87
N TYR A 243 -32.51 -25.85 23.17
CA TYR A 243 -33.03 -25.57 24.51
C TYR A 243 -34.55 -25.49 24.54
N ILE A 244 -35.19 -24.82 23.59
CA ILE A 244 -36.64 -24.64 23.69
C ILE A 244 -37.36 -25.92 23.29
N VAL A 245 -37.31 -26.27 22.02
CA VAL A 245 -38.08 -27.47 21.56
C VAL A 245 -37.14 -28.48 20.92
N PRO A 246 -36.43 -29.29 21.72
CA PRO A 246 -35.48 -30.28 21.22
C PRO A 246 -36.17 -31.38 20.39
N ARG A 247 -37.38 -31.79 20.81
CA ARG A 247 -38.14 -32.87 20.13
C ARG A 247 -38.47 -32.49 18.68
N ALA A 248 -38.81 -31.22 18.43
CA ALA A 248 -39.22 -30.84 17.06
C ALA A 248 -38.03 -30.55 16.15
N ALA A 249 -37.22 -31.56 15.84
CA ALA A 249 -36.12 -31.40 14.86
C ALA A 249 -36.54 -32.29 13.67
N ILE A 250 -36.54 -31.74 12.45
CA ILE A 250 -37.04 -32.56 11.30
C ILE A 250 -36.18 -33.80 11.10
N PHE A 251 -34.83 -33.68 11.21
CA PHE A 251 -33.99 -34.90 11.07
C PHE A 251 -33.57 -35.37 12.45
N HIS A 252 -34.18 -36.49 12.93
CA HIS A 252 -33.80 -37.03 14.27
C HIS A 252 -32.35 -37.51 14.19
N SER A 253 -31.58 -37.36 15.26
CA SER A 253 -30.15 -37.78 15.21
C SER A 253 -30.08 -39.27 14.86
N ASP A 254 -29.17 -39.64 13.95
CA ASP A 254 -29.06 -41.06 13.53
C ASP A 254 -27.94 -41.72 14.34
N ASP A 255 -28.29 -42.77 15.08
CA ASP A 255 -27.30 -43.51 15.91
C ASP A 255 -26.57 -42.51 16.82
N ALA A 256 -25.24 -42.57 16.85
CA ALA A 256 -24.43 -41.65 17.67
C ALA A 256 -23.50 -40.82 16.77
N LEU A 257 -22.84 -41.48 15.82
CA LEU A 257 -21.87 -40.81 14.91
C LEU A 257 -22.57 -39.73 14.06
N LYS A 258 -23.79 -40.02 13.60
CA LYS A 258 -24.54 -39.08 12.72
C LYS A 258 -25.39 -38.12 13.56
N GLU A 259 -25.30 -38.19 14.88
CA GLU A 259 -26.15 -37.29 15.72
C GLU A 259 -25.82 -35.81 15.42
N SER A 260 -24.53 -35.46 15.31
CA SER A 260 -24.15 -34.07 14.99
C SER A 260 -24.57 -33.71 13.56
N ALA A 261 -24.36 -34.62 12.62
CA ALA A 261 -24.70 -34.37 11.20
C ALA A 261 -26.21 -34.16 11.08
N ALA A 262 -27.01 -34.93 11.81
CA ALA A 262 -28.48 -34.76 11.77
C ALA A 262 -28.83 -33.37 12.28
N MET A 263 -28.16 -32.89 13.32
CA MET A 263 -28.41 -31.55 13.87
C MET A 263 -28.09 -30.48 12.82
N LEU A 264 -26.96 -30.60 12.11
CA LEU A 264 -26.59 -29.53 11.14
C LEU A 264 -27.70 -29.43 10.09
N ASN A 265 -28.18 -30.56 9.59
CA ASN A 265 -29.28 -30.49 8.59
C ASN A 265 -30.51 -29.87 9.25
N ASN A 266 -30.81 -30.19 10.50
CA ASN A 266 -31.97 -29.54 11.16
C ASN A 266 -31.71 -28.04 11.13
N MET A 267 -30.48 -27.63 11.43
CA MET A 267 -30.20 -26.21 11.49
C MET A 267 -30.21 -25.57 10.11
N ARG A 268 -29.66 -26.25 9.10
CA ARG A 268 -29.68 -25.68 7.75
C ARG A 268 -31.11 -25.47 7.27
N VAL A 269 -31.96 -26.50 7.38
CA VAL A 269 -33.33 -26.35 6.88
C VAL A 269 -34.12 -25.34 7.70
N TYR A 270 -34.00 -25.40 9.03
CA TYR A 270 -34.75 -24.47 9.86
C TYR A 270 -34.25 -23.05 9.67
N GLY A 271 -32.94 -22.88 9.51
CA GLY A 271 -32.39 -21.56 9.31
C GLY A 271 -32.79 -20.96 7.98
N THR A 272 -32.78 -21.75 6.91
CA THR A 272 -33.26 -21.22 5.63
C THR A 272 -34.72 -20.83 5.70
N ALA A 273 -35.57 -21.66 6.32
CA ALA A 273 -36.96 -21.28 6.48
C ALA A 273 -37.11 -20.00 7.31
N PHE A 274 -36.36 -19.92 8.41
CA PHE A 274 -36.41 -18.75 9.27
C PHE A 274 -35.88 -17.51 8.57
N LEU A 275 -34.87 -17.67 7.73
CA LEU A 275 -34.32 -16.55 6.98
C LEU A 275 -35.31 -16.04 5.95
N VAL A 276 -36.03 -16.94 5.30
CA VAL A 276 -37.08 -16.50 4.38
C VAL A 276 -38.18 -15.78 5.14
N LEU A 277 -38.46 -16.24 6.37
CA LEU A 277 -39.46 -15.55 7.18
C LEU A 277 -38.99 -14.16 7.57
N MET A 278 -37.74 -14.04 8.01
CA MET A 278 -37.21 -12.75 8.45
C MET A 278 -37.13 -11.78 7.28
N VAL A 279 -36.76 -12.28 6.10
CA VAL A 279 -36.73 -11.43 4.91
C VAL A 279 -38.13 -10.93 4.59
N LEU A 280 -39.14 -11.79 4.68
CA LEU A 280 -40.49 -11.31 4.46
C LEU A 280 -40.89 -10.26 5.49
N VAL A 281 -40.51 -10.47 6.75
CA VAL A 281 -40.84 -9.52 7.81
C VAL A 281 -40.22 -8.15 7.52
N VAL A 282 -38.91 -8.13 7.23
CA VAL A 282 -38.24 -6.86 6.97
C VAL A 282 -38.78 -6.21 5.71
N PHE A 283 -39.16 -7.01 4.72
CA PHE A 283 -39.69 -6.46 3.48
C PHE A 283 -41.05 -5.82 3.70
N ILE A 284 -41.86 -6.42 4.56
CA ILE A 284 -43.23 -5.96 4.81
C ILE A 284 -43.34 -5.64 6.30
N GLY A 285 -43.15 -4.36 6.66
CA GLY A 285 -43.38 -3.96 8.03
C GLY A 285 -42.17 -3.62 8.87
N VAL A 286 -41.14 -3.03 8.25
CA VAL A 286 -39.96 -2.60 8.99
C VAL A 286 -40.32 -1.60 10.08
N ARG A 287 -41.46 -0.91 9.95
CA ARG A 287 -41.90 0.01 10.99
C ARG A 287 -42.09 -0.74 12.31
N TYR A 288 -42.58 -1.98 12.22
CA TYR A 288 -42.75 -2.79 13.43
C TYR A 288 -41.41 -3.09 14.08
N VAL A 289 -40.38 -3.31 13.26
CA VAL A 289 -39.03 -3.50 13.79
C VAL A 289 -38.57 -2.25 14.52
N ASN A 290 -38.80 -1.09 13.92
CA ASN A 290 -38.50 0.16 14.62
C ASN A 290 -39.27 0.25 15.94
N LYS A 291 -40.53 -0.19 15.94
CA LYS A 291 -41.36 -0.10 17.13
C LYS A 291 -40.85 -1.00 18.24
N PHE A 292 -40.40 -2.20 17.89
CA PHE A 292 -40.02 -3.21 18.88
C PHE A 292 -38.53 -3.27 19.15
N ALA A 293 -37.73 -2.37 18.56
CA ALA A 293 -36.35 -2.23 18.99
C ALA A 293 -36.26 -2.00 20.49
N SER A 294 -37.20 -1.23 21.04
CA SER A 294 -37.20 -1.00 22.48
C SER A 294 -37.48 -2.28 23.26
N LEU A 295 -38.41 -3.11 22.77
CA LEU A 295 -38.67 -4.37 23.44
C LEU A 295 -37.47 -5.30 23.37
N PHE A 296 -36.75 -5.29 22.25
CA PHE A 296 -35.55 -6.11 22.14
C PHE A 296 -34.51 -5.66 23.15
N LEU A 297 -34.30 -4.34 23.27
CA LEU A 297 -33.35 -3.86 24.27
C LEU A 297 -33.81 -4.21 25.67
N ALA A 298 -35.12 -4.12 25.92
CA ALA A 298 -35.68 -4.52 27.21
C ALA A 298 -35.34 -5.97 27.52
N CYS A 299 -35.53 -6.85 26.55
CA CYS A 299 -35.20 -8.26 26.74
C CYS A 299 -33.73 -8.43 27.08
N VAL A 300 -32.85 -7.75 26.32
CA VAL A 300 -31.42 -7.84 26.58
C VAL A 300 -31.10 -7.42 28.02
N ILE A 301 -31.60 -6.25 28.42
CA ILE A 301 -31.23 -5.70 29.71
C ILE A 301 -31.83 -6.52 30.85
N VAL A 302 -33.05 -7.02 30.67
CA VAL A 302 -33.64 -7.88 31.69
C VAL A 302 -32.81 -9.15 31.83
N SER A 303 -32.34 -9.69 30.71
CA SER A 303 -31.52 -10.88 30.75
C SER A 303 -30.20 -10.62 31.50
N ILE A 304 -29.55 -9.51 31.20
CA ILE A 304 -28.27 -9.22 31.86
C ILE A 304 -28.48 -8.98 33.36
N LEU A 305 -29.54 -8.26 33.73
CA LEU A 305 -29.79 -8.08 35.16
C LEU A 305 -30.14 -9.39 35.83
N ALA A 306 -30.81 -10.31 35.13
CA ALA A 306 -31.06 -11.63 35.70
C ALA A 306 -29.76 -12.40 35.90
N ILE A 307 -28.83 -12.30 34.95
CA ILE A 307 -27.52 -12.93 35.11
C ILE A 307 -26.83 -12.40 36.35
N TYR A 308 -26.81 -11.08 36.52
CA TYR A 308 -26.14 -10.51 37.68
C TYR A 308 -26.84 -10.89 38.98
N ALA A 309 -28.17 -10.91 38.98
CA ALA A 309 -28.89 -11.28 40.19
C ALA A 309 -28.62 -12.73 40.56
N GLY A 310 -28.54 -13.61 39.56
CA GLY A 310 -28.15 -14.98 39.81
C GLY A 310 -26.74 -15.09 40.37
N ALA A 311 -25.81 -14.34 39.78
CA ALA A 311 -24.43 -14.36 40.26
C ALA A 311 -24.34 -13.93 41.71
N ILE A 312 -25.12 -12.91 42.08
CA ILE A 312 -25.11 -12.45 43.47
C ILE A 312 -25.73 -13.48 44.39
N LYS A 313 -26.92 -13.98 44.03
CA LYS A 313 -27.57 -15.01 44.83
C LYS A 313 -26.70 -16.24 44.98
N SER A 314 -25.82 -16.50 44.01
CA SER A 314 -24.95 -17.67 44.06
C SER A 314 -23.86 -17.57 45.11
N SER A 315 -23.84 -16.51 45.92
CA SER A 315 -22.84 -16.42 46.96
C SER A 315 -23.28 -17.23 48.18
N PHE A 316 -24.46 -16.91 48.73
CA PHE A 316 -24.98 -17.68 49.85
C PHE A 316 -25.74 -18.93 49.39
N ALA A 317 -26.75 -18.76 48.55
CA ALA A 317 -27.60 -19.87 48.10
C ALA A 317 -27.47 -20.10 46.60
N PRO A 318 -26.61 -21.01 46.17
CA PRO A 318 -26.54 -21.34 44.76
C PRO A 318 -27.61 -22.35 44.41
N PRO A 319 -28.00 -22.47 43.14
CA PRO A 319 -29.09 -23.36 42.77
C PRO A 319 -28.64 -24.81 42.73
N HIS A 320 -29.63 -25.70 42.71
CA HIS A 320 -29.39 -27.15 42.77
C HIS A 320 -29.38 -27.78 41.39
N PHE A 321 -28.39 -27.40 40.59
CA PHE A 321 -28.18 -28.06 39.31
C PHE A 321 -26.99 -29.01 39.41
N PRO A 322 -27.22 -30.28 39.71
CA PRO A 322 -26.12 -31.23 39.86
C PRO A 322 -25.74 -31.90 38.55
N VAL A 323 -24.53 -32.44 38.54
CA VAL A 323 -23.98 -33.13 37.38
C VAL A 323 -23.45 -34.50 37.81
N CYS A 324 -23.87 -35.55 37.12
CA CYS A 324 -23.31 -36.88 37.34
C CYS A 324 -21.90 -36.96 36.79
N MET A 325 -20.95 -37.41 37.61
CA MET A 325 -19.58 -37.55 37.14
C MET A 325 -18.98 -38.85 37.61
N LEU A 326 -18.43 -39.62 36.66
CA LEU A 326 -17.80 -40.91 36.93
C LEU A 326 -16.31 -40.68 37.13
N GLY A 327 -15.89 -40.64 38.39
CA GLY A 327 -14.48 -40.34 38.63
C GLY A 327 -14.23 -38.93 38.15
N ASN A 328 -13.21 -38.77 37.30
CA ASN A 328 -12.94 -37.46 36.72
C ASN A 328 -13.49 -37.37 35.29
N ARG A 329 -14.45 -38.23 34.96
CA ARG A 329 -15.14 -38.24 33.68
C ARG A 329 -16.54 -37.70 33.87
N THR A 330 -16.86 -36.59 33.21
CA THR A 330 -18.19 -36.01 33.33
C THR A 330 -19.20 -36.78 32.50
N LEU A 331 -20.38 -37.01 33.06
CA LEU A 331 -21.44 -37.69 32.33
C LEU A 331 -22.49 -36.72 31.84
N SER A 332 -23.17 -37.11 30.76
CA SER A 332 -24.31 -36.36 30.27
C SER A 332 -25.54 -36.74 31.09
N SER A 333 -26.43 -35.78 31.28
CA SER A 333 -27.65 -36.02 32.05
C SER A 333 -28.91 -35.92 31.22
N ARG A 334 -28.79 -36.04 29.89
CA ARG A 334 -29.97 -35.88 29.00
C ARG A 334 -30.98 -37.03 29.16
N HIS A 335 -30.52 -38.19 29.63
CA HIS A 335 -31.34 -39.38 29.78
C HIS A 335 -31.26 -40.00 31.16
N ILE A 336 -30.17 -39.78 31.89
CA ILE A 336 -30.01 -40.33 33.22
C ILE A 336 -30.88 -39.58 34.22
N ASP A 337 -31.28 -40.25 35.28
CA ASP A 337 -32.11 -39.67 36.32
C ASP A 337 -31.39 -39.52 37.65
N VAL A 338 -30.66 -40.53 38.09
CA VAL A 338 -29.95 -40.50 39.37
C VAL A 338 -28.46 -40.73 39.11
N CYS A 339 -27.63 -39.93 39.77
CA CYS A 339 -26.18 -40.07 39.66
C CYS A 339 -25.68 -41.15 40.63
N SER A 340 -26.20 -42.36 40.43
CA SER A 340 -25.89 -43.51 41.27
C SER A 340 -25.81 -44.72 40.36
N LYS A 341 -24.88 -45.63 40.68
CA LYS A 341 -24.68 -46.79 39.82
C LYS A 341 -25.91 -47.68 39.81
N THR A 342 -26.52 -47.89 40.97
CA THR A 342 -27.72 -48.70 41.09
C THR A 342 -28.86 -47.82 41.61
N LYS A 343 -29.97 -47.78 40.88
CA LYS A 343 -31.14 -47.03 41.30
C LYS A 343 -32.13 -47.99 41.95
N GLU A 344 -32.30 -47.88 43.26
CA GLU A 344 -33.21 -48.77 43.96
C GLU A 344 -34.64 -48.51 43.49
N ILE A 345 -35.34 -49.57 43.10
CA ILE A 345 -36.72 -49.46 42.63
C ILE A 345 -37.58 -50.45 43.42
N ASN A 346 -38.60 -49.94 44.09
CA ASN A 346 -39.56 -50.75 44.84
C ASN A 346 -38.86 -51.69 45.83
N ASN A 347 -37.90 -51.12 46.56
CA ASN A 347 -37.10 -51.83 47.55
C ASN A 347 -36.19 -52.88 46.93
N MET A 348 -35.89 -52.73 45.63
CA MET A 348 -35.00 -53.62 44.92
C MET A 348 -33.90 -52.80 44.27
N THR A 349 -32.65 -53.19 44.50
CA THR A 349 -31.51 -52.43 44.01
C THR A 349 -31.27 -52.81 42.54
N VAL A 350 -32.18 -52.33 41.70
CA VAL A 350 -32.12 -52.54 40.26
C VAL A 350 -31.02 -51.62 39.72
N PRO A 351 -30.29 -52.00 38.67
CA PRO A 351 -29.28 -51.07 38.13
C PRO A 351 -29.92 -49.86 37.48
N SER A 352 -29.31 -48.71 37.70
CA SER A 352 -29.77 -47.44 37.14
C SER A 352 -29.54 -47.40 35.64
N LYS A 353 -30.19 -46.45 34.97
CA LYS A 353 -30.09 -46.37 33.52
C LYS A 353 -28.65 -46.22 33.06
N LEU A 354 -27.86 -45.41 33.77
CA LEU A 354 -26.45 -45.28 33.41
C LEU A 354 -25.77 -46.65 33.32
N TRP A 355 -26.20 -47.59 34.16
CA TRP A 355 -25.72 -48.97 33.99
C TRP A 355 -26.07 -49.47 32.60
N GLY A 356 -27.28 -49.18 32.13
CA GLY A 356 -27.69 -49.56 30.79
C GLY A 356 -26.93 -48.83 29.71
N PHE A 357 -26.30 -47.71 30.05
CA PHE A 357 -25.51 -46.94 29.08
C PHE A 357 -24.03 -47.25 29.15
N PHE A 358 -23.59 -47.99 30.16
CA PHE A 358 -22.21 -48.43 30.28
C PHE A 358 -22.07 -49.94 30.30
N CYS A 359 -23.17 -50.66 30.45
CA CYS A 359 -23.19 -52.12 30.50
C CYS A 359 -24.41 -52.55 29.70
N ASN A 360 -24.24 -53.54 28.84
CA ASN A 360 -25.32 -53.90 27.92
C ASN A 360 -26.30 -54.91 28.50
N SER A 361 -26.03 -55.44 29.69
CA SER A 361 -26.92 -56.43 30.29
C SER A 361 -28.27 -55.81 30.62
N SER A 362 -28.26 -54.67 31.32
CA SER A 362 -29.41 -53.88 31.76
C SER A 362 -30.16 -54.54 32.91
N GLN A 363 -29.77 -55.76 33.32
CA GLN A 363 -30.40 -56.45 34.43
C GLN A 363 -29.41 -56.83 35.52
N PHE A 364 -28.13 -56.47 35.35
CA PHE A 364 -27.05 -56.81 36.29
C PHE A 364 -27.03 -58.30 36.62
N PHE A 365 -27.46 -59.13 35.68
CA PHE A 365 -27.38 -60.59 35.85
C PHE A 365 -26.04 -61.00 35.28
N ASN A 366 -25.02 -61.04 36.14
CA ASN A 366 -23.64 -61.32 35.70
C ASN A 366 -23.25 -60.34 34.60
N ALA A 367 -23.56 -59.07 34.84
CA ALA A 367 -23.37 -58.02 33.84
C ALA A 367 -21.90 -57.80 33.50
N THR A 368 -21.63 -57.67 32.21
CA THR A 368 -20.29 -57.35 31.72
C THR A 368 -20.19 -55.84 31.60
N CYS A 369 -19.68 -55.20 32.65
CA CYS A 369 -19.47 -53.77 32.67
C CYS A 369 -18.05 -53.47 32.24
N ASP A 370 -17.86 -52.35 31.54
CA ASP A 370 -16.52 -52.05 31.04
C ASP A 370 -15.57 -51.68 32.18
N GLU A 371 -14.32 -51.37 31.79
CA GLU A 371 -13.25 -51.18 32.77
C GLU A 371 -13.46 -49.95 33.64
N TYR A 372 -13.59 -48.78 33.00
CA TYR A 372 -13.65 -47.55 33.78
C TYR A 372 -14.89 -47.50 34.65
N PHE A 373 -16.00 -48.06 34.17
CA PHE A 373 -17.22 -48.06 34.97
C PHE A 373 -17.04 -48.88 36.24
N VAL A 374 -16.46 -50.08 36.12
CA VAL A 374 -16.32 -50.94 37.30
C VAL A 374 -15.30 -50.35 38.25
N HIS A 375 -14.25 -49.70 37.74
CA HIS A 375 -13.20 -49.26 38.65
C HIS A 375 -13.60 -47.99 39.41
N ASN A 376 -14.14 -47.00 38.71
CA ASN A 376 -14.31 -45.68 39.29
C ASN A 376 -15.69 -45.57 39.93
N ASN A 377 -16.08 -44.34 40.29
CA ASN A 377 -17.38 -44.15 40.96
C ASN A 377 -18.13 -42.93 40.45
N VAL A 378 -19.44 -43.08 40.28
CA VAL A 378 -20.31 -41.98 39.89
C VAL A 378 -20.61 -41.13 41.12
N THR A 379 -20.54 -39.81 40.95
CA THR A 379 -20.72 -38.87 42.04
C THR A 379 -21.61 -37.73 41.58
N SER A 380 -22.36 -37.14 42.51
CA SER A 380 -23.16 -35.97 42.21
C SER A 380 -22.37 -34.75 42.64
N ILE A 381 -21.89 -33.99 41.67
CA ILE A 381 -21.11 -32.79 41.90
C ILE A 381 -22.02 -31.58 41.73
N GLN A 382 -22.02 -30.69 42.72
CA GLN A 382 -22.83 -29.49 42.63
C GLN A 382 -22.36 -28.68 41.43
N GLY A 383 -23.28 -28.38 40.51
CA GLY A 383 -22.88 -27.74 39.27
C GLY A 383 -22.67 -26.24 39.40
N ILE A 384 -23.39 -25.60 40.31
CA ILE A 384 -23.19 -24.18 40.59
C ILE A 384 -22.74 -24.08 42.04
N PRO A 385 -21.45 -24.11 42.31
CA PRO A 385 -20.97 -23.87 43.66
C PRO A 385 -21.08 -22.39 44.00
N GLY A 386 -20.96 -22.09 45.29
CA GLY A 386 -21.11 -20.72 45.72
C GLY A 386 -20.06 -19.81 45.11
N LEU A 387 -20.42 -18.52 45.01
CA LEU A 387 -19.43 -17.53 44.59
C LEU A 387 -18.26 -17.47 45.54
N ALA A 388 -18.50 -17.73 46.82
CA ALA A 388 -17.46 -17.80 47.85
C ALA A 388 -16.79 -19.16 47.94
N SER A 389 -17.25 -20.15 47.17
CA SER A 389 -16.66 -21.48 47.24
C SER A 389 -15.19 -21.47 46.85
N GLY A 390 -14.80 -20.58 45.94
CA GLY A 390 -13.41 -20.47 45.56
C GLY A 390 -13.01 -21.36 44.42
N ILE A 391 -13.96 -21.73 43.56
CA ILE A 391 -13.64 -22.57 42.41
C ILE A 391 -12.88 -21.82 41.34
N ILE A 392 -12.85 -20.48 41.43
CA ILE A 392 -12.14 -19.70 40.43
C ILE A 392 -10.70 -20.15 40.35
N THR A 393 -10.09 -20.48 41.50
CA THR A 393 -8.71 -20.95 41.49
C THR A 393 -8.60 -22.23 40.68
N GLU A 394 -9.68 -23.02 40.63
CA GLU A 394 -9.64 -24.26 39.88
C GLU A 394 -9.73 -23.98 38.40
N ASN A 395 -10.65 -23.11 38.00
CA ASN A 395 -10.87 -22.87 36.58
C ASN A 395 -10.09 -21.66 36.06
N LEU A 396 -9.01 -21.29 36.72
CA LEU A 396 -8.18 -20.16 36.30
C LEU A 396 -7.19 -20.52 35.21
N TRP A 397 -7.38 -21.65 34.53
CA TRP A 397 -6.38 -22.12 33.58
C TRP A 397 -7.07 -22.72 32.36
N SER A 398 -6.38 -22.64 31.24
CA SER A 398 -6.92 -23.08 29.96
C SER A 398 -7.09 -24.59 29.95
N ASN A 399 -8.01 -25.06 29.10
CA ASN A 399 -8.20 -26.48 28.87
C ASN A 399 -7.81 -26.87 27.45
N TYR A 400 -8.42 -26.24 26.45
CA TYR A 400 -8.02 -26.41 25.05
C TYR A 400 -7.91 -27.87 24.63
N LEU A 401 -8.83 -28.70 25.13
CA LEU A 401 -8.81 -30.10 24.73
C LEU A 401 -9.24 -30.23 23.27
N PRO A 402 -8.56 -31.04 22.47
CA PRO A 402 -8.94 -31.17 21.06
C PRO A 402 -10.28 -31.85 20.86
N LYS A 403 -10.66 -32.04 19.60
CA LYS A 403 -11.99 -32.54 19.26
C LYS A 403 -12.17 -33.96 19.78
N GLY A 404 -13.37 -34.23 20.31
CA GLY A 404 -13.74 -35.56 20.73
C GLY A 404 -13.14 -36.02 22.04
N GLU A 405 -12.38 -35.17 22.71
CA GLU A 405 -11.79 -35.52 24.00
C GLU A 405 -12.87 -35.47 25.08
N ILE A 406 -12.82 -36.44 25.99
CA ILE A 406 -13.74 -36.44 27.12
C ILE A 406 -13.40 -35.30 28.06
N ILE A 407 -14.43 -34.62 28.54
CA ILE A 407 -14.27 -33.46 29.41
C ILE A 407 -14.01 -33.98 30.82
N GLU A 408 -12.87 -33.61 31.39
CA GLU A 408 -12.45 -34.14 32.68
C GLU A 408 -12.29 -33.03 33.70
N LYS A 409 -12.97 -33.19 34.84
CA LYS A 409 -12.84 -32.29 35.97
C LYS A 409 -11.57 -32.70 36.71
N PRO A 410 -10.54 -31.86 36.73
CA PRO A 410 -9.29 -32.27 37.38
C PRO A 410 -9.32 -32.13 38.89
N SER A 411 -10.41 -32.55 39.52
CA SER A 411 -10.53 -32.52 40.97
C SER A 411 -10.80 -33.88 41.57
N ALA A 412 -11.75 -34.64 41.01
CA ALA A 412 -12.16 -35.90 41.61
C ALA A 412 -11.12 -37.00 41.36
N LYS A 413 -11.24 -38.06 42.16
CA LYS A 413 -10.37 -39.23 42.06
C LYS A 413 -10.66 -39.98 40.77
N SER A 414 -9.73 -40.87 40.39
CA SER A 414 -9.88 -41.63 39.17
C SER A 414 -8.92 -42.81 39.17
N SER A 415 -9.36 -43.88 38.50
CA SER A 415 -8.49 -45.02 38.22
C SER A 415 -7.64 -44.67 37.01
N ASP A 416 -6.90 -45.63 36.45
CA ASP A 416 -6.06 -45.32 35.30
C ASP A 416 -6.38 -46.14 34.06
N VAL A 417 -7.25 -47.15 34.14
CA VAL A 417 -7.58 -47.95 32.97
C VAL A 417 -8.32 -47.07 31.95
N LEU A 418 -8.13 -47.39 30.67
CA LEU A 418 -8.77 -46.64 29.60
C LEU A 418 -9.32 -47.63 28.58
N GLY A 419 -9.97 -47.09 27.54
CA GLY A 419 -10.50 -47.89 26.45
C GLY A 419 -12.02 -47.91 26.39
N SER A 420 -12.70 -47.71 27.52
CA SER A 420 -14.16 -47.77 27.57
C SER A 420 -14.76 -46.47 27.06
N LEU A 421 -14.74 -46.31 25.74
CA LEU A 421 -15.38 -45.17 25.10
C LEU A 421 -16.89 -45.34 25.11
N ASN A 422 -17.60 -44.29 25.53
CA ASN A 422 -19.04 -44.38 25.67
C ASN A 422 -19.70 -43.11 25.12
N HIS A 423 -20.98 -43.25 24.79
CA HIS A 423 -21.76 -42.14 24.28
C HIS A 423 -22.05 -41.09 25.34
N GLU A 424 -22.30 -41.50 26.58
CA GLU A 424 -22.68 -40.53 27.60
C GLU A 424 -21.56 -39.57 27.99
N TYR A 425 -20.29 -39.89 27.69
CA TYR A 425 -19.23 -38.96 28.04
C TYR A 425 -19.36 -37.67 27.24
N VAL A 426 -19.59 -36.56 27.95
CA VAL A 426 -19.64 -35.26 27.30
C VAL A 426 -18.29 -35.00 26.64
N LEU A 427 -18.32 -34.59 25.38
CA LEU A 427 -17.10 -34.44 24.60
C LEU A 427 -16.90 -32.98 24.19
N VAL A 428 -15.63 -32.61 24.06
CA VAL A 428 -15.28 -31.33 23.46
C VAL A 428 -15.75 -31.35 22.01
N ASP A 429 -16.61 -30.39 21.66
CA ASP A 429 -17.27 -30.42 20.36
C ASP A 429 -16.49 -29.72 19.27
N ILE A 430 -15.38 -29.06 19.61
CA ILE A 430 -14.55 -28.40 18.62
C ILE A 430 -13.14 -28.29 19.18
N THR A 431 -12.14 -28.44 18.31
CA THR A 431 -10.75 -28.39 18.76
C THR A 431 -10.43 -26.92 19.01
N THR A 432 -10.54 -26.51 20.27
CA THR A 432 -10.41 -25.11 20.60
C THR A 432 -8.95 -24.68 20.64
N SER A 433 -8.76 -23.37 20.70
CA SER A 433 -7.47 -22.72 20.80
C SER A 433 -7.74 -21.25 21.09
N PHE A 434 -6.68 -20.53 21.46
CA PHE A 434 -6.83 -19.11 21.73
C PHE A 434 -7.32 -18.37 20.48
N THR A 435 -6.61 -18.55 19.37
CA THR A 435 -6.96 -17.90 18.12
C THR A 435 -8.37 -18.25 17.65
N LEU A 436 -8.92 -19.39 18.07
CA LEU A 436 -10.30 -19.69 17.73
C LEU A 436 -11.26 -18.97 18.67
N LEU A 437 -10.89 -18.88 19.94
CA LEU A 437 -11.77 -18.24 20.92
C LEU A 437 -11.90 -16.76 20.65
N VAL A 438 -10.81 -16.09 20.25
CA VAL A 438 -10.90 -14.66 19.98
C VAL A 438 -11.86 -14.41 18.82
N GLY A 439 -11.82 -15.27 17.80
CA GLY A 439 -12.75 -15.11 16.69
C GLY A 439 -14.18 -15.41 17.07
N ILE A 440 -14.38 -16.44 17.90
CA ILE A 440 -15.73 -16.77 18.32
C ILE A 440 -16.32 -15.67 19.20
N PHE A 441 -15.48 -14.93 19.93
CA PHE A 441 -16.00 -13.92 20.84
C PHE A 441 -16.09 -12.53 20.23
N PHE A 442 -15.28 -12.21 19.22
CA PHE A 442 -15.28 -10.86 18.68
C PHE A 442 -16.63 -10.33 18.20
N PRO A 443 -17.52 -11.12 17.61
CA PRO A 443 -18.79 -10.54 17.15
C PRO A 443 -19.72 -10.13 18.28
N SER A 444 -19.21 -10.14 19.51
CA SER A 444 -19.97 -9.61 20.64
C SER A 444 -19.60 -8.18 20.98
N VAL A 445 -18.49 -7.66 20.43
CA VAL A 445 -18.14 -6.26 20.60
C VAL A 445 -18.44 -5.43 19.36
N THR A 446 -18.76 -6.06 18.23
CA THR A 446 -19.10 -5.33 17.03
C THR A 446 -20.45 -4.63 17.18
N GLY A 447 -20.58 -3.50 16.51
CA GLY A 447 -21.85 -2.80 16.48
C GLY A 447 -21.67 -1.35 16.84
N ILE A 448 -20.41 -0.91 16.96
CA ILE A 448 -20.15 0.46 17.39
C ILE A 448 -20.49 1.45 16.29
N MET A 449 -20.42 1.03 15.03
CA MET A 449 -20.89 1.92 13.97
C MET A 449 -22.39 2.16 14.05
N ALA A 450 -23.11 1.37 14.84
CA ALA A 450 -24.53 1.61 15.05
C ALA A 450 -24.75 2.78 15.99
N GLY A 451 -23.74 3.14 16.78
CA GLY A 451 -23.83 4.34 17.59
C GLY A 451 -24.21 5.56 16.79
N SER A 452 -23.67 5.68 15.58
CA SER A 452 -23.94 6.80 14.70
C SER A 452 -24.88 6.40 13.56
N ASN A 453 -25.68 5.36 13.76
CA ASN A 453 -26.67 4.96 12.79
C ASN A 453 -27.94 5.79 12.90
N ARG A 454 -28.03 6.63 13.92
CA ARG A 454 -29.16 7.50 14.15
C ARG A 454 -28.67 8.94 14.30
N SER A 455 -27.80 9.36 13.38
CA SER A 455 -27.16 10.66 13.46
C SER A 455 -27.99 11.78 12.85
N GLY A 456 -28.93 11.47 11.95
CA GLY A 456 -29.79 12.50 11.43
C GLY A 456 -30.71 13.07 12.48
N ASP A 457 -31.19 12.23 13.39
CA ASP A 457 -32.09 12.66 14.46
C ASP A 457 -31.31 12.89 15.76
N LEU A 458 -30.40 13.85 15.73
CA LEU A 458 -29.58 14.21 16.88
C LEU A 458 -29.60 15.73 17.06
N LYS A 459 -29.19 16.17 18.25
CA LYS A 459 -29.14 17.58 18.57
C LYS A 459 -27.73 18.14 18.42
N ASP A 460 -26.75 17.52 19.09
CA ASP A 460 -25.35 17.95 19.03
C ASP A 460 -24.55 16.72 18.63
N ALA A 461 -24.40 16.52 17.31
CA ALA A 461 -23.82 15.29 16.81
C ALA A 461 -22.39 15.11 17.31
N GLN A 462 -21.54 16.12 17.09
CA GLN A 462 -20.15 15.98 17.47
C GLN A 462 -19.97 15.80 18.98
N LYS A 463 -21.02 16.06 19.76
CA LYS A 463 -20.98 15.88 21.21
C LYS A 463 -21.68 14.61 21.67
N SER A 464 -22.76 14.22 21.00
CA SER A 464 -23.48 13.02 21.40
C SER A 464 -22.80 11.75 20.90
N ILE A 465 -22.28 11.77 19.69
CA ILE A 465 -21.76 10.54 19.08
C ILE A 465 -20.50 10.08 19.81
N PRO A 466 -19.48 10.92 20.03
CA PRO A 466 -18.29 10.42 20.72
C PRO A 466 -18.56 9.94 22.13
N ILE A 467 -19.23 10.77 22.94
CA ILE A 467 -19.54 10.40 24.32
C ILE A 467 -20.46 9.19 24.35
N GLY A 468 -21.50 9.20 23.54
CA GLY A 468 -22.42 8.08 23.52
C GLY A 468 -21.73 6.77 23.17
N THR A 469 -20.93 6.78 22.10
CA THR A 469 -20.24 5.57 21.67
C THR A 469 -19.27 5.08 22.74
N ILE A 470 -18.46 5.99 23.29
CA ILE A 470 -17.46 5.54 24.26
C ILE A 470 -18.12 5.04 25.54
N LEU A 471 -19.22 5.68 25.96
CA LEU A 471 -19.93 5.20 27.14
C LEU A 471 -20.58 3.85 26.88
N ALA A 472 -21.13 3.65 25.69
CA ALA A 472 -21.71 2.35 25.37
C ALA A 472 -20.64 1.26 25.38
N ILE A 473 -19.48 1.54 24.79
CA ILE A 473 -18.44 0.54 24.78
C ILE A 473 -17.91 0.29 26.18
N LEU A 474 -17.82 1.33 27.02
CA LEU A 474 -17.41 1.10 28.39
C LEU A 474 -18.41 0.24 29.13
N THR A 475 -19.71 0.49 28.91
CA THR A 475 -20.73 -0.34 29.56
C THR A 475 -20.62 -1.79 29.14
N THR A 476 -20.56 -2.06 27.83
CA THR A 476 -20.51 -3.44 27.38
C THR A 476 -19.19 -4.11 27.77
N SER A 477 -18.08 -3.38 27.72
CA SER A 477 -16.81 -3.94 28.16
C SER A 477 -16.84 -4.30 29.63
N PHE A 478 -17.46 -3.45 30.45
CA PHE A 478 -17.58 -3.78 31.87
C PHE A 478 -18.47 -4.98 32.06
N VAL A 479 -19.58 -5.07 31.32
CA VAL A 479 -20.46 -6.23 31.46
C VAL A 479 -19.73 -7.51 31.08
N TYR A 480 -18.98 -7.49 29.97
CA TYR A 480 -18.29 -8.71 29.54
C TYR A 480 -17.16 -9.07 30.49
N LEU A 481 -16.33 -8.09 30.89
CA LEU A 481 -15.22 -8.40 31.77
C LEU A 481 -15.68 -8.77 33.17
N SER A 482 -16.85 -8.30 33.58
CA SER A 482 -17.41 -8.72 34.86
C SER A 482 -18.01 -10.12 34.78
N ASN A 483 -18.73 -10.40 33.69
CA ASN A 483 -19.35 -11.71 33.56
C ASN A 483 -18.32 -12.80 33.35
N VAL A 484 -17.18 -12.48 32.73
CA VAL A 484 -16.11 -13.48 32.62
C VAL A 484 -15.70 -13.96 34.01
N VAL A 485 -15.43 -13.02 34.91
CA VAL A 485 -14.98 -13.39 36.25
C VAL A 485 -16.12 -14.02 37.05
N LEU A 486 -17.35 -13.56 36.85
CA LEU A 486 -18.46 -14.15 37.60
C LEU A 486 -18.70 -15.59 37.17
N PHE A 487 -18.65 -15.87 35.87
CA PHE A 487 -18.77 -17.25 35.42
C PHE A 487 -17.60 -18.09 35.90
N GLY A 488 -16.39 -17.54 35.85
CA GLY A 488 -15.25 -18.23 36.42
C GLY A 488 -15.44 -18.61 37.88
N ALA A 489 -16.11 -17.76 38.64
CA ALA A 489 -16.17 -17.92 40.09
C ALA A 489 -17.51 -18.43 40.57
N CYS A 490 -18.42 -18.79 39.67
CA CYS A 490 -19.74 -19.27 40.05
C CYS A 490 -20.14 -20.58 39.40
N ILE A 491 -19.58 -20.93 38.25
CA ILE A 491 -19.94 -22.14 37.52
C ILE A 491 -18.83 -23.17 37.67
N GLU A 492 -19.23 -24.43 37.82
CA GLU A 492 -18.29 -25.54 37.91
C GLU A 492 -17.37 -25.55 36.69
N GLY A 493 -16.14 -25.99 36.90
CA GLY A 493 -15.19 -26.03 35.79
C GLY A 493 -15.52 -27.04 34.72
N VAL A 494 -16.63 -27.76 34.85
CA VAL A 494 -17.06 -28.74 33.87
C VAL A 494 -18.30 -28.26 33.13
N VAL A 495 -19.23 -27.59 33.83
CA VAL A 495 -20.41 -27.05 33.16
C VAL A 495 -20.04 -25.94 32.20
N LEU A 496 -18.88 -25.33 32.38
CA LEU A 496 -18.45 -24.27 31.47
C LEU A 496 -18.04 -24.84 30.12
N ARG A 497 -17.23 -25.89 30.11
CA ARG A 497 -16.81 -26.44 28.83
C ARG A 497 -17.93 -27.13 28.06
N ASP A 498 -19.15 -27.16 28.59
CA ASP A 498 -20.29 -27.75 27.91
C ASP A 498 -20.90 -26.72 26.97
N LYS A 499 -20.75 -26.93 25.66
CA LYS A 499 -21.11 -25.92 24.68
C LYS A 499 -22.57 -26.01 24.25
N PHE A 500 -23.32 -26.99 24.75
CA PHE A 500 -24.72 -27.13 24.39
C PHE A 500 -25.59 -27.41 25.61
N GLY A 501 -25.18 -26.89 26.77
CA GLY A 501 -25.96 -27.01 27.98
C GLY A 501 -26.24 -28.44 28.40
N ASP A 502 -25.34 -29.36 28.07
CA ASP A 502 -25.44 -30.76 28.48
C ASP A 502 -24.90 -30.90 29.90
N ALA A 503 -25.18 -32.06 30.51
CA ALA A 503 -24.76 -32.40 31.86
C ALA A 503 -25.45 -31.58 32.93
N VAL A 504 -26.31 -30.63 32.57
CA VAL A 504 -27.03 -29.86 33.57
C VAL A 504 -28.52 -30.10 33.36
N LYS A 505 -28.85 -31.27 32.83
CA LYS A 505 -30.21 -31.71 32.54
C LYS A 505 -30.77 -30.99 31.32
N GLY A 506 -29.90 -30.44 30.48
CA GLY A 506 -30.30 -29.73 29.28
C GLY A 506 -30.86 -28.33 29.51
N ASN A 507 -30.15 -27.52 30.28
CA ASN A 507 -30.51 -26.14 30.52
C ASN A 507 -29.38 -25.23 30.06
N LEU A 508 -29.73 -24.00 29.71
CA LEU A 508 -28.73 -23.05 29.24
C LEU A 508 -27.71 -22.81 30.35
N VAL A 509 -26.44 -22.90 29.99
CA VAL A 509 -25.38 -22.80 30.99
C VAL A 509 -25.48 -21.49 31.76
N VAL A 510 -25.51 -20.36 31.03
CA VAL A 510 -25.70 -19.08 31.68
C VAL A 510 -27.08 -18.99 32.30
N GLY A 511 -28.06 -19.73 31.77
CA GLY A 511 -29.38 -19.73 32.35
C GLY A 511 -29.40 -20.20 33.80
N THR A 512 -28.55 -21.15 34.14
CA THR A 512 -28.47 -21.62 35.51
C THR A 512 -28.11 -20.50 36.49
N LEU A 513 -27.46 -19.44 36.03
CA LEU A 513 -27.19 -18.27 36.85
C LEU A 513 -28.26 -17.24 36.52
N SER A 514 -29.31 -17.21 37.33
CA SER A 514 -30.37 -16.24 37.16
C SER A 514 -31.23 -16.30 38.41
N TRP A 515 -31.85 -15.17 38.74
CA TRP A 515 -32.68 -15.17 39.94
C TRP A 515 -33.97 -15.96 39.73
N PRO A 516 -34.84 -15.62 38.77
CA PRO A 516 -36.11 -16.35 38.67
C PRO A 516 -35.95 -17.79 38.19
N SER A 517 -35.31 -17.98 37.02
CA SER A 517 -35.15 -19.30 36.41
C SER A 517 -34.33 -19.18 35.12
N PRO A 518 -33.67 -20.26 34.67
CA PRO A 518 -33.00 -20.20 33.36
C PRO A 518 -33.94 -19.94 32.19
N TRP A 519 -35.25 -20.07 32.39
CA TRP A 519 -36.19 -19.85 31.29
C TRP A 519 -36.18 -18.40 30.83
N VAL A 520 -36.05 -17.47 31.79
CA VAL A 520 -36.03 -16.05 31.43
C VAL A 520 -34.88 -15.76 30.48
N ILE A 521 -33.71 -16.34 30.72
CA ILE A 521 -32.58 -16.13 29.83
C ILE A 521 -32.77 -16.88 28.53
N VAL A 522 -33.27 -18.11 28.58
CA VAL A 522 -33.39 -18.87 27.34
C VAL A 522 -34.39 -18.22 26.39
N ILE A 523 -35.37 -17.48 26.91
CA ILE A 523 -36.29 -16.77 26.03
C ILE A 523 -35.76 -15.39 25.67
N GLY A 524 -35.14 -14.68 26.61
CA GLY A 524 -34.58 -13.38 26.31
C GLY A 524 -33.49 -13.44 25.25
N SER A 525 -32.65 -14.46 25.31
CA SER A 525 -31.62 -14.62 24.29
C SER A 525 -32.22 -14.89 22.93
N PHE A 526 -33.29 -15.69 22.88
CA PHE A 526 -33.94 -15.98 21.61
C PHE A 526 -34.55 -14.72 21.01
N PHE A 527 -35.27 -13.96 21.84
CA PHE A 527 -35.88 -12.73 21.32
C PHE A 527 -34.82 -11.70 20.93
N SER A 528 -33.78 -11.55 21.74
CA SER A 528 -32.70 -10.64 21.37
C SER A 528 -32.01 -11.05 20.09
N THR A 529 -31.81 -12.35 19.88
CA THR A 529 -31.07 -12.77 18.71
C THR A 529 -31.92 -12.68 17.45
N CYS A 530 -33.21 -13.00 17.53
CA CYS A 530 -34.05 -12.78 16.36
C CYS A 530 -34.22 -11.29 16.08
N GLY A 531 -34.27 -10.47 17.12
CA GLY A 531 -34.34 -9.04 16.92
C GLY A 531 -33.09 -8.49 16.27
N ALA A 532 -31.92 -8.99 16.68
CA ALA A 532 -30.67 -8.58 16.03
C ALA A 532 -30.58 -9.09 14.61
N GLY A 533 -31.12 -10.28 14.33
CA GLY A 533 -31.20 -10.72 12.94
C GLY A 533 -32.05 -9.80 12.09
N LEU A 534 -33.22 -9.42 12.59
CA LEU A 534 -34.06 -8.45 11.89
C LEU A 534 -33.33 -7.12 11.71
N GLN A 535 -32.68 -6.65 12.77
CA GLN A 535 -31.93 -5.40 12.71
C GLN A 535 -30.87 -5.45 11.63
N SER A 536 -30.14 -6.57 11.52
CA SER A 536 -29.07 -6.62 10.53
C SER A 536 -29.59 -6.92 9.13
N LEU A 537 -30.81 -7.43 9.01
CA LEU A 537 -31.42 -7.58 7.69
C LEU A 537 -32.14 -6.32 7.26
N THR A 538 -32.26 -5.34 8.16
CA THR A 538 -32.65 -4.00 7.76
C THR A 538 -31.46 -3.10 7.54
N GLY A 539 -30.38 -3.31 8.31
CA GLY A 539 -29.21 -2.48 8.19
C GLY A 539 -28.31 -2.82 7.03
N ALA A 540 -28.31 -4.07 6.58
CA ALA A 540 -27.43 -4.42 5.47
C ALA A 540 -27.95 -3.91 4.13
N PRO A 541 -29.23 -4.10 3.79
CA PRO A 541 -29.70 -3.60 2.49
C PRO A 541 -29.79 -2.09 2.40
N ARG A 542 -30.10 -1.39 3.51
CA ARG A 542 -30.06 0.06 3.46
C ARG A 542 -28.66 0.57 3.11
N LEU A 543 -27.63 0.00 3.76
CA LEU A 543 -26.27 0.37 3.42
C LEU A 543 -25.93 -0.01 1.98
N LEU A 544 -26.46 -1.12 1.50
CA LEU A 544 -26.13 -1.51 0.12
C LEU A 544 -26.77 -0.55 -0.88
N GLN A 545 -28.01 -0.14 -0.65
CA GLN A 545 -28.61 0.83 -1.56
C GLN A 545 -27.97 2.20 -1.41
N ALA A 546 -27.41 2.54 -0.24
CA ALA A 546 -26.71 3.82 -0.13
C ALA A 546 -25.41 3.79 -0.93
N ILE A 547 -24.71 2.67 -0.91
CA ILE A 547 -23.50 2.56 -1.71
C ILE A 547 -23.85 2.50 -3.18
N ALA A 548 -25.05 2.03 -3.51
CA ALA A 548 -25.42 1.97 -4.92
C ALA A 548 -25.83 3.36 -5.39
N LYS A 549 -26.67 4.05 -4.61
CA LYS A 549 -27.15 5.36 -4.98
C LYS A 549 -26.03 6.38 -5.05
N ASP A 550 -24.92 6.15 -4.33
CA ASP A 550 -23.84 7.13 -4.45
C ASP A 550 -23.12 7.04 -5.79
N ASN A 551 -23.41 6.02 -6.60
CA ASN A 551 -22.73 5.80 -7.87
C ASN A 551 -21.22 5.75 -7.68
N ILE A 552 -20.79 5.36 -6.48
CA ILE A 552 -19.38 5.15 -6.23
C ILE A 552 -18.87 3.98 -7.05
N ILE A 553 -19.55 2.86 -6.99
CA ILE A 553 -19.25 1.67 -7.77
C ILE A 553 -20.33 1.51 -8.82
N PRO A 554 -19.99 1.43 -10.11
CA PRO A 554 -21.03 1.37 -11.13
C PRO A 554 -21.91 0.13 -11.07
N PHE A 555 -21.31 -1.07 -11.10
CA PHE A 555 -22.13 -2.26 -11.31
C PHE A 555 -23.14 -2.49 -10.19
N LEU A 556 -22.93 -1.92 -9.01
CA LEU A 556 -23.94 -2.04 -7.97
C LEU A 556 -25.15 -1.16 -8.20
N ARG A 557 -25.19 -0.42 -9.31
CA ARG A 557 -26.30 0.50 -9.56
C ARG A 557 -27.65 -0.21 -9.51
N VAL A 558 -27.69 -1.50 -9.90
CA VAL A 558 -28.93 -2.26 -9.88
C VAL A 558 -29.56 -2.25 -8.49
N PHE A 559 -28.72 -2.27 -7.45
CA PHE A 559 -29.24 -2.33 -6.09
C PHE A 559 -29.66 -0.98 -5.56
N GLY A 560 -29.48 0.08 -6.34
CA GLY A 560 -29.99 1.38 -5.95
C GLY A 560 -31.49 1.50 -6.01
N HIS A 561 -32.16 0.55 -6.65
CA HIS A 561 -33.61 0.63 -6.79
C HIS A 561 -34.25 0.56 -5.41
N SER A 562 -35.21 1.43 -5.17
CA SER A 562 -35.88 1.50 -3.88
C SER A 562 -37.39 1.34 -4.04
N LYS A 563 -38.04 1.09 -2.91
CA LYS A 563 -39.48 0.96 -2.84
C LYS A 563 -40.13 2.35 -2.83
N ALA A 564 -41.45 2.38 -2.71
CA ALA A 564 -42.15 3.67 -2.71
C ALA A 564 -41.66 4.56 -1.59
N ASN A 565 -41.39 3.97 -0.43
CA ASN A 565 -40.94 4.70 0.74
C ASN A 565 -39.43 4.84 0.79
N GLY A 566 -38.72 4.26 -0.18
CA GLY A 566 -37.28 4.32 -0.20
C GLY A 566 -36.59 3.14 0.46
N GLU A 567 -37.26 1.98 0.50
CA GLU A 567 -36.77 0.70 0.99
C GLU A 567 -36.09 -0.08 -0.14
N PRO A 568 -35.00 -0.78 0.15
CA PRO A 568 -34.24 -1.44 -0.91
C PRO A 568 -34.85 -2.77 -1.32
N THR A 569 -35.44 -2.79 -2.52
CA THR A 569 -36.09 -3.99 -3.03
C THR A 569 -35.07 -5.01 -3.53
N TRP A 570 -34.01 -4.56 -4.21
CA TRP A 570 -33.10 -5.48 -4.87
C TRP A 570 -31.78 -5.64 -4.13
N ALA A 571 -31.51 -4.82 -3.13
CA ALA A 571 -30.37 -5.00 -2.25
C ALA A 571 -30.65 -6.09 -1.24
N LEU A 572 -31.87 -6.10 -0.72
CA LEU A 572 -32.28 -7.09 0.27
C LEU A 572 -32.16 -8.51 -0.29
N LEU A 573 -32.52 -8.71 -1.56
CA LEU A 573 -32.40 -10.05 -2.12
C LEU A 573 -30.96 -10.53 -2.14
N LEU A 574 -30.01 -9.63 -2.41
CA LEU A 574 -28.62 -10.04 -2.38
C LEU A 574 -28.18 -10.30 -0.95
N THR A 575 -28.70 -9.51 -0.01
CA THR A 575 -28.37 -9.72 1.39
C THR A 575 -28.87 -11.08 1.85
N ALA A 576 -30.08 -11.44 1.43
CA ALA A 576 -30.64 -12.74 1.75
C ALA A 576 -29.82 -13.86 1.14
N ALA A 577 -29.34 -13.67 -0.10
CA ALA A 577 -28.52 -14.69 -0.73
C ALA A 577 -27.23 -14.91 0.05
N ILE A 578 -26.58 -13.83 0.47
CA ILE A 578 -25.33 -13.98 1.21
C ILE A 578 -25.60 -14.58 2.59
N ALA A 579 -26.70 -14.19 3.23
CA ALA A 579 -27.05 -14.81 4.50
C ALA A 579 -27.32 -16.30 4.33
N GLU A 580 -27.91 -16.70 3.19
CA GLU A 580 -28.16 -18.10 2.92
C GLU A 580 -26.84 -18.85 2.82
N LEU A 581 -25.90 -18.30 2.05
CA LEU A 581 -24.59 -18.91 1.93
C LEU A 581 -23.93 -19.04 3.29
N GLY A 582 -24.11 -18.06 4.17
CA GLY A 582 -23.60 -18.17 5.52
C GLY A 582 -24.28 -19.27 6.32
N ILE A 583 -25.61 -19.31 6.28
CA ILE A 583 -26.38 -20.29 7.05
C ILE A 583 -26.05 -21.71 6.64
N LEU A 584 -25.69 -21.93 5.37
CA LEU A 584 -25.30 -23.26 4.97
C LEU A 584 -24.16 -23.82 5.81
N ILE A 585 -23.31 -22.94 6.37
CA ILE A 585 -22.37 -23.35 7.42
C ILE A 585 -23.10 -23.19 8.74
N ALA A 586 -23.89 -24.20 9.09
CA ALA A 586 -24.81 -24.10 10.23
C ALA A 586 -24.06 -24.34 11.55
N SER A 587 -23.20 -23.37 11.89
CA SER A 587 -22.49 -23.43 13.16
C SER A 587 -21.98 -22.04 13.49
N LEU A 588 -22.41 -21.49 14.63
CA LEU A 588 -21.90 -20.21 15.08
C LEU A 588 -20.38 -20.20 15.15
N ASP A 589 -19.79 -21.31 15.57
CA ASP A 589 -18.35 -21.36 15.77
C ASP A 589 -17.57 -21.22 14.48
N LEU A 590 -18.22 -21.40 13.32
CA LEU A 590 -17.56 -21.25 12.03
C LEU A 590 -17.99 -20.01 11.27
N VAL A 591 -19.16 -19.46 11.58
CA VAL A 591 -19.57 -18.21 10.98
C VAL A 591 -18.91 -17.03 11.70
N ALA A 592 -18.69 -17.16 13.00
CA ALA A 592 -18.10 -16.08 13.77
C ALA A 592 -16.74 -15.61 13.25
N PRO A 593 -15.81 -16.47 12.83
CA PRO A 593 -14.55 -15.93 12.31
C PRO A 593 -14.72 -15.09 11.05
N ILE A 594 -15.65 -15.44 10.16
CA ILE A 594 -15.84 -14.67 8.94
C ILE A 594 -16.45 -13.31 9.25
N LEU A 595 -17.53 -13.30 10.01
CA LEU A 595 -18.14 -12.07 10.49
C LEU A 595 -17.10 -11.20 11.17
N SER A 596 -16.33 -11.78 12.09
CA SER A 596 -15.34 -11.01 12.81
C SER A 596 -14.29 -10.46 11.88
N MET A 597 -13.93 -11.22 10.84
CA MET A 597 -12.94 -10.73 9.89
C MET A 597 -13.45 -9.54 9.09
N PHE A 598 -14.73 -9.59 8.69
CA PHE A 598 -15.28 -8.46 7.94
C PHE A 598 -15.37 -7.21 8.80
N PHE A 599 -15.89 -7.37 10.02
CA PHE A 599 -15.95 -6.21 10.91
C PHE A 599 -14.57 -5.73 11.30
N LEU A 600 -13.61 -6.63 11.41
CA LEU A 600 -12.25 -6.24 11.73
C LEU A 600 -11.64 -5.44 10.59
N MET A 601 -11.94 -5.82 9.35
CA MET A 601 -11.45 -5.05 8.22
C MET A 601 -12.07 -3.66 8.20
N CYS A 602 -13.38 -3.58 8.49
CA CYS A 602 -14.02 -2.26 8.59
C CYS A 602 -13.34 -1.39 9.64
N TYR A 603 -13.11 -1.94 10.83
CA TYR A 603 -12.48 -1.18 11.89
C TYR A 603 -11.04 -0.82 11.56
N LEU A 604 -10.33 -1.71 10.87
CA LEU A 604 -8.96 -1.43 10.49
C LEU A 604 -8.89 -0.26 9.52
N PHE A 605 -9.81 -0.23 8.55
CA PHE A 605 -9.81 0.92 7.65
C PHE A 605 -10.22 2.20 8.37
N VAL A 606 -11.18 2.12 9.29
CA VAL A 606 -11.56 3.33 10.01
C VAL A 606 -10.42 3.86 10.87
N ASN A 607 -9.56 2.97 11.39
CA ASN A 607 -8.42 3.46 12.17
C ASN A 607 -7.28 3.93 11.27
N LEU A 608 -7.10 3.29 10.12
CA LEU A 608 -5.97 3.63 9.27
C LEU A 608 -6.22 4.92 8.52
N ALA A 609 -7.47 5.17 8.11
CA ALA A 609 -7.74 6.41 7.40
C ALA A 609 -7.53 7.60 8.31
N CYS A 610 -7.90 7.48 9.58
CA CYS A 610 -7.69 8.57 10.52
C CYS A 610 -6.21 8.79 10.78
N ALA A 611 -5.45 7.71 11.00
CA ALA A 611 -4.02 7.88 11.21
C ALA A 611 -3.36 8.55 10.01
N LEU A 612 -3.69 8.10 8.79
CA LEU A 612 -3.11 8.69 7.59
C LEU A 612 -3.49 10.15 7.46
N GLN A 613 -4.78 10.46 7.53
CA GLN A 613 -5.21 11.84 7.34
C GLN A 613 -4.70 12.77 8.43
N THR A 614 -4.34 12.24 9.59
CA THR A 614 -3.74 13.11 10.59
C THR A 614 -2.25 13.32 10.32
N LEU A 615 -1.52 12.26 9.96
CA LEU A 615 -0.11 12.41 9.66
C LEU A 615 0.12 13.31 8.45
N LEU A 616 -0.47 12.94 7.31
CA LEU A 616 -0.22 13.60 6.04
C LEU A 616 -0.83 15.01 5.94
N ARG A 617 -1.47 15.51 6.99
CA ARG A 617 -2.10 16.84 6.96
C ARG A 617 -3.11 16.92 5.81
N THR A 618 -4.03 15.97 5.78
CA THR A 618 -5.04 15.97 4.74
C THR A 618 -5.94 17.20 4.89
N PRO A 619 -6.29 17.86 3.79
CA PRO A 619 -7.18 19.03 3.88
C PRO A 619 -8.51 18.67 4.50
N ASN A 620 -9.09 19.63 5.22
CA ASN A 620 -10.38 19.48 5.88
C ASN A 620 -10.37 18.37 6.93
N TRP A 621 -9.21 18.04 7.45
CA TRP A 621 -9.10 17.07 8.54
C TRP A 621 -8.84 17.83 9.82
N ARG A 622 -9.91 18.31 10.44
CA ARG A 622 -9.85 19.01 11.72
C ARG A 622 -10.54 18.14 12.76
N PRO A 623 -9.83 17.24 13.41
CA PRO A 623 -10.45 16.35 14.42
C PRO A 623 -10.66 17.07 15.75
N ARG A 624 -11.77 17.79 15.85
CA ARG A 624 -12.03 18.56 17.08
C ARG A 624 -12.43 17.62 18.21
N PHE A 625 -11.49 16.86 18.74
CA PHE A 625 -11.75 15.98 19.86
C PHE A 625 -10.69 16.23 20.92
N ARG A 626 -11.10 16.14 22.20
CA ARG A 626 -10.19 16.47 23.33
C ARG A 626 -9.19 15.34 23.62
N TYR A 627 -9.37 14.14 23.07
CA TYR A 627 -8.46 13.05 23.40
C TYR A 627 -7.93 12.29 22.21
N TYR A 628 -8.30 12.65 20.99
CA TYR A 628 -7.86 11.89 19.83
C TYR A 628 -6.43 12.27 19.46
N HIS A 629 -5.53 11.31 19.52
CA HIS A 629 -4.18 11.47 19.00
C HIS A 629 -3.94 10.33 18.01
N TRP A 630 -3.29 10.64 16.89
CA TRP A 630 -3.13 9.65 15.82
C TRP A 630 -2.47 8.38 16.32
N ALA A 631 -1.68 8.45 17.39
CA ALA A 631 -1.10 7.24 17.96
C ALA A 631 -2.18 6.29 18.46
N LEU A 632 -3.31 6.81 18.96
CA LEU A 632 -4.39 5.94 19.40
C LEU A 632 -4.99 5.15 18.25
N SER A 633 -5.35 5.84 17.16
CA SER A 633 -5.90 5.16 16.00
C SER A 633 -4.89 4.19 15.41
N PHE A 634 -3.61 4.55 15.42
CA PHE A 634 -2.59 3.66 14.90
C PHE A 634 -2.46 2.41 15.77
N MET A 635 -2.52 2.58 17.08
CA MET A 635 -2.46 1.42 17.97
C MET A 635 -3.68 0.52 17.79
N GLY A 636 -4.84 1.10 17.56
CA GLY A 636 -6.01 0.29 17.29
C GLY A 636 -5.89 -0.48 15.99
N MET A 637 -5.45 0.20 14.94
CA MET A 637 -5.21 -0.47 13.66
C MET A 637 -4.25 -1.63 13.83
N SER A 638 -3.15 -1.42 14.57
CA SER A 638 -2.18 -2.49 14.76
C SER A 638 -2.77 -3.63 15.59
N ILE A 639 -3.43 -3.31 16.71
CA ILE A 639 -3.98 -4.33 17.58
C ILE A 639 -4.92 -5.25 16.81
N CYS A 640 -5.90 -4.66 16.13
CA CYS A 640 -6.83 -5.61 15.50
C CYS A 640 -6.48 -5.97 14.06
N LEU A 641 -5.40 -5.43 13.49
CA LEU A 641 -4.75 -6.11 12.38
C LEU A 641 -4.14 -7.43 12.86
N ALA A 642 -3.44 -7.36 13.99
CA ALA A 642 -2.96 -8.59 14.62
C ALA A 642 -4.10 -9.54 14.90
N LEU A 643 -5.24 -9.00 15.36
CA LEU A 643 -6.41 -9.84 15.61
C LEU A 643 -6.88 -10.55 14.34
N MET A 644 -7.05 -9.78 13.26
CA MET A 644 -7.39 -10.37 11.96
C MET A 644 -6.48 -11.54 11.66
N PHE A 645 -5.17 -11.29 11.67
CA PHE A 645 -4.26 -12.33 11.19
C PHE A 645 -4.24 -13.51 12.13
N ILE A 646 -4.29 -13.26 13.45
CA ILE A 646 -4.33 -14.32 14.44
C ILE A 646 -5.48 -15.27 14.15
N SER A 647 -6.69 -14.73 13.99
CA SER A 647 -7.85 -15.60 13.79
C SER A 647 -7.71 -16.45 12.53
N SER A 648 -7.32 -15.85 11.41
CA SER A 648 -7.06 -16.61 10.19
C SER A 648 -6.10 -15.83 9.31
N TRP A 649 -4.95 -16.42 8.96
CA TRP A 649 -4.02 -15.68 8.13
C TRP A 649 -4.39 -15.69 6.65
N TYR A 650 -5.27 -16.59 6.22
CA TYR A 650 -5.67 -16.67 4.83
C TYR A 650 -6.98 -15.93 4.56
N TYR A 651 -7.91 -15.99 5.51
CA TYR A 651 -9.11 -15.18 5.40
C TYR A 651 -8.74 -13.71 5.48
N ALA A 652 -7.76 -13.37 6.31
CA ALA A 652 -7.40 -11.99 6.49
C ALA A 652 -6.80 -11.43 5.21
N ILE A 653 -5.94 -12.21 4.54
CA ILE A 653 -5.38 -11.77 3.27
C ILE A 653 -6.48 -11.64 2.23
N VAL A 654 -7.43 -12.57 2.22
CA VAL A 654 -8.52 -12.45 1.25
C VAL A 654 -9.30 -11.17 1.49
N ALA A 655 -9.58 -10.85 2.76
CA ALA A 655 -10.31 -9.63 3.06
C ALA A 655 -9.51 -8.40 2.67
N MET A 656 -8.21 -8.39 2.99
CA MET A 656 -7.37 -7.26 2.64
C MET A 656 -7.31 -7.05 1.13
N VAL A 657 -7.22 -8.13 0.37
CA VAL A 657 -7.12 -7.98 -1.08
C VAL A 657 -8.46 -7.53 -1.66
N ILE A 658 -9.56 -8.04 -1.12
CA ILE A 658 -10.88 -7.61 -1.58
C ILE A 658 -11.06 -6.12 -1.32
N ALA A 659 -10.72 -5.68 -0.11
CA ALA A 659 -10.87 -4.26 0.23
C ALA A 659 -9.93 -3.40 -0.59
N GLY A 660 -8.70 -3.85 -0.82
CA GLY A 660 -7.78 -3.09 -1.64
C GLY A 660 -8.25 -2.96 -3.07
N MET A 661 -8.81 -4.04 -3.62
CA MET A 661 -9.32 -3.97 -4.99
C MET A 661 -10.52 -3.03 -5.07
N ILE A 662 -11.43 -3.09 -4.09
CA ILE A 662 -12.56 -2.18 -4.10
C ILE A 662 -12.09 -0.73 -3.97
N TYR A 663 -11.09 -0.49 -3.12
CA TYR A 663 -10.57 0.85 -2.93
C TYR A 663 -9.94 1.40 -4.21
N LYS A 664 -9.05 0.63 -4.82
CA LYS A 664 -8.39 1.09 -6.04
C LYS A 664 -9.39 1.24 -7.17
N TYR A 665 -10.41 0.38 -7.23
CA TYR A 665 -11.40 0.49 -8.29
C TYR A 665 -12.27 1.72 -8.10
N ILE A 666 -12.60 2.05 -6.85
CA ILE A 666 -13.34 3.28 -6.60
C ILE A 666 -12.50 4.48 -6.98
N GLU A 667 -11.21 4.44 -6.68
CA GLU A 667 -10.33 5.54 -7.07
C GLU A 667 -10.29 5.69 -8.58
N TYR A 668 -10.18 4.58 -9.30
CA TYR A 668 -10.18 4.63 -10.76
C TYR A 668 -11.48 5.18 -11.30
N GLN A 669 -12.61 4.75 -10.73
CA GLN A 669 -13.90 5.24 -11.23
C GLN A 669 -14.07 6.72 -10.94
N GLY A 670 -13.59 7.19 -9.78
CA GLY A 670 -13.64 8.61 -9.50
C GLY A 670 -12.78 9.42 -10.44
N ALA A 671 -11.59 8.91 -10.76
CA ALA A 671 -10.75 9.57 -11.75
C ALA A 671 -11.47 9.68 -13.09
N GLU A 672 -11.96 8.55 -13.60
CA GLU A 672 -12.66 8.59 -14.87
C GLU A 672 -13.90 9.48 -14.82
N LYS A 673 -14.50 9.63 -13.64
CA LYS A 673 -15.70 10.45 -13.54
C LYS A 673 -15.36 11.93 -13.60
N GLU A 674 -14.33 12.35 -12.88
CA GLU A 674 -14.08 13.79 -12.80
C GLU A 674 -13.18 14.30 -13.91
N TRP A 675 -12.09 13.60 -14.22
CA TRP A 675 -11.18 14.07 -15.26
C TRP A 675 -11.56 13.62 -16.65
N GLY A 676 -12.25 12.49 -16.78
CA GLY A 676 -12.70 11.98 -18.05
C GLY A 676 -11.94 10.78 -18.55
N ASP A 677 -10.76 10.50 -18.01
CA ASP A 677 -9.98 9.34 -18.39
C ASP A 677 -9.62 8.54 -17.15
N GLY A 678 -9.25 7.29 -17.36
CA GLY A 678 -8.95 6.42 -16.24
C GLY A 678 -7.59 6.62 -15.61
N ILE A 679 -6.53 6.35 -16.36
CA ILE A 679 -5.18 6.45 -15.82
C ILE A 679 -4.64 7.87 -15.94
N ARG A 680 -4.87 8.52 -17.09
CA ARG A 680 -4.58 9.93 -17.20
C ARG A 680 -5.23 10.68 -16.04
N GLY A 681 -6.55 10.50 -15.90
CA GLY A 681 -7.25 11.15 -14.81
C GLY A 681 -6.79 10.71 -13.44
N LEU A 682 -6.29 9.48 -13.32
CA LEU A 682 -5.78 9.03 -12.03
C LEU A 682 -4.56 9.83 -11.62
N SER A 683 -3.59 9.96 -12.54
CA SER A 683 -2.43 10.80 -12.25
C SER A 683 -2.84 12.26 -12.06
N LEU A 684 -3.84 12.71 -12.80
CA LEU A 684 -4.35 14.07 -12.64
C LEU A 684 -4.85 14.30 -11.22
N SER A 685 -5.65 13.36 -10.70
CA SER A 685 -6.15 13.48 -9.33
C SER A 685 -5.02 13.41 -8.32
N ALA A 686 -4.04 12.53 -8.56
CA ALA A 686 -2.90 12.45 -7.65
C ALA A 686 -2.19 13.80 -7.57
N ALA A 687 -1.95 14.42 -8.73
CA ALA A 687 -1.27 15.71 -8.75
C ALA A 687 -2.09 16.78 -8.04
N ARG A 688 -3.39 16.84 -8.34
CA ARG A 688 -4.24 17.86 -7.73
C ARG A 688 -4.28 17.70 -6.21
N PHE A 689 -4.41 16.46 -5.74
CA PHE A 689 -4.47 16.22 -4.31
C PHE A 689 -3.16 16.58 -3.64
N ALA A 690 -2.03 16.23 -4.26
CA ALA A 690 -0.75 16.61 -3.69
C ALA A 690 -0.61 18.12 -3.60
N LEU A 691 -1.01 18.84 -4.65
CA LEU A 691 -0.88 20.29 -4.62
C LEU A 691 -1.79 20.91 -3.57
N LEU A 692 -3.02 20.40 -3.44
CA LEU A 692 -3.93 20.91 -2.43
C LEU A 692 -3.35 20.70 -1.04
N ARG A 693 -2.99 19.46 -0.71
CA ARG A 693 -2.30 19.21 0.55
C ARG A 693 -1.10 20.12 0.74
N LEU A 694 -0.45 20.49 -0.37
CA LEU A 694 0.72 21.34 -0.32
C LEU A 694 0.37 22.78 -0.02
N GLU A 695 -0.88 23.17 -0.25
CA GLU A 695 -1.28 24.56 -0.05
C GLU A 695 -1.48 24.86 1.43
N GLU A 696 -2.20 23.99 2.14
CA GLU A 696 -2.50 24.21 3.56
C GLU A 696 -1.31 23.76 4.40
N GLY A 697 -0.27 24.59 4.35
CA GLY A 697 0.95 24.34 5.08
C GLY A 697 1.75 25.62 5.21
N PRO A 698 2.79 25.60 6.04
CA PRO A 698 3.64 26.78 6.19
C PRO A 698 4.28 27.14 4.86
N PRO A 699 4.25 28.43 4.49
CA PRO A 699 4.80 28.80 3.18
C PRO A 699 6.28 28.54 3.05
N HIS A 700 7.06 28.78 4.10
CA HIS A 700 8.49 28.59 4.06
C HIS A 700 8.85 27.12 4.28
N THR A 701 10.15 26.84 4.18
CA THR A 701 10.69 25.49 4.35
C THR A 701 11.91 25.60 5.23
N LYS A 702 12.14 24.56 6.05
CA LYS A 702 13.27 24.60 6.97
C LYS A 702 14.60 24.66 6.23
N ASN A 703 14.63 24.21 4.97
CA ASN A 703 15.81 24.28 4.14
C ASN A 703 15.43 24.95 2.83
N TRP A 704 16.39 25.60 2.21
CA TRP A 704 16.17 26.25 0.93
C TRP A 704 16.83 25.45 -0.18
N ARG A 705 16.07 25.13 -1.22
CA ARG A 705 16.58 24.40 -2.37
C ARG A 705 16.14 25.11 -3.64
N PRO A 706 17.05 25.39 -4.57
CA PRO A 706 16.71 26.15 -5.77
C PRO A 706 15.82 25.39 -6.73
N GLN A 707 14.61 25.90 -6.93
CA GLN A 707 13.70 25.40 -7.95
C GLN A 707 13.79 26.38 -9.11
N LEU A 708 14.28 25.93 -10.26
CA LEU A 708 14.67 26.85 -11.30
C LEU A 708 13.52 27.18 -12.24
N LEU A 709 13.51 28.43 -12.72
CA LEU A 709 12.75 28.85 -13.89
C LEU A 709 13.77 29.32 -14.92
N VAL A 710 14.06 28.49 -15.92
CA VAL A 710 15.01 28.86 -16.96
C VAL A 710 14.31 29.76 -17.97
N LEU A 711 14.78 31.00 -18.10
CA LEU A 711 14.21 31.93 -19.08
C LEU A 711 15.00 31.77 -20.38
N LEU A 712 14.47 30.94 -21.27
CA LEU A 712 15.09 30.74 -22.57
C LEU A 712 14.67 31.84 -23.52
N LYS A 713 15.63 32.41 -24.24
CA LYS A 713 15.36 33.47 -25.20
C LYS A 713 15.19 32.87 -26.59
N LEU A 714 14.05 33.15 -27.21
CA LEU A 714 13.71 32.63 -28.54
C LEU A 714 14.04 33.68 -29.59
N ASP A 715 14.85 33.31 -30.58
CA ASP A 715 15.22 34.20 -31.65
C ASP A 715 14.05 34.38 -32.62
N GLU A 716 14.25 35.20 -33.64
CA GLU A 716 13.20 35.44 -34.64
C GLU A 716 12.88 34.19 -35.44
N ASP A 717 13.74 33.18 -35.41
CA ASP A 717 13.46 31.89 -36.03
C ASP A 717 12.71 30.97 -35.09
N LEU A 718 12.39 31.43 -33.88
CA LEU A 718 11.75 30.61 -32.86
C LEU A 718 12.59 29.38 -32.52
N HIS A 719 13.89 29.62 -32.34
CA HIS A 719 14.81 28.60 -31.85
C HIS A 719 15.51 29.10 -30.60
N VAL A 720 15.80 28.17 -29.70
CA VAL A 720 16.43 28.50 -28.42
C VAL A 720 17.79 29.12 -28.67
N LYS A 721 17.94 30.38 -28.28
CA LYS A 721 19.20 31.07 -28.49
C LYS A 721 20.31 30.60 -27.55
N HIS A 722 19.97 29.81 -26.53
CA HIS A 722 20.97 29.33 -25.57
C HIS A 722 20.52 28.00 -25.01
N PRO A 723 20.85 26.89 -25.68
CA PRO A 723 20.61 25.57 -25.08
C PRO A 723 21.49 25.32 -23.87
N ARG A 724 22.63 26.02 -23.82
CA ARG A 724 23.58 25.90 -22.69
C ARG A 724 22.80 26.14 -21.40
N LEU A 725 21.85 27.08 -21.44
CA LEU A 725 21.01 27.36 -20.27
C LEU A 725 20.37 26.09 -19.75
N LEU A 726 19.78 25.30 -20.65
CA LEU A 726 19.16 24.05 -20.24
C LEU A 726 20.20 23.05 -19.74
N THR A 727 21.35 22.98 -20.40
CA THR A 727 22.37 22.03 -19.94
C THR A 727 22.81 22.36 -18.52
N PHE A 728 23.08 23.64 -18.26
CA PHE A 728 23.51 24.05 -16.93
C PHE A 728 22.40 23.90 -15.89
N ALA A 729 21.15 24.12 -16.28
CA ALA A 729 20.06 23.87 -15.35
C ALA A 729 19.97 22.38 -15.01
N SER A 730 20.18 21.52 -16.00
CA SER A 730 20.20 20.09 -15.74
C SER A 730 21.33 19.72 -14.81
N GLN A 731 22.52 20.29 -15.02
CA GLN A 731 23.63 20.00 -14.12
C GLN A 731 23.36 20.52 -12.72
N LEU A 732 22.66 21.64 -12.61
CA LEU A 732 22.41 22.22 -11.29
C LEU A 732 21.37 21.42 -10.52
N LYS A 733 20.31 21.00 -11.18
CA LYS A 733 19.27 20.25 -10.50
C LYS A 733 19.50 18.75 -10.52
N ALA A 734 20.37 18.26 -11.41
CA ALA A 734 20.72 16.84 -11.48
C ALA A 734 19.49 15.97 -11.70
N GLY A 735 18.62 16.41 -12.62
CA GLY A 735 17.47 15.63 -13.00
C GLY A 735 16.38 15.51 -11.96
N LYS A 736 16.59 16.02 -10.75
CA LYS A 736 15.58 15.96 -9.70
C LYS A 736 15.18 17.38 -9.32
N GLY A 737 13.96 17.51 -8.81
CA GLY A 737 13.42 18.79 -8.46
C GLY A 737 12.51 19.33 -9.53
N LEU A 738 12.22 20.61 -9.44
CA LEU A 738 11.31 21.29 -10.36
C LEU A 738 12.08 22.25 -11.25
N THR A 739 11.90 22.10 -12.56
CA THR A 739 12.50 23.01 -13.54
C THR A 739 11.43 23.41 -14.53
N ILE A 740 11.00 24.67 -14.48
CA ILE A 740 10.01 25.20 -15.41
C ILE A 740 10.76 26.03 -16.44
N VAL A 741 10.73 25.60 -17.69
CA VAL A 741 11.38 26.32 -18.78
C VAL A 741 10.36 27.23 -19.44
N GLY A 742 10.53 28.53 -19.24
CA GLY A 742 9.61 29.53 -19.76
C GLY A 742 10.26 30.32 -20.87
N SER A 743 9.44 30.76 -21.83
CA SER A 743 9.96 31.57 -22.93
C SER A 743 8.84 32.42 -23.49
N VAL A 744 9.19 33.61 -23.95
CA VAL A 744 8.25 34.56 -24.50
C VAL A 744 8.48 34.67 -26.00
N ILE A 745 7.40 34.62 -26.77
CA ILE A 745 7.41 34.84 -28.21
C ILE A 745 6.80 36.21 -28.47
N VAL A 746 7.59 37.12 -29.01
CA VAL A 746 7.10 38.48 -29.26
C VAL A 746 6.16 38.46 -30.44
N GLY A 747 4.99 39.05 -30.27
CA GLY A 747 3.97 39.05 -31.30
C GLY A 747 2.60 39.00 -30.66
N ASN A 748 1.59 38.89 -31.53
CA ASN A 748 0.21 38.85 -31.09
C ASN A 748 -0.26 37.41 -31.00
N PHE A 749 -0.93 37.08 -29.88
CA PHE A 749 -1.34 35.70 -29.64
C PHE A 749 -2.44 35.26 -30.59
N LEU A 750 -3.28 36.19 -31.04
CA LEU A 750 -4.42 35.84 -31.86
C LEU A 750 -4.00 35.12 -33.14
N GLU A 751 -2.79 35.39 -33.64
CA GLU A 751 -2.33 34.80 -34.89
C GLU A 751 -1.07 33.96 -34.74
N ASN A 752 -0.48 33.86 -33.55
CA ASN A 752 0.74 33.10 -33.34
C ASN A 752 0.55 31.81 -32.56
N TYR A 753 -0.69 31.31 -32.46
CA TYR A 753 -0.89 30.08 -31.68
C TYR A 753 -0.13 28.91 -32.29
N GLY A 754 -0.14 28.78 -33.62
CA GLY A 754 0.58 27.69 -34.25
C GLY A 754 2.07 27.78 -33.98
N GLU A 755 2.62 28.99 -34.06
CA GLU A 755 4.04 29.18 -33.78
C GLU A 755 4.34 28.84 -32.33
N ALA A 756 3.44 29.22 -31.42
CA ALA A 756 3.65 28.91 -30.01
C ALA A 756 3.69 27.41 -29.79
N LEU A 757 2.82 26.68 -30.49
CA LEU A 757 2.82 25.22 -30.36
C LEU A 757 4.08 24.62 -30.93
N ALA A 758 4.56 25.15 -32.06
CA ALA A 758 5.76 24.62 -32.68
C ALA A 758 6.97 24.85 -31.79
N ALA A 759 7.12 26.07 -31.28
CA ALA A 759 8.24 26.37 -30.41
C ALA A 759 8.14 25.61 -29.10
N GLU A 760 6.92 25.32 -28.63
CA GLU A 760 6.78 24.52 -27.42
C GLU A 760 7.27 23.10 -27.65
N GLN A 761 6.91 22.50 -28.80
CA GLN A 761 7.44 21.19 -29.13
C GLN A 761 8.96 21.23 -29.25
N THR A 762 9.49 22.30 -29.83
CA THR A 762 10.94 22.44 -29.96
C THR A 762 11.61 22.46 -28.60
N ILE A 763 11.09 23.27 -27.67
CA ILE A 763 11.70 23.39 -26.37
C ILE A 763 11.57 22.08 -25.59
N LYS A 764 10.46 21.36 -25.77
CA LYS A 764 10.33 20.08 -25.09
C LYS A 764 11.33 19.06 -25.61
N HIS A 765 11.51 19.01 -26.94
CA HIS A 765 12.52 18.12 -27.49
C HIS A 765 13.92 18.49 -27.01
N LEU A 766 14.20 19.79 -26.91
CA LEU A 766 15.52 20.21 -26.43
C LEU A 766 15.72 19.82 -24.97
N MET A 767 14.70 20.03 -24.14
CA MET A 767 14.78 19.61 -22.74
C MET A 767 15.06 18.13 -22.63
N GLU A 768 14.32 17.31 -23.38
CA GLU A 768 14.57 15.87 -23.35
C GLU A 768 15.97 15.53 -23.87
N ALA A 769 16.48 16.30 -24.83
CA ALA A 769 17.82 16.04 -25.33
C ALA A 769 18.89 16.37 -24.31
N GLU A 770 18.63 17.35 -23.44
CA GLU A 770 19.60 17.76 -22.44
C GLU A 770 19.30 17.17 -21.06
N LYS A 771 18.50 16.12 -21.00
CA LYS A 771 18.18 15.41 -19.76
C LYS A 771 17.55 16.33 -18.72
N VAL A 772 16.81 17.34 -19.16
CA VAL A 772 16.09 18.23 -18.25
C VAL A 772 14.72 17.62 -18.00
N LYS A 773 14.42 17.33 -16.74
CA LYS A 773 13.09 16.83 -16.37
C LYS A 773 12.29 18.00 -15.80
N GLY A 774 11.23 18.37 -16.50
CA GLY A 774 10.47 19.54 -16.10
C GLY A 774 9.40 19.86 -17.14
N PHE A 775 8.89 21.07 -17.06
CA PHE A 775 7.75 21.50 -17.85
C PHE A 775 8.10 22.73 -18.66
N CYS A 776 7.35 22.95 -19.74
CA CYS A 776 7.58 24.06 -20.64
C CYS A 776 6.32 24.92 -20.71
N GLN A 777 6.52 26.24 -20.70
CA GLN A 777 5.42 27.19 -20.79
C GLN A 777 5.81 28.32 -21.71
N LEU A 778 5.03 28.56 -22.75
CA LEU A 778 5.25 29.67 -23.66
C LEU A 778 4.17 30.73 -23.49
N VAL A 779 4.61 31.98 -23.47
CA VAL A 779 3.72 33.13 -23.41
C VAL A 779 3.98 33.97 -24.65
N VAL A 780 2.94 34.14 -25.47
CA VAL A 780 3.01 35.03 -26.62
C VAL A 780 2.60 36.42 -26.16
N ALA A 781 3.55 37.34 -26.11
CA ALA A 781 3.32 38.65 -25.52
C ALA A 781 3.64 39.75 -26.52
N ALA A 782 3.00 40.91 -26.29
CA ALA A 782 3.25 42.05 -27.16
C ALA A 782 4.62 42.64 -26.91
N LYS A 783 5.09 42.56 -25.67
CA LYS A 783 6.39 43.12 -25.29
C LYS A 783 7.17 42.06 -24.53
N LEU A 784 8.37 41.76 -25.02
CA LEU A 784 9.20 40.74 -24.40
C LEU A 784 9.40 41.01 -22.91
N ARG A 785 9.64 42.27 -22.56
CA ARG A 785 9.87 42.63 -21.17
C ARG A 785 8.65 42.32 -20.31
N GLU A 786 7.47 42.68 -20.78
CA GLU A 786 6.26 42.41 -20.00
C GLU A 786 5.94 40.92 -19.97
N GLY A 787 6.19 40.22 -21.08
CA GLY A 787 6.03 38.77 -21.07
C GLY A 787 6.91 38.10 -20.03
N ILE A 788 8.16 38.54 -19.94
CA ILE A 788 9.06 37.96 -18.96
C ILE A 788 8.65 38.36 -17.55
N SER A 789 8.17 39.60 -17.38
CA SER A 789 7.70 40.03 -16.07
C SER A 789 6.47 39.25 -15.64
N HIS A 790 5.76 38.66 -16.59
CA HIS A 790 4.59 37.87 -16.24
C HIS A 790 4.95 36.43 -16.01
N LEU A 791 5.98 35.95 -16.71
CA LEU A 791 6.45 34.59 -16.50
C LEU A 791 7.10 34.46 -15.14
N ILE A 792 7.85 35.49 -14.73
CA ILE A 792 8.61 35.39 -13.49
C ILE A 792 7.67 35.27 -12.30
N GLN A 793 6.49 35.88 -12.38
CA GLN A 793 5.58 35.88 -11.25
C GLN A 793 4.40 34.93 -11.40
N SER A 794 4.19 34.32 -12.56
CA SER A 794 3.00 33.49 -12.73
C SER A 794 3.27 32.02 -13.03
N CYS A 795 4.51 31.63 -13.32
CA CYS A 795 4.77 30.24 -13.65
C CYS A 795 4.46 29.32 -12.47
N GLY A 796 3.98 28.12 -12.79
CA GLY A 796 3.75 27.11 -11.78
C GLY A 796 2.43 27.20 -11.06
N LEU A 797 1.86 26.04 -10.74
CA LEU A 797 0.64 26.00 -9.93
C LEU A 797 0.98 26.31 -8.48
N GLY A 798 0.01 26.86 -7.76
CA GLY A 798 0.26 27.31 -6.40
C GLY A 798 0.83 26.19 -5.56
N GLY A 799 1.93 26.49 -4.87
CA GLY A 799 2.63 25.53 -4.06
C GLY A 799 3.79 24.88 -4.78
N MET A 800 3.76 24.89 -6.12
CA MET A 800 4.83 24.36 -6.95
C MET A 800 5.52 25.52 -7.67
N LYS A 801 5.63 26.63 -6.96
CA LYS A 801 6.24 27.82 -7.51
C LYS A 801 7.75 27.63 -7.61
N HIS A 802 8.35 28.41 -8.47
CA HIS A 802 9.80 28.48 -8.50
C HIS A 802 10.28 29.41 -7.39
N ASN A 803 11.58 29.39 -7.14
CA ASN A 803 12.17 30.38 -6.25
C ASN A 803 13.46 30.97 -6.78
N THR A 804 13.89 30.58 -7.96
CA THR A 804 15.07 31.14 -8.60
C THR A 804 14.73 31.37 -10.06
N VAL A 805 15.29 32.44 -10.62
CA VAL A 805 15.12 32.75 -12.03
C VAL A 805 16.49 32.66 -12.67
N VAL A 806 16.63 31.79 -13.66
CA VAL A 806 17.89 31.56 -14.32
C VAL A 806 17.85 32.26 -15.68
N MET A 807 18.75 33.22 -15.86
CA MET A 807 18.77 34.05 -17.05
C MET A 807 20.09 33.88 -17.78
N GLY A 808 20.06 34.18 -19.07
CA GLY A 808 21.27 34.29 -19.85
C GLY A 808 21.72 35.75 -19.93
N TRP A 809 23.03 35.94 -19.87
CA TRP A 809 23.57 37.28 -19.91
C TRP A 809 23.31 37.90 -21.28
N PRO A 810 22.98 39.18 -21.34
CA PRO A 810 22.75 39.84 -22.65
C PRO A 810 24.06 40.14 -23.38
N ASN A 811 24.60 39.11 -24.02
CA ASN A 811 25.86 39.25 -24.74
C ASN A 811 25.73 40.27 -25.86
N GLY A 812 26.77 41.07 -26.04
CA GLY A 812 26.76 42.10 -27.07
C GLY A 812 25.73 43.18 -26.85
N TRP A 813 25.57 43.63 -25.60
CA TRP A 813 24.59 44.68 -25.32
C TRP A 813 25.05 46.00 -25.90
N ARG A 814 26.34 46.30 -25.80
CA ARG A 814 26.87 47.56 -26.31
C ARG A 814 26.85 47.59 -27.84
N GLN A 815 27.16 46.45 -28.46
CA GLN A 815 27.23 46.41 -29.92
C GLN A 815 25.89 46.78 -30.55
N SER A 816 24.81 46.16 -30.08
CA SER A 816 23.50 46.44 -30.63
C SER A 816 23.14 47.90 -30.42
N GLU A 817 22.65 48.55 -31.48
CA GLU A 817 22.25 49.95 -31.37
C GLU A 817 21.05 50.08 -30.43
N ASP A 818 20.11 49.14 -30.53
CA ASP A 818 18.92 49.15 -29.70
C ASP A 818 19.29 48.97 -28.23
N ALA A 819 18.72 49.81 -27.38
CA ALA A 819 18.98 49.79 -25.96
C ALA A 819 18.02 48.88 -25.21
N ARG A 820 17.02 48.35 -25.92
CA ARG A 820 16.02 47.49 -25.29
C ARG A 820 16.66 46.22 -24.75
N ALA A 821 17.61 45.65 -25.47
CA ALA A 821 18.18 44.37 -25.03
C ALA A 821 18.83 44.49 -23.66
N TRP A 822 19.68 45.50 -23.46
CA TRP A 822 20.30 45.66 -22.15
C TRP A 822 19.31 46.16 -21.11
N LYS A 823 18.37 47.03 -21.50
CA LYS A 823 17.44 47.57 -20.52
C LYS A 823 16.48 46.50 -20.01
N THR A 824 16.12 45.53 -20.86
CA THR A 824 15.23 44.47 -20.46
C THR A 824 15.87 43.59 -19.38
N PHE A 825 17.15 43.24 -19.56
CA PHE A 825 17.81 42.44 -18.54
C PHE A 825 17.72 43.09 -17.18
N ILE A 826 17.94 44.41 -17.11
CA ILE A 826 17.84 45.09 -15.83
C ILE A 826 16.42 45.04 -15.32
N GLY A 827 15.45 45.27 -16.21
CA GLY A 827 14.05 45.20 -15.79
C GLY A 827 13.73 43.85 -15.16
N THR A 828 14.20 42.77 -15.79
CA THR A 828 13.99 41.44 -15.26
C THR A 828 14.68 41.27 -13.91
N VAL A 829 15.89 41.82 -13.77
CA VAL A 829 16.58 41.72 -12.48
C VAL A 829 15.77 42.41 -11.40
N ARG A 830 15.23 43.59 -11.70
CA ARG A 830 14.41 44.29 -10.72
C ARG A 830 13.16 43.49 -10.40
N VAL A 831 12.53 42.88 -11.41
CA VAL A 831 11.34 42.09 -11.17
C VAL A 831 11.65 40.89 -10.28
N THR A 832 12.76 40.21 -10.53
CA THR A 832 13.17 39.09 -9.69
C THR A 832 13.41 39.54 -8.26
N THR A 833 14.14 40.64 -8.09
CA THR A 833 14.42 41.13 -6.74
C THR A 833 13.14 41.54 -6.02
N ALA A 834 12.23 42.21 -6.72
CA ALA A 834 10.98 42.64 -6.09
C ALA A 834 10.11 41.45 -5.72
N ALA A 835 10.08 40.43 -6.57
CA ALA A 835 9.29 39.25 -6.26
C ALA A 835 9.90 38.41 -5.15
N HIS A 836 11.10 38.77 -4.67
CA HIS A 836 11.79 38.05 -3.61
C HIS A 836 12.19 36.64 -4.05
N LEU A 837 12.53 36.49 -5.32
CA LEU A 837 13.06 35.23 -5.84
C LEU A 837 14.57 35.36 -6.02
N ALA A 838 15.24 34.22 -5.94
CA ALA A 838 16.67 34.21 -6.21
C ALA A 838 16.92 34.41 -7.70
N LEU A 839 18.15 34.78 -8.04
CA LEU A 839 18.49 35.10 -9.41
C LEU A 839 19.83 34.50 -9.77
N LEU A 840 19.89 33.85 -10.94
CA LEU A 840 21.12 33.25 -11.44
C LEU A 840 21.36 33.74 -12.86
N VAL A 841 22.24 34.73 -13.00
CA VAL A 841 22.60 35.26 -14.31
C VAL A 841 23.86 34.53 -14.76
N ALA A 842 23.74 33.70 -15.79
CA ALA A 842 24.88 33.00 -16.34
C ALA A 842 25.48 33.81 -17.47
N LYS A 843 26.79 34.05 -17.41
CA LYS A 843 27.50 34.81 -18.42
C LYS A 843 28.49 33.92 -19.17
N ASN A 844 28.72 34.25 -20.44
CA ASN A 844 29.54 33.44 -21.32
C ASN A 844 29.04 32.00 -21.35
N ILE A 845 27.72 31.85 -21.43
CA ILE A 845 27.12 30.54 -21.28
C ILE A 845 27.45 29.63 -22.45
N SER A 846 27.90 30.19 -23.58
CA SER A 846 28.28 29.36 -24.71
C SER A 846 29.46 28.45 -24.38
N PHE A 847 30.26 28.79 -23.37
CA PHE A 847 31.42 27.98 -23.00
C PHE A 847 31.11 27.02 -21.87
N PHE A 848 29.86 26.92 -21.46
CA PHE A 848 29.50 26.00 -20.39
C PHE A 848 29.53 24.56 -20.88
N PRO A 849 30.09 23.65 -20.08
CA PRO A 849 30.24 22.25 -20.51
C PRO A 849 28.91 21.56 -20.78
N SER A 850 28.91 20.70 -21.80
CA SER A 850 27.74 19.94 -22.19
C SER A 850 27.53 18.76 -21.25
N ASN A 851 26.35 18.12 -21.38
CA ASN A 851 26.02 17.01 -20.51
C ASN A 851 26.87 15.77 -20.79
N VAL A 852 27.46 15.67 -21.97
CA VAL A 852 28.25 14.48 -22.30
C VAL A 852 29.71 14.66 -21.90
N GLU A 853 30.28 15.85 -22.10
CA GLU A 853 31.67 16.07 -21.76
C GLU A 853 31.81 16.24 -20.25
N GLN A 854 33.06 16.32 -19.79
CA GLN A 854 33.35 16.37 -18.37
C GLN A 854 34.57 17.27 -18.16
N PHE A 855 34.86 17.54 -16.89
CA PHE A 855 36.06 18.26 -16.51
C PHE A 855 37.02 17.31 -15.79
N SER A 856 38.25 17.23 -16.31
CA SER A 856 39.27 16.42 -15.66
C SER A 856 39.62 16.97 -14.29
N GLU A 857 39.95 18.26 -14.23
CA GLU A 857 40.26 18.93 -12.98
C GLU A 857 39.94 20.41 -13.12
N GLY A 858 39.47 21.01 -12.04
CA GLY A 858 39.08 22.41 -12.09
C GLY A 858 38.66 22.89 -10.72
N ASN A 859 38.39 24.19 -10.65
CA ASN A 859 38.05 24.85 -9.39
C ASN A 859 36.81 25.69 -9.59
N ILE A 860 35.78 25.41 -8.79
CA ILE A 860 34.57 26.24 -8.75
C ILE A 860 34.88 27.32 -7.72
N ASP A 861 35.19 28.52 -8.18
CA ASP A 861 35.61 29.57 -7.27
C ASP A 861 34.43 30.42 -6.79
N VAL A 862 33.73 29.90 -5.80
CA VAL A 862 32.62 30.64 -5.21
C VAL A 862 33.17 31.86 -4.47
N TRP A 863 32.68 33.04 -4.82
CA TRP A 863 33.10 34.29 -4.20
C TRP A 863 32.01 34.72 -3.23
N TRP A 864 32.29 34.60 -1.93
CA TRP A 864 31.34 34.95 -0.89
C TRP A 864 31.62 36.37 -0.44
N ILE A 865 30.64 37.24 -0.66
CA ILE A 865 30.70 38.68 -0.45
C ILE A 865 29.60 39.04 0.53
N VAL A 866 29.97 39.81 1.55
CA VAL A 866 29.15 40.27 2.68
C VAL A 866 27.86 39.51 2.93
N HIS A 867 26.95 39.37 1.97
CA HIS A 867 25.70 38.72 2.32
C HIS A 867 25.25 37.76 1.24
N ASP A 868 24.09 37.14 1.49
CA ASP A 868 23.48 36.11 0.65
C ASP A 868 24.39 34.89 0.53
N GLY A 869 25.13 34.61 1.60
CA GLY A 869 26.05 33.49 1.65
C GLY A 869 25.40 32.12 1.57
N GLY A 870 24.11 32.01 1.84
CA GLY A 870 23.47 30.72 1.82
C GLY A 870 23.37 30.15 0.41
N MET A 871 22.83 30.96 -0.50
CA MET A 871 22.71 30.50 -1.88
C MET A 871 24.09 30.25 -2.47
N LEU A 872 25.04 31.14 -2.16
CA LEU A 872 26.35 31.05 -2.77
C LEU A 872 27.04 29.77 -2.34
N MET A 873 27.00 29.46 -1.05
CA MET A 873 27.65 28.24 -0.58
C MET A 873 26.92 27.00 -1.09
N LEU A 874 25.59 27.01 -1.03
CA LEU A 874 24.81 25.84 -1.44
C LEU A 874 25.01 25.47 -2.92
N LEU A 875 25.18 26.47 -3.81
CA LEU A 875 25.28 26.17 -5.24
C LEU A 875 26.39 25.19 -5.61
N PRO A 876 27.68 25.46 -5.32
CA PRO A 876 28.73 24.57 -5.82
C PRO A 876 28.51 23.13 -5.49
N PHE A 877 27.91 22.83 -4.34
CA PHE A 877 27.73 21.43 -3.94
C PHE A 877 26.67 20.76 -4.81
N LEU A 878 25.58 21.46 -5.09
CA LEU A 878 24.62 20.93 -6.06
C LEU A 878 25.27 20.72 -7.40
N LEU A 879 26.23 21.57 -7.77
CA LEU A 879 26.88 21.40 -9.07
C LEU A 879 27.82 20.19 -9.04
N LYS A 880 28.63 20.10 -7.98
CA LYS A 880 29.58 19.01 -7.78
C LYS A 880 28.88 17.66 -7.63
N GLN A 881 27.60 17.66 -7.28
CA GLN A 881 26.89 16.40 -7.20
C GLN A 881 26.58 15.81 -8.57
N HIS A 882 26.92 16.51 -9.65
CA HIS A 882 26.74 16.00 -10.99
C HIS A 882 28.07 15.50 -11.52
N LYS A 883 28.01 14.51 -12.42
CA LYS A 883 29.22 13.86 -12.90
C LYS A 883 30.13 14.83 -13.64
N VAL A 884 29.56 15.86 -14.26
CA VAL A 884 30.38 16.81 -15.01
C VAL A 884 31.29 17.59 -14.08
N TRP A 885 30.72 18.23 -13.06
CA TRP A 885 31.50 19.00 -12.11
C TRP A 885 31.97 18.16 -10.93
N ARG A 886 31.93 16.83 -11.06
CA ARG A 886 32.26 15.98 -9.94
C ARG A 886 33.73 16.09 -9.57
N LYS A 887 34.61 16.11 -10.58
CA LYS A 887 36.05 16.05 -10.37
C LYS A 887 36.69 17.42 -10.19
N CYS A 888 35.94 18.42 -9.75
CA CYS A 888 36.49 19.73 -9.50
C CYS A 888 36.48 20.06 -8.01
N SER A 889 37.33 21.00 -7.63
CA SER A 889 37.43 21.48 -6.26
C SER A 889 36.68 22.80 -6.10
N ILE A 890 36.60 23.26 -4.85
CA ILE A 890 35.88 24.48 -4.50
C ILE A 890 36.79 25.36 -3.65
N ARG A 891 36.84 26.66 -3.96
CA ARG A 891 37.66 27.61 -3.23
C ARG A 891 36.85 28.85 -2.94
N ILE A 892 36.62 29.14 -1.66
CA ILE A 892 35.87 30.32 -1.25
C ILE A 892 36.85 31.46 -0.98
N PHE A 893 36.83 32.48 -1.84
CA PHE A 893 37.64 33.68 -1.67
C PHE A 893 36.83 34.81 -1.01
N THR A 894 36.59 34.60 0.29
CA THR A 894 35.87 35.55 1.10
C THR A 894 36.59 36.89 1.14
N VAL A 895 35.82 37.96 1.03
CA VAL A 895 36.32 39.33 1.03
C VAL A 895 35.56 40.11 2.10
N ALA A 896 35.96 39.82 3.35
CA ALA A 896 35.39 40.48 4.54
C ALA A 896 36.53 41.00 5.41
N GLN A 897 36.45 42.27 5.83
CA GLN A 897 37.43 42.95 6.72
C GLN A 897 38.87 42.62 6.28
N LEU A 898 39.68 42.17 7.24
CA LEU A 898 41.10 41.83 6.98
C LEU A 898 41.39 40.38 7.43
N GLU A 899 41.54 40.14 8.73
CA GLU A 899 41.85 38.79 9.19
C GLU A 899 41.22 38.45 10.54
N ASP A 900 41.19 39.43 11.46
CA ASP A 900 40.61 39.16 12.78
C ASP A 900 39.15 38.76 12.69
N ASN A 901 38.38 39.46 11.86
CA ASN A 901 36.98 39.14 11.68
C ASN A 901 36.84 37.77 11.04
N SER A 902 37.70 37.48 10.07
CA SER A 902 37.63 36.24 9.31
C SER A 902 37.77 35.01 10.19
N ILE A 903 38.61 35.07 11.23
CA ILE A 903 38.85 33.89 12.05
C ILE A 903 37.54 33.38 12.65
N GLN A 904 36.73 34.27 13.20
CA GLN A 904 35.43 33.83 13.71
C GLN A 904 34.57 33.34 12.56
N MET A 905 34.59 34.09 11.45
CA MET A 905 33.80 33.72 10.29
C MET A 905 34.32 32.41 9.72
N LYS A 906 35.65 32.24 9.74
CA LYS A 906 36.22 31.01 9.21
C LYS A 906 35.66 29.82 9.97
N LYS A 907 35.54 29.95 11.30
CA LYS A 907 34.94 28.90 12.12
C LYS A 907 33.48 28.66 11.78
N ASP A 908 32.72 29.74 11.54
CA ASP A 908 31.31 29.61 11.20
C ASP A 908 31.11 28.95 9.84
N LEU A 909 32.00 29.25 8.89
CA LEU A 909 31.92 28.66 7.57
C LEU A 909 32.47 27.25 7.58
N ALA A 910 33.58 27.02 8.29
CA ALA A 910 34.17 25.70 8.33
C ALA A 910 33.19 24.73 8.95
N THR A 911 32.56 25.10 10.07
CA THR A 911 31.59 24.19 10.68
C THR A 911 30.38 23.99 9.77
N PHE A 912 29.88 25.07 9.15
CA PHE A 912 28.74 24.92 8.25
C PHE A 912 29.10 23.92 7.15
N LEU A 913 30.29 24.09 6.56
CA LEU A 913 30.77 23.23 5.49
C LEU A 913 30.96 21.81 6.01
N TYR A 914 31.31 21.68 7.29
CA TYR A 914 31.45 20.37 7.91
C TYR A 914 30.10 19.68 7.91
N HIS A 915 29.04 20.43 8.21
CA HIS A 915 27.71 19.85 8.16
C HIS A 915 27.39 19.44 6.73
N LEU A 916 27.88 20.21 5.77
CA LEU A 916 27.66 19.86 4.35
C LEU A 916 28.37 18.56 4.02
N ARG A 917 29.55 18.33 4.62
CA ARG A 917 30.38 17.15 4.44
C ARG A 917 31.01 17.03 3.04
N ILE A 918 31.23 18.14 2.37
CA ILE A 918 31.92 18.16 1.07
C ILE A 918 33.12 19.08 1.23
N GLU A 919 34.28 18.63 0.72
CA GLU A 919 35.52 19.37 0.88
C GLU A 919 35.41 20.76 0.27
N ALA A 920 35.90 21.76 1.00
CA ALA A 920 35.90 23.15 0.55
C ALA A 920 36.84 24.01 1.38
N GLU A 921 37.83 24.62 0.74
CA GLU A 921 38.83 25.42 1.42
C GLU A 921 38.47 26.88 1.26
N VAL A 922 38.43 27.60 2.39
CA VAL A 922 38.02 29.00 2.41
C VAL A 922 39.23 29.88 2.67
N GLU A 923 39.43 30.89 1.83
CA GLU A 923 40.49 31.86 1.97
C GLU A 923 39.86 33.25 2.05
N VAL A 924 40.24 34.03 3.05
CA VAL A 924 39.71 35.37 3.22
C VAL A 924 40.75 36.38 2.76
N VAL A 925 40.40 37.16 1.74
CA VAL A 925 41.28 38.18 1.19
C VAL A 925 40.82 39.54 1.69
N GLU A 926 41.71 40.24 2.40
CA GLU A 926 41.40 41.57 2.89
C GLU A 926 41.20 42.54 1.74
N MET A 927 40.12 43.32 1.79
CA MET A 927 39.81 44.30 0.76
C MET A 927 39.39 45.60 1.41
N HIS A 928 39.79 46.71 0.80
CA HIS A 928 39.43 48.04 1.30
C HIS A 928 37.93 48.27 1.16
N ASP A 929 37.33 48.89 2.20
CA ASP A 929 35.89 49.10 2.19
C ASP A 929 35.47 49.91 0.97
N SER A 930 36.30 50.84 0.52
CA SER A 930 35.96 51.65 -0.64
C SER A 930 35.76 50.76 -1.85
N ASP A 931 36.62 49.75 -2.03
CA ASP A 931 36.50 48.85 -3.16
C ASP A 931 35.15 48.13 -3.16
N ILE A 932 34.64 47.80 -1.98
CA ILE A 932 33.38 47.11 -1.84
C ILE A 932 32.25 48.08 -1.48
N SER A 933 32.45 49.38 -1.75
CA SER A 933 31.49 50.41 -1.38
C SER A 933 30.07 50.14 -1.87
N ALA A 934 29.91 49.79 -3.14
CA ALA A 934 28.56 49.53 -3.66
C ALA A 934 27.86 48.42 -2.88
N TYR A 935 28.62 47.39 -2.50
CA TYR A 935 28.06 46.31 -1.69
C TYR A 935 27.71 46.81 -0.30
N THR A 936 28.66 47.48 0.37
CA THR A 936 28.41 47.94 1.73
C THR A 936 27.22 48.89 1.75
N TYR A 937 27.12 49.75 0.73
CA TYR A 937 25.98 50.64 0.55
C TYR A 937 24.67 49.86 0.51
N GLU A 938 24.60 48.84 -0.36
CA GLU A 938 23.39 48.02 -0.42
C GLU A 938 23.10 47.35 0.92
N ARG A 939 24.14 46.82 1.58
CA ARG A 939 23.96 46.19 2.88
C ARG A 939 23.39 47.17 3.90
N ASP A 940 23.93 48.39 3.93
CA ASP A 940 23.40 49.42 4.82
C ASP A 940 21.95 49.70 4.50
N LEU A 941 21.59 49.74 3.21
CA LEU A 941 20.20 49.97 2.84
C LEU A 941 19.32 48.83 3.37
N MET A 942 19.84 47.61 3.36
CA MET A 942 19.07 46.48 3.88
C MET A 942 18.90 46.59 5.39
N MET A 943 19.99 46.93 6.09
CA MET A 943 19.93 47.03 7.55
C MET A 943 18.96 48.13 7.96
N GLU A 944 19.00 49.27 7.27
CA GLU A 944 18.06 50.35 7.56
C GLU A 944 16.62 49.95 7.22
N GLN A 945 16.43 49.19 6.14
CA GLN A 945 15.09 48.76 5.78
C GLN A 945 14.51 47.84 6.85
N ARG A 946 15.26 46.83 7.26
CA ARG A 946 14.81 45.90 8.28
C ARG A 946 15.00 46.47 9.67
N SER A 1028 29.56 58.83 -7.73
CA SER A 1028 29.06 57.52 -7.36
C SER A 1028 29.40 56.48 -8.42
N ASN A 1029 28.98 56.75 -9.66
CA ASN A 1029 29.24 55.82 -10.75
C ASN A 1029 30.73 55.68 -11.00
N VAL A 1030 31.47 56.79 -10.96
CA VAL A 1030 32.92 56.73 -11.14
C VAL A 1030 33.55 55.92 -10.04
N ARG A 1031 33.03 56.04 -8.81
CA ARG A 1031 33.55 55.26 -7.69
C ARG A 1031 33.23 53.80 -7.87
N ARG A 1032 31.99 53.48 -8.29
CA ARG A 1032 31.62 52.09 -8.53
C ARG A 1032 32.52 51.45 -9.58
N MET A 1033 32.84 52.17 -10.65
CA MET A 1033 33.70 51.59 -11.69
C MET A 1033 35.14 51.46 -11.22
N HIS A 1034 35.65 52.49 -10.54
CA HIS A 1034 37.03 52.45 -10.05
C HIS A 1034 37.22 51.41 -8.97
N THR A 1035 36.14 50.97 -8.35
CA THR A 1035 36.22 49.88 -7.38
C THR A 1035 35.97 48.53 -8.02
N ALA A 1036 35.13 48.50 -9.05
CA ALA A 1036 34.93 47.28 -9.82
C ALA A 1036 36.22 46.83 -10.49
N VAL A 1037 37.07 47.78 -10.90
CA VAL A 1037 38.33 47.35 -11.50
C VAL A 1037 39.27 46.76 -10.44
N LYS A 1038 39.19 47.22 -9.19
CA LYS A 1038 39.94 46.59 -8.12
C LYS A 1038 39.44 45.17 -7.86
N LEU A 1039 38.11 45.02 -7.81
CA LEU A 1039 37.51 43.71 -7.72
C LEU A 1039 37.98 42.81 -8.86
N ASN A 1040 38.07 43.37 -10.07
CA ASN A 1040 38.62 42.64 -11.20
C ASN A 1040 40.04 42.18 -10.92
N GLU A 1041 40.89 43.11 -10.46
CA GLU A 1041 42.28 42.75 -10.17
C GLU A 1041 42.35 41.55 -9.24
N VAL A 1042 41.67 41.62 -8.10
CA VAL A 1042 41.74 40.52 -7.13
C VAL A 1042 41.15 39.24 -7.72
N ILE A 1043 39.98 39.33 -8.35
CA ILE A 1043 39.27 38.15 -8.80
C ILE A 1043 40.05 37.44 -9.90
N VAL A 1044 40.66 38.18 -10.82
CA VAL A 1044 41.43 37.53 -11.86
C VAL A 1044 42.74 37.00 -11.29
N ASN A 1045 43.40 37.76 -10.41
CA ASN A 1045 44.66 37.31 -9.85
C ASN A 1045 44.49 36.01 -9.07
N LYS A 1046 43.31 35.78 -8.50
CA LYS A 1046 43.07 34.56 -7.76
C LYS A 1046 42.40 33.45 -8.57
N SER A 1047 41.53 33.78 -9.51
CA SER A 1047 40.63 32.81 -10.11
C SER A 1047 40.62 32.83 -11.64
N HIS A 1048 41.63 33.44 -12.27
CA HIS A 1048 41.63 33.56 -13.73
C HIS A 1048 41.39 32.21 -14.41
N GLU A 1049 41.99 31.14 -13.89
CA GLU A 1049 41.91 29.84 -14.53
C GLU A 1049 40.83 28.94 -13.93
N ALA A 1050 39.81 29.50 -13.31
CA ALA A 1050 38.75 28.68 -12.75
C ALA A 1050 37.81 28.19 -13.84
N LYS A 1051 37.12 27.08 -13.56
CA LYS A 1051 36.16 26.54 -14.51
C LYS A 1051 34.80 27.21 -14.40
N LEU A 1052 34.48 27.79 -13.24
CA LEU A 1052 33.23 28.50 -13.03
C LEU A 1052 33.40 29.41 -11.83
N VAL A 1053 33.26 30.71 -12.03
CA VAL A 1053 33.41 31.68 -10.96
C VAL A 1053 32.01 32.16 -10.56
N LEU A 1054 31.53 31.69 -9.42
CA LEU A 1054 30.36 32.29 -8.80
C LEU A 1054 30.73 33.63 -8.18
N LEU A 1055 29.75 34.53 -8.13
CA LEU A 1055 30.03 35.88 -7.68
C LEU A 1055 28.72 36.53 -7.23
N ASN A 1056 28.73 37.09 -6.03
CA ASN A 1056 27.54 37.73 -5.49
C ASN A 1056 27.22 38.99 -6.30
N MET A 1057 25.96 39.40 -6.26
CA MET A 1057 25.58 40.56 -7.04
C MET A 1057 25.16 41.72 -6.15
N PRO A 1058 25.40 42.96 -6.60
CA PRO A 1058 24.75 44.11 -5.99
C PRO A 1058 23.39 44.36 -6.62
N GLY A 1059 22.51 44.97 -5.83
CA GLY A 1059 21.20 45.29 -6.30
C GLY A 1059 21.24 46.34 -7.40
N PRO A 1060 20.20 46.38 -8.23
CA PRO A 1060 20.13 47.40 -9.28
C PRO A 1060 19.90 48.77 -8.68
N PRO A 1061 20.27 49.83 -9.39
CA PRO A 1061 20.09 51.18 -8.84
C PRO A 1061 18.62 51.52 -8.69
N ARG A 1062 18.34 52.40 -7.74
CA ARG A 1062 16.96 52.86 -7.52
C ARG A 1062 16.46 53.68 -8.71
N ASN A 1063 17.28 54.61 -9.19
CA ASN A 1063 16.89 55.37 -10.37
C ASN A 1063 17.14 54.54 -11.62
N PRO A 1064 16.16 54.41 -12.52
CA PRO A 1064 16.38 53.64 -13.74
C PRO A 1064 17.26 54.37 -14.75
N GLU A 1065 17.81 55.52 -14.37
CA GLU A 1065 18.69 56.24 -15.28
C GLU A 1065 20.09 55.65 -15.28
N GLY A 1066 20.58 55.23 -14.11
CA GLY A 1066 21.90 54.67 -13.98
C GLY A 1066 21.96 53.22 -14.38
N ASP A 1067 20.97 52.75 -15.13
CA ASP A 1067 20.96 51.36 -15.56
C ASP A 1067 22.13 51.05 -16.49
N GLU A 1068 22.47 51.97 -17.39
CA GLU A 1068 23.66 51.81 -18.20
C GLU A 1068 24.91 51.71 -17.33
N ASN A 1069 24.99 52.55 -16.29
CA ASN A 1069 26.14 52.49 -15.39
C ASN A 1069 26.19 51.17 -14.66
N TYR A 1070 25.03 50.64 -14.27
CA TYR A 1070 24.95 49.36 -13.58
C TYR A 1070 25.43 48.24 -14.50
N MET A 1071 25.00 48.26 -15.76
CA MET A 1071 25.43 47.23 -16.69
C MET A 1071 26.92 47.34 -16.98
N GLU A 1072 27.44 48.57 -17.04
CA GLU A 1072 28.88 48.73 -17.22
C GLU A 1072 29.65 48.20 -16.01
N PHE A 1073 29.13 48.47 -14.81
CA PHE A 1073 29.72 47.93 -13.59
C PHE A 1073 29.78 46.41 -13.66
N LEU A 1074 28.67 45.77 -14.01
CA LEU A 1074 28.66 44.32 -14.09
C LEU A 1074 29.63 43.81 -15.15
N GLU A 1075 29.60 44.43 -16.34
CA GLU A 1075 30.45 43.98 -17.44
C GLU A 1075 31.92 44.08 -17.09
N VAL A 1076 32.34 45.18 -16.47
CA VAL A 1076 33.73 45.29 -16.04
C VAL A 1076 34.02 44.29 -14.93
N LEU A 1077 33.13 44.19 -13.94
CA LEU A 1077 33.29 43.27 -12.83
C LEU A 1077 33.51 41.84 -13.31
N THR A 1078 32.98 41.49 -14.47
CA THR A 1078 33.15 40.14 -15.01
C THR A 1078 34.13 40.08 -16.16
N GLU A 1079 34.90 41.13 -16.40
CA GLU A 1079 35.79 41.19 -17.55
C GLU A 1079 37.01 40.28 -17.34
N GLY A 1080 37.15 39.26 -18.19
CA GLY A 1080 38.32 38.40 -18.19
C GLY A 1080 38.11 37.02 -17.59
N LEU A 1081 36.92 36.73 -17.08
CA LEU A 1081 36.64 35.43 -16.48
C LEU A 1081 35.96 34.53 -17.51
N GLU A 1082 36.31 33.25 -17.50
CA GLU A 1082 35.83 32.35 -18.53
C GLU A 1082 34.33 32.10 -18.40
N ARG A 1083 33.87 31.75 -17.20
CA ARG A 1083 32.47 31.38 -17.00
C ARG A 1083 32.02 31.85 -15.64
N VAL A 1084 31.10 32.81 -15.61
CA VAL A 1084 30.65 33.47 -14.40
C VAL A 1084 29.18 33.18 -14.19
N LEU A 1085 28.82 32.89 -12.95
CA LEU A 1085 27.42 32.76 -12.52
C LEU A 1085 27.18 33.87 -11.51
N LEU A 1086 26.68 35.00 -11.99
CA LEU A 1086 26.28 36.07 -11.09
C LEU A 1086 25.05 35.65 -10.31
N VAL A 1087 25.10 35.79 -8.99
CA VAL A 1087 24.05 35.29 -8.12
C VAL A 1087 23.56 36.42 -7.23
N ARG A 1088 22.25 36.54 -7.11
CA ARG A 1088 21.62 37.52 -6.24
C ARG A 1088 20.54 36.82 -5.43
N GLY A 1089 20.67 36.82 -4.12
CA GLY A 1089 19.69 36.20 -3.25
C GLY A 1089 18.36 36.92 -3.24
N GLY A 1090 18.32 38.10 -2.62
CA GLY A 1090 17.10 38.90 -2.58
C GLY A 1090 15.92 38.19 -1.95
N GLY A 1091 16.16 37.35 -0.95
CA GLY A 1091 15.10 36.62 -0.29
C GLY A 1091 15.59 36.11 1.04
N SER A 1092 14.66 35.50 1.79
CA SER A 1092 15.00 34.87 3.07
C SER A 1092 15.52 33.46 2.80
N GLU A 1093 16.76 33.40 2.31
CA GLU A 1093 17.42 32.11 1.99
C GLU A 1093 18.38 31.74 3.12
N VAL A 1094 18.46 30.45 3.47
CA VAL A 1094 19.36 29.97 4.56
C VAL A 1094 20.07 28.70 4.09
N MET B 102 40.93 -20.82 -22.58
CA MET B 102 41.49 -20.22 -21.39
C MET B 102 40.71 -18.98 -20.96
N ALA B 103 40.28 -18.95 -19.71
CA ALA B 103 39.52 -17.83 -19.19
C ALA B 103 39.63 -17.81 -17.67
N ASN B 104 39.65 -16.60 -17.12
CA ASN B 104 39.65 -16.35 -15.67
C ASN B 104 38.44 -15.50 -15.31
N TYR B 105 37.28 -16.12 -15.16
CA TYR B 105 36.09 -15.34 -14.86
C TYR B 105 35.72 -15.56 -13.40
N THR B 106 34.73 -14.78 -12.95
CA THR B 106 34.26 -14.85 -11.58
C THR B 106 32.74 -14.78 -11.58
N ASN B 107 32.15 -15.15 -10.43
CA ASN B 107 30.71 -15.11 -10.27
C ASN B 107 30.27 -14.13 -9.19
N LEU B 108 31.19 -13.33 -8.66
CA LEU B 108 30.85 -12.42 -7.58
C LEU B 108 30.12 -11.21 -8.15
N THR B 109 29.88 -10.21 -7.33
CA THR B 109 29.14 -9.04 -7.76
C THR B 109 30.10 -7.90 -8.10
N GLN B 110 29.53 -6.80 -8.61
CA GLN B 110 30.25 -5.56 -8.85
C GLN B 110 29.52 -4.47 -8.07
N GLY B 111 30.19 -3.93 -7.06
CA GLY B 111 29.58 -2.92 -6.21
C GLY B 111 29.87 -1.50 -6.65
N ALA B 112 29.99 -0.63 -5.66
CA ALA B 112 30.22 0.79 -5.94
C ALA B 112 31.56 1.03 -6.61
N LYS B 113 32.55 0.17 -6.37
CA LYS B 113 33.87 0.37 -6.95
C LYS B 113 33.81 0.39 -8.48
N GLU B 114 33.04 -0.53 -9.05
CA GLU B 114 32.95 -0.57 -10.51
C GLU B 114 32.06 0.55 -11.04
N HIS B 115 30.91 0.77 -10.41
CA HIS B 115 30.04 1.84 -10.87
C HIS B 115 30.80 3.18 -10.88
N GLU B 116 31.63 3.39 -9.85
CA GLU B 116 32.43 4.60 -9.78
C GLU B 116 33.47 4.63 -10.89
N GLU B 117 34.11 3.48 -11.17
CA GLU B 117 35.09 3.49 -12.25
C GLU B 117 34.43 3.85 -13.57
N ALA B 118 33.28 3.24 -13.86
CA ALA B 118 32.53 3.56 -15.08
C ALA B 118 32.25 5.05 -15.17
N GLU B 119 31.72 5.63 -14.09
CA GLU B 119 31.38 7.04 -14.10
C GLU B 119 32.61 7.90 -14.34
N ASN B 120 33.73 7.57 -13.71
CA ASN B 120 34.94 8.34 -13.97
C ASN B 120 35.43 8.15 -15.39
N ILE B 121 35.36 6.92 -15.91
CA ILE B 121 35.83 6.56 -17.24
C ILE B 121 34.96 7.21 -18.30
N THR B 122 33.88 7.87 -17.85
CA THR B 122 33.04 8.62 -18.79
C THR B 122 33.91 9.49 -19.71
N GLU B 123 34.88 10.18 -19.14
CA GLU B 123 35.83 10.98 -19.90
C GLU B 123 37.18 11.02 -19.17
N LYS B 126 37.49 1.70 -23.87
CA LYS B 126 38.89 1.79 -23.47
C LYS B 126 39.58 0.43 -23.54
N LYS B 127 40.91 0.45 -23.68
CA LYS B 127 41.65 -0.80 -23.75
C LYS B 127 41.54 -1.63 -22.48
N PRO B 128 41.64 -1.06 -21.27
CA PRO B 128 41.47 -1.91 -20.07
C PRO B 128 40.09 -2.53 -19.98
N THR B 129 39.04 -1.76 -20.29
CA THR B 129 37.66 -2.26 -20.23
C THR B 129 37.42 -3.40 -21.20
N LYS B 130 37.96 -3.30 -22.42
CA LYS B 130 37.70 -4.30 -23.46
C LYS B 130 38.11 -5.72 -23.04
N THR B 131 39.22 -5.86 -22.33
CA THR B 131 39.68 -7.21 -21.96
C THR B 131 38.68 -7.95 -21.06
N PRO B 132 38.12 -7.37 -19.99
CA PRO B 132 37.09 -8.09 -19.22
C PRO B 132 35.80 -8.39 -19.98
N GLN B 133 35.56 -7.85 -21.17
CA GLN B 133 34.33 -8.16 -21.88
C GLN B 133 34.15 -9.68 -21.99
N MET B 134 32.98 -10.17 -21.58
CA MET B 134 32.69 -11.60 -21.59
C MET B 134 31.38 -11.88 -22.29
N GLY B 135 31.35 -12.98 -23.02
CA GLY B 135 30.17 -13.36 -23.78
C GLY B 135 29.02 -13.74 -22.87
N THR B 136 27.84 -13.86 -23.48
CA THR B 136 26.63 -14.17 -22.73
C THR B 136 26.77 -15.43 -21.89
N PHE B 137 27.38 -16.48 -22.45
CA PHE B 137 27.50 -17.74 -21.74
C PHE B 137 28.30 -17.58 -20.46
N MET B 138 29.57 -17.22 -20.58
CA MET B 138 30.45 -17.12 -19.43
C MET B 138 30.19 -15.87 -18.61
N GLY B 139 29.27 -15.02 -19.04
CA GLY B 139 29.02 -13.80 -18.33
C GLY B 139 27.75 -13.87 -17.51
N VAL B 140 26.72 -14.56 -17.99
CA VAL B 140 25.49 -14.61 -17.22
C VAL B 140 24.98 -16.03 -17.01
N TYR B 141 25.27 -16.95 -17.94
CA TYR B 141 24.80 -18.32 -17.75
C TYR B 141 25.55 -18.99 -16.61
N LEU B 142 26.88 -19.00 -16.66
CA LEU B 142 27.63 -19.70 -15.63
C LEU B 142 27.58 -19.03 -14.26
N PRO B 143 27.66 -17.71 -14.15
CA PRO B 143 27.46 -17.13 -12.81
C PRO B 143 26.12 -17.47 -12.19
N CYS B 144 25.03 -17.39 -12.97
CA CYS B 144 23.73 -17.71 -12.41
C CYS B 144 23.64 -19.21 -12.08
N LEU B 145 24.25 -20.05 -12.90
CA LEU B 145 24.19 -21.48 -12.65
C LEU B 145 24.99 -21.84 -11.40
N GLN B 146 26.19 -21.28 -11.27
CA GLN B 146 27.03 -21.50 -10.10
C GLN B 146 26.43 -20.91 -8.84
N ASN B 147 25.53 -19.94 -8.95
CA ASN B 147 24.98 -19.34 -7.74
C ASN B 147 23.60 -19.86 -7.38
N ILE B 148 22.89 -20.49 -8.33
CA ILE B 148 21.63 -21.13 -7.99
C ILE B 148 21.86 -22.49 -7.32
N PHE B 149 22.84 -23.26 -7.81
CA PHE B 149 23.10 -24.58 -7.24
C PHE B 149 23.73 -24.46 -5.86
N GLY B 150 22.89 -24.47 -4.83
CA GLY B 150 23.33 -24.33 -3.46
C GLY B 150 23.50 -25.66 -2.77
N VAL B 151 23.41 -25.63 -1.45
CA VAL B 151 23.60 -26.84 -0.65
C VAL B 151 22.33 -27.68 -0.59
N ILE B 152 21.15 -27.04 -0.67
CA ILE B 152 19.89 -27.76 -0.49
C ILE B 152 19.78 -28.94 -1.43
N LEU B 153 20.10 -28.73 -2.71
CA LEU B 153 20.03 -29.79 -3.70
C LEU B 153 20.65 -31.09 -3.22
N PHE B 154 21.66 -31.02 -2.36
CA PHE B 154 22.29 -32.24 -1.87
C PHE B 154 21.72 -32.63 -0.52
N LEU B 155 22.11 -31.90 0.52
CA LEU B 155 21.78 -32.27 1.89
C LEU B 155 20.28 -32.36 2.17
N ARG B 156 19.42 -31.75 1.36
CA ARG B 156 18.01 -31.81 1.68
C ARG B 156 17.08 -32.22 0.55
N LEU B 157 17.54 -32.32 -0.70
CA LEU B 157 16.60 -32.72 -1.74
C LEU B 157 16.14 -34.16 -1.57
N THR B 158 17.04 -35.09 -1.24
CA THR B 158 16.62 -36.47 -1.03
C THR B 158 15.63 -36.55 0.12
N TRP B 159 15.91 -35.84 1.21
CA TRP B 159 15.01 -35.83 2.34
C TRP B 159 13.65 -35.26 1.95
N VAL B 160 13.64 -34.21 1.14
CA VAL B 160 12.38 -33.59 0.75
C VAL B 160 11.57 -34.53 -0.12
N VAL B 161 12.21 -35.11 -1.14
CA VAL B 161 11.54 -36.10 -1.99
C VAL B 161 10.93 -37.20 -1.13
N GLY B 162 11.71 -37.75 -0.19
CA GLY B 162 11.21 -38.82 0.64
C GLY B 162 10.01 -38.41 1.48
N THR B 163 10.14 -37.31 2.22
CA THR B 163 9.07 -36.94 3.12
C THR B 163 7.90 -36.28 2.41
N ALA B 164 7.99 -36.02 1.10
CA ALA B 164 6.91 -35.38 0.38
C ALA B 164 6.22 -36.29 -0.62
N GLY B 165 6.88 -37.36 -1.08
CA GLY B 165 6.32 -38.14 -2.16
C GLY B 165 6.59 -37.43 -3.47
N VAL B 166 6.97 -38.19 -4.50
CA VAL B 166 7.46 -37.60 -5.75
C VAL B 166 6.48 -36.58 -6.30
N LEU B 167 5.18 -36.83 -6.14
CA LEU B 167 4.19 -35.90 -6.67
C LEU B 167 4.27 -34.54 -5.98
N GLN B 168 4.19 -34.53 -4.66
CA GLN B 168 4.22 -33.24 -3.96
C GLN B 168 5.60 -32.60 -4.03
N ALA B 169 6.67 -33.40 -4.09
CA ALA B 169 8.00 -32.82 -4.30
C ALA B 169 8.08 -32.13 -5.65
N PHE B 170 7.49 -32.74 -6.67
CA PHE B 170 7.42 -32.11 -7.98
C PHE B 170 6.63 -30.82 -7.92
N ALA B 171 5.54 -30.82 -7.17
CA ALA B 171 4.75 -29.61 -7.01
C ALA B 171 5.57 -28.51 -6.33
N ILE B 172 6.34 -28.87 -5.31
CA ILE B 172 7.15 -27.89 -4.60
C ILE B 172 8.18 -27.27 -5.53
N VAL B 173 8.95 -28.13 -6.21
CA VAL B 173 10.00 -27.64 -7.09
C VAL B 173 9.40 -26.81 -8.20
N LEU B 174 8.22 -27.20 -8.68
CA LEU B 174 7.61 -26.45 -9.77
C LEU B 174 7.14 -25.08 -9.30
N ILE B 175 6.52 -24.99 -8.12
CA ILE B 175 6.07 -23.69 -7.64
C ILE B 175 7.25 -22.75 -7.40
N CYS B 176 8.30 -23.26 -6.75
CA CYS B 176 9.47 -22.42 -6.50
C CYS B 176 10.09 -21.96 -7.81
N CYS B 177 10.26 -22.88 -8.75
CA CYS B 177 10.83 -22.53 -10.05
C CYS B 177 9.93 -21.59 -10.81
N CYS B 178 8.62 -21.64 -10.57
CA CYS B 178 7.71 -20.73 -11.26
C CYS B 178 7.86 -19.31 -10.74
N CYS B 179 7.98 -19.17 -9.42
CA CYS B 179 8.18 -17.80 -8.89
C CYS B 179 9.52 -17.27 -9.36
N THR B 180 10.56 -18.11 -9.38
CA THR B 180 11.87 -17.58 -9.79
C THR B 180 11.92 -17.33 -11.29
N MET B 181 11.12 -18.05 -12.08
CA MET B 181 11.12 -17.81 -13.52
C MET B 181 10.36 -16.54 -13.87
N LEU B 182 9.20 -16.33 -13.25
CA LEU B 182 8.50 -15.07 -13.48
C LEU B 182 9.32 -13.88 -13.00
N THR B 183 10.04 -14.04 -11.88
CA THR B 183 10.94 -12.99 -11.44
C THR B 183 12.09 -12.80 -12.41
N ALA B 184 12.55 -13.88 -13.05
CA ALA B 184 13.57 -13.72 -14.07
C ALA B 184 13.05 -12.94 -15.26
N ILE B 185 11.80 -13.18 -15.64
CA ILE B 185 11.22 -12.42 -16.74
C ILE B 185 11.11 -10.95 -16.38
N SER B 186 10.65 -10.64 -15.17
CA SER B 186 10.57 -9.24 -14.75
C SER B 186 11.95 -8.60 -14.67
N MET B 187 12.94 -9.34 -14.16
CA MET B 187 14.30 -8.80 -14.06
C MET B 187 14.92 -8.61 -15.43
N SER B 188 14.59 -9.47 -16.39
CA SER B 188 15.07 -9.27 -17.75
C SER B 188 14.41 -8.04 -18.38
N ALA B 189 13.13 -7.83 -18.08
CA ALA B 189 12.47 -6.61 -18.53
C ALA B 189 13.17 -5.39 -17.96
N ILE B 190 13.61 -5.46 -16.71
CA ILE B 190 14.40 -4.37 -16.14
C ILE B 190 15.74 -4.24 -16.85
N ALA B 191 16.35 -5.37 -17.22
CA ALA B 191 17.68 -5.32 -17.82
C ALA B 191 17.63 -4.69 -19.20
N THR B 192 16.58 -4.99 -19.97
CA THR B 192 16.51 -4.45 -21.33
C THR B 192 16.17 -2.97 -21.32
N ASN B 193 15.31 -2.55 -20.39
CA ASN B 193 14.88 -1.16 -20.30
C ASN B 193 16.03 -0.22 -19.98
N GLY B 194 16.39 0.63 -20.93
CA GLY B 194 17.42 1.62 -20.69
C GLY B 194 18.81 1.03 -20.68
N VAL B 195 19.79 1.92 -20.44
CA VAL B 195 21.18 1.51 -20.33
C VAL B 195 21.39 0.71 -19.06
N VAL B 196 22.20 -0.35 -19.17
CA VAL B 196 22.50 -1.22 -18.03
C VAL B 196 23.71 -0.66 -17.31
N PRO B 197 23.59 -0.23 -16.06
CA PRO B 197 24.73 0.32 -15.33
C PRO B 197 25.81 -0.73 -15.11
N ALA B 198 27.03 -0.25 -14.90
CA ALA B 198 28.18 -1.14 -14.77
C ALA B 198 28.22 -1.87 -13.44
N GLY B 199 27.51 -1.39 -12.42
CA GLY B 199 27.50 -2.05 -11.15
C GLY B 199 26.77 -3.38 -11.20
N GLY B 200 26.49 -3.91 -10.00
CA GLY B 200 25.81 -5.18 -9.92
C GLY B 200 24.34 -5.12 -10.31
N SER B 201 23.58 -6.14 -9.93
CA SER B 201 22.15 -6.13 -10.21
C SER B 201 21.43 -5.07 -9.40
N TYR B 202 21.99 -4.68 -8.26
CA TYR B 202 21.36 -3.65 -7.45
C TYR B 202 21.27 -2.34 -8.22
N PHE B 203 22.34 -1.97 -8.93
CA PHE B 203 22.33 -0.72 -9.67
C PHE B 203 21.32 -0.76 -10.81
N MET B 204 21.22 -1.88 -11.52
CA MET B 204 20.19 -1.99 -12.55
C MET B 204 18.80 -1.82 -11.95
N ILE B 205 18.52 -2.54 -10.86
CA ILE B 205 17.21 -2.46 -10.23
C ILE B 205 16.93 -1.03 -9.77
N SER B 206 17.94 -0.36 -9.22
CA SER B 206 17.77 1.01 -8.75
C SER B 206 17.47 1.95 -9.91
N ARG B 207 18.34 2.00 -10.91
CA ARG B 207 18.13 2.89 -12.04
C ARG B 207 16.85 2.58 -12.80
N ALA B 208 16.28 1.39 -12.63
CA ALA B 208 15.06 1.06 -13.33
C ALA B 208 13.80 1.29 -12.50
N LEU B 209 13.89 1.21 -11.17
CA LEU B 209 12.70 1.29 -10.33
C LEU B 209 12.72 2.47 -9.37
N GLY B 210 13.68 3.36 -9.49
CA GLY B 210 13.75 4.50 -8.60
C GLY B 210 14.43 4.11 -7.30
N PRO B 211 15.03 5.10 -6.63
CA PRO B 211 15.80 4.79 -5.42
C PRO B 211 14.99 4.16 -4.30
N GLU B 212 13.70 4.43 -4.21
CA GLU B 212 12.90 3.84 -3.12
C GLU B 212 12.87 2.32 -3.22
N PHE B 213 12.40 1.81 -4.36
CA PHE B 213 12.43 0.38 -4.58
C PHE B 213 13.84 -0.15 -4.63
N GLY B 214 14.78 0.65 -5.14
CA GLY B 214 16.16 0.20 -5.17
C GLY B 214 16.68 -0.10 -3.79
N GLY B 215 16.44 0.80 -2.83
CA GLY B 215 16.91 0.58 -1.49
C GLY B 215 16.15 -0.52 -0.76
N ALA B 216 14.83 -0.59 -0.95
CA ALA B 216 14.08 -1.66 -0.31
C ALA B 216 14.54 -3.03 -0.78
N VAL B 217 14.62 -3.22 -2.11
CA VAL B 217 15.10 -4.46 -2.67
C VAL B 217 16.55 -4.70 -2.26
N GLY B 218 17.36 -3.66 -2.23
CA GLY B 218 18.75 -3.82 -1.82
C GLY B 218 18.88 -4.39 -0.43
N LEU B 219 18.15 -3.82 0.52
CA LEU B 219 18.26 -4.32 1.90
C LEU B 219 17.64 -5.70 2.06
N CYS B 220 16.51 -5.96 1.40
CA CYS B 220 15.90 -7.29 1.55
C CYS B 220 16.79 -8.36 0.92
N PHE B 221 17.31 -8.10 -0.28
CA PHE B 221 18.25 -9.00 -0.91
C PHE B 221 19.53 -9.10 -0.11
N TYR B 222 19.91 -8.05 0.61
CA TYR B 222 21.12 -8.10 1.42
C TYR B 222 20.94 -9.01 2.63
N LEU B 223 19.82 -8.89 3.32
CA LEU B 223 19.55 -9.81 4.41
C LEU B 223 19.45 -11.24 3.89
N GLY B 224 18.82 -11.42 2.74
CA GLY B 224 18.83 -12.71 2.08
C GLY B 224 20.24 -13.25 1.90
N THR B 225 21.14 -12.44 1.35
CA THR B 225 22.50 -12.92 1.08
C THR B 225 23.26 -13.20 2.36
N THR B 226 23.06 -12.40 3.41
CA THR B 226 23.75 -12.68 4.67
C THR B 226 23.26 -13.99 5.28
N PHE B 227 21.95 -14.17 5.39
CA PHE B 227 21.46 -15.44 5.91
C PHE B 227 21.80 -16.59 4.99
N ALA B 228 22.07 -16.32 3.71
CA ALA B 228 22.57 -17.38 2.85
C ALA B 228 24.01 -17.73 3.19
N ALA B 229 24.83 -16.74 3.50
CA ALA B 229 26.17 -17.05 3.98
C ALA B 229 26.12 -17.84 5.28
N ALA B 230 25.08 -17.61 6.08
CA ALA B 230 24.93 -18.37 7.32
C ALA B 230 24.49 -19.79 7.04
N MET B 231 23.50 -19.98 6.17
CA MET B 231 23.07 -21.33 5.83
C MET B 231 24.20 -22.11 5.17
N TYR B 232 24.96 -21.47 4.30
CA TYR B 232 26.03 -22.20 3.62
C TYR B 232 27.15 -22.57 4.57
N ILE B 233 27.45 -21.72 5.55
CA ILE B 233 28.45 -22.12 6.54
C ILE B 233 27.90 -23.26 7.40
N LEU B 234 26.63 -23.17 7.80
CA LEU B 234 26.03 -24.26 8.54
C LEU B 234 26.05 -25.55 7.74
N GLY B 235 25.81 -25.47 6.44
CA GLY B 235 25.82 -26.67 5.61
C GLY B 235 27.20 -27.27 5.48
N ALA B 236 28.21 -26.43 5.24
CA ALA B 236 29.57 -26.95 5.20
C ALA B 236 29.96 -27.59 6.51
N ILE B 237 29.57 -26.98 7.63
CA ILE B 237 29.88 -27.56 8.93
C ILE B 237 29.14 -28.88 9.12
N GLU B 238 27.86 -28.92 8.76
CA GLU B 238 27.07 -30.14 8.91
C GLU B 238 27.67 -31.26 8.07
N ILE B 239 28.10 -30.97 6.85
CA ILE B 239 28.68 -32.01 6.02
C ILE B 239 29.98 -32.49 6.62
N PHE B 240 30.85 -31.56 7.02
CA PHE B 240 32.12 -31.96 7.58
C PHE B 240 31.94 -32.81 8.82
N LEU B 241 31.01 -32.40 9.69
CA LEU B 241 30.90 -32.97 11.02
C LEU B 241 30.12 -34.26 11.01
N VAL B 242 29.04 -34.32 10.24
CA VAL B 242 28.19 -35.50 10.25
C VAL B 242 28.74 -36.56 9.33
N TYR B 243 29.22 -36.18 8.14
CA TYR B 243 29.61 -37.17 7.15
C TYR B 243 31.11 -37.34 7.03
N ILE B 244 31.89 -36.27 7.01
CA ILE B 244 33.33 -36.44 6.79
C ILE B 244 34.02 -36.93 8.05
N VAL B 245 34.07 -36.08 9.06
CA VAL B 245 34.82 -36.51 10.27
C VAL B 245 33.93 -36.39 11.50
N PRO B 246 33.06 -37.39 11.78
CA PRO B 246 32.20 -37.36 12.95
C PRO B 246 33.04 -37.39 14.24
N ARG B 247 34.15 -38.11 14.22
CA ARG B 247 35.06 -38.25 15.40
C ARG B 247 35.43 -36.87 15.96
N ALA B 248 35.78 -35.91 15.09
CA ALA B 248 36.19 -34.56 15.57
C ALA B 248 34.97 -33.68 15.86
N ALA B 249 34.16 -34.04 16.85
CA ALA B 249 33.03 -33.21 17.29
C ALA B 249 33.35 -32.79 18.73
N ILE B 250 33.35 -31.50 19.04
CA ILE B 250 33.77 -31.09 20.41
C ILE B 250 32.82 -31.62 21.49
N PHE B 251 31.50 -31.58 21.29
CA PHE B 251 30.60 -32.10 22.34
C PHE B 251 30.12 -33.49 21.93
N HIS B 252 30.68 -34.54 22.53
CA HIS B 252 30.24 -35.91 22.17
C HIS B 252 28.78 -36.03 22.58
N SER B 253 27.93 -36.61 21.72
CA SER B 253 26.50 -36.74 22.08
C SER B 253 26.39 -37.66 23.29
N ASP B 254 25.52 -37.32 24.26
CA ASP B 254 25.38 -38.17 25.48
C ASP B 254 23.91 -38.51 25.68
N ASP B 255 23.64 -39.66 26.31
CA ASP B 255 22.25 -40.10 26.62
C ASP B 255 21.42 -40.13 25.33
N ALA B 256 20.19 -39.59 25.39
CA ALA B 256 19.30 -39.57 24.21
C ALA B 256 18.88 -38.13 23.89
N LEU B 257 18.15 -37.49 24.83
CA LEU B 257 17.72 -36.08 24.61
C LEU B 257 18.96 -35.19 24.53
N LYS B 258 19.94 -35.45 25.41
CA LYS B 258 21.19 -34.66 25.44
C LYS B 258 21.95 -34.88 24.13
N GLU B 259 21.93 -36.10 23.58
CA GLU B 259 22.66 -36.39 22.32
C GLU B 259 22.12 -35.53 21.18
N SER B 260 20.80 -35.34 21.13
CA SER B 260 20.18 -34.52 20.05
C SER B 260 20.63 -33.06 20.14
N ALA B 261 20.70 -32.50 21.35
CA ALA B 261 21.12 -31.09 21.49
C ALA B 261 22.64 -31.01 21.66
N ALA B 262 23.32 -32.16 21.72
CA ALA B 262 24.80 -32.17 21.79
C ALA B 262 25.33 -31.67 20.45
N MET B 263 24.67 -32.06 19.37
CA MET B 263 25.07 -31.70 17.99
C MET B 263 25.00 -30.19 17.80
N LEU B 264 23.94 -29.53 18.28
CA LEU B 264 23.80 -28.07 18.05
C LEU B 264 25.01 -27.35 18.64
N ASN B 265 25.44 -27.72 19.83
CA ASN B 265 26.65 -27.06 20.40
C ASN B 265 27.84 -27.33 19.48
N ASN B 266 27.99 -28.54 18.94
CA ASN B 266 29.14 -28.74 18.00
C ASN B 266 28.95 -27.80 16.82
N MET B 267 27.73 -27.69 16.31
CA MET B 267 27.51 -26.90 15.11
C MET B 267 27.65 -25.42 15.39
N ARG B 268 27.16 -24.94 16.53
CA ARG B 268 27.31 -23.53 16.85
C ARG B 268 28.78 -23.14 16.94
N VAL B 269 29.56 -23.92 17.70
CA VAL B 269 30.96 -23.54 17.88
C VAL B 269 31.72 -23.68 16.55
N TYR B 270 31.51 -24.76 15.81
CA TYR B 270 32.22 -24.92 14.55
C TYR B 270 31.78 -23.88 13.53
N GLY B 271 30.49 -23.54 13.51
CA GLY B 271 30.03 -22.54 12.56
C GLY B 271 30.56 -21.16 12.87
N THR B 272 30.60 -20.79 14.14
CA THR B 272 31.22 -19.50 14.48
C THR B 272 32.69 -19.48 14.13
N ALA B 273 33.42 -20.56 14.42
CA ALA B 273 34.82 -20.62 14.03
C ALA B 273 34.97 -20.50 12.51
N PHE B 274 34.14 -21.23 11.77
CA PHE B 274 34.21 -21.20 10.31
C PHE B 274 33.83 -19.83 9.76
N LEU B 275 32.87 -19.16 10.39
CA LEU B 275 32.48 -17.83 9.94
C LEU B 275 33.60 -16.83 10.18
N VAL B 276 34.29 -16.92 11.31
CA VAL B 276 35.42 -16.04 11.53
C VAL B 276 36.52 -16.34 10.52
N LEU B 277 36.68 -17.61 10.15
CA LEU B 277 37.68 -17.95 9.14
C LEU B 277 37.30 -17.37 7.78
N MET B 278 36.03 -17.53 7.39
CA MET B 278 35.59 -17.05 6.09
C MET B 278 35.66 -15.53 6.02
N VAL B 279 35.31 -14.86 7.11
CA VAL B 279 35.43 -13.40 7.16
C VAL B 279 36.87 -12.98 7.00
N LEU B 280 37.81 -13.66 7.67
CA LEU B 280 39.20 -13.30 7.46
C LEU B 280 39.63 -13.53 6.01
N VAL B 281 39.17 -14.64 5.41
CA VAL B 281 39.52 -14.92 4.02
C VAL B 281 39.01 -13.83 3.09
N VAL B 282 37.73 -13.47 3.21
CA VAL B 282 37.17 -12.46 2.32
C VAL B 282 37.81 -11.10 2.58
N PHE B 283 38.18 -10.82 3.82
CA PHE B 283 38.79 -9.53 4.13
C PHE B 283 40.18 -9.44 3.54
N ILE B 284 40.92 -10.55 3.54
CA ILE B 284 42.29 -10.58 3.06
C ILE B 284 42.35 -11.61 1.94
N GLY B 285 42.21 -11.15 0.70
CA GLY B 285 42.40 -12.05 -0.42
C GLY B 285 41.18 -12.47 -1.22
N VAL B 286 40.21 -11.57 -1.37
CA VAL B 286 39.03 -11.85 -2.18
C VAL B 286 39.45 -12.20 -3.61
N ARG B 287 40.64 -11.76 -4.03
CA ARG B 287 41.14 -12.10 -5.35
C ARG B 287 41.25 -13.61 -5.51
N TYR B 288 41.63 -14.30 -4.45
CA TYR B 288 41.72 -15.75 -4.52
C TYR B 288 40.35 -16.37 -4.73
N VAL B 289 39.32 -15.78 -4.13
CA VAL B 289 37.94 -16.22 -4.35
C VAL B 289 37.56 -16.03 -5.81
N ASN B 290 37.89 -14.88 -6.37
CA ASN B 290 37.66 -14.67 -7.81
C ASN B 290 38.38 -15.74 -8.62
N LYS B 291 39.59 -16.09 -8.22
CA LYS B 291 40.37 -17.06 -8.98
C LYS B 291 39.74 -18.45 -8.92
N PHE B 292 39.21 -18.83 -7.77
CA PHE B 292 38.70 -20.18 -7.56
C PHE B 292 37.19 -20.32 -7.74
N ALA B 293 36.50 -19.26 -8.14
CA ALA B 293 35.10 -19.41 -8.54
C ALA B 293 34.94 -20.48 -9.62
N SER B 294 35.90 -20.57 -10.54
CA SER B 294 35.83 -21.59 -11.58
C SER B 294 35.95 -22.99 -10.99
N LEU B 295 36.83 -23.16 -10.00
CA LEU B 295 36.94 -24.47 -9.35
C LEU B 295 35.66 -24.83 -8.61
N PHE B 296 35.03 -23.83 -7.98
CA PHE B 296 33.77 -24.11 -7.30
C PHE B 296 32.71 -24.57 -8.29
N LEU B 297 32.60 -23.88 -9.43
CA LEU B 297 31.63 -24.32 -10.42
C LEU B 297 31.96 -25.71 -10.95
N ALA B 298 33.26 -25.99 -11.13
CA ALA B 298 33.69 -27.33 -11.54
C ALA B 298 33.21 -28.38 -10.55
N CYS B 299 33.39 -28.13 -9.25
CA CYS B 299 32.94 -29.07 -8.24
C CYS B 299 31.45 -29.29 -8.33
N VAL B 300 30.68 -28.20 -8.45
CA VAL B 300 29.22 -28.34 -8.55
C VAL B 300 28.83 -29.22 -9.73
N ILE B 301 29.38 -28.92 -10.92
CA ILE B 301 28.94 -29.62 -12.11
C ILE B 301 29.42 -31.06 -12.10
N VAL B 302 30.62 -31.31 -11.58
CA VAL B 302 31.09 -32.68 -11.46
C VAL B 302 30.19 -33.46 -10.51
N SER B 303 29.76 -32.82 -9.43
CA SER B 303 28.87 -33.50 -8.51
C SER B 303 27.54 -33.86 -9.15
N ILE B 304 26.95 -32.92 -9.90
CA ILE B 304 25.66 -33.22 -10.53
C ILE B 304 25.82 -34.31 -11.58
N LEU B 305 26.89 -34.27 -12.37
CA LEU B 305 27.11 -35.32 -13.35
C LEU B 305 27.36 -36.65 -12.66
N ALA B 306 27.99 -36.65 -11.48
CA ALA B 306 28.14 -37.89 -10.72
C ALA B 306 26.79 -38.42 -10.26
N ILE B 307 25.89 -37.54 -9.84
CA ILE B 307 24.54 -37.96 -9.48
C ILE B 307 23.87 -38.63 -10.67
N TYR B 308 23.93 -38.00 -11.83
CA TYR B 308 23.29 -38.58 -13.01
C TYR B 308 23.95 -39.89 -13.41
N ALA B 309 25.27 -39.96 -13.33
CA ALA B 309 25.96 -41.20 -13.69
C ALA B 309 25.59 -42.33 -12.74
N GLY B 310 25.45 -42.03 -11.45
CA GLY B 310 24.96 -43.02 -10.52
C GLY B 310 23.56 -43.47 -10.85
N ALA B 311 22.68 -42.52 -11.15
CA ALA B 311 21.31 -42.86 -11.50
C ALA B 311 21.27 -43.77 -12.72
N ILE B 312 22.11 -43.50 -13.71
CA ILE B 312 22.14 -44.32 -14.92
C ILE B 312 22.69 -45.71 -14.60
N LYS B 313 23.84 -45.76 -13.92
CA LYS B 313 24.41 -47.05 -13.53
C LYS B 313 23.43 -47.87 -12.71
N SER B 314 22.53 -47.19 -12.00
CA SER B 314 21.55 -47.88 -11.18
C SER B 314 20.48 -48.59 -11.98
N SER B 315 20.58 -48.60 -13.31
CA SER B 315 19.58 -49.31 -14.10
C SER B 315 19.91 -50.80 -14.17
N PHE B 316 21.11 -51.13 -14.66
CA PHE B 316 21.53 -52.54 -14.69
C PHE B 316 22.14 -52.98 -13.36
N ALA B 317 23.18 -52.27 -12.90
CA ALA B 317 23.91 -52.62 -11.69
C ALA B 317 23.77 -51.56 -10.62
N PRO B 318 22.83 -51.71 -9.70
CA PRO B 318 22.72 -50.77 -8.59
C PRO B 318 23.72 -51.11 -7.50
N PRO B 319 24.06 -50.15 -6.64
CA PRO B 319 25.08 -50.38 -5.62
C PRO B 319 24.55 -51.16 -4.43
N HIS B 320 25.49 -51.66 -3.64
CA HIS B 320 25.21 -52.52 -2.49
C HIS B 320 25.15 -51.72 -1.18
N PHE B 321 24.17 -50.84 -1.09
CA PHE B 321 23.94 -50.16 0.17
C PHE B 321 22.72 -50.76 0.85
N PRO B 322 22.89 -51.75 1.72
CA PRO B 322 21.74 -52.39 2.37
C PRO B 322 21.38 -51.67 3.67
N VAL B 323 20.14 -51.91 4.10
CA VAL B 323 19.62 -51.31 5.31
C VAL B 323 19.03 -52.40 6.19
N CYS B 324 19.46 -52.45 7.45
CA CYS B 324 18.84 -53.36 8.41
C CYS B 324 17.47 -52.83 8.79
N MET B 325 16.46 -53.68 8.67
CA MET B 325 15.11 -53.27 9.05
C MET B 325 14.45 -54.38 9.86
N LEU B 326 13.95 -54.01 11.03
CA LEU B 326 13.27 -54.92 11.97
C LEU B 326 11.79 -54.88 11.65
N GLY B 327 11.32 -55.86 10.90
CA GLY B 327 9.93 -55.81 10.47
C GLY B 327 9.80 -54.61 9.57
N ASN B 328 8.83 -53.75 9.87
CA ASN B 328 8.67 -52.51 9.11
C ASN B 328 9.25 -51.32 9.86
N ARG B 329 10.15 -51.57 10.81
CA ARG B 329 10.84 -50.53 11.58
C ARG B 329 12.27 -50.44 11.08
N THR B 330 12.66 -49.27 10.58
CA THR B 330 14.02 -49.12 10.08
C THR B 330 14.99 -48.93 11.23
N LEU B 331 16.14 -49.60 11.14
CA LEU B 331 17.19 -49.48 12.13
C LEU B 331 18.34 -48.63 11.61
N SER B 332 19.08 -48.02 12.54
CA SER B 332 20.29 -47.31 12.18
C SER B 332 21.41 -48.34 12.03
N SER B 333 22.33 -48.07 11.12
CA SER B 333 23.43 -49.00 10.91
C SER B 333 24.78 -48.42 11.31
N ARG B 334 24.79 -47.38 12.14
CA ARG B 334 26.05 -46.76 12.50
C ARG B 334 26.89 -47.69 13.35
N HIS B 335 26.24 -48.54 14.14
CA HIS B 335 26.90 -49.43 15.09
C HIS B 335 26.68 -50.90 14.80
N ILE B 336 25.60 -51.26 14.10
CA ILE B 336 25.33 -52.65 13.77
C ILE B 336 26.29 -53.11 12.68
N ASP B 337 26.58 -54.42 12.68
CA ASP B 337 27.46 -54.98 11.68
C ASP B 337 26.74 -55.92 10.73
N VAL B 338 25.89 -56.79 11.23
CA VAL B 338 25.15 -57.74 10.42
C VAL B 338 23.66 -57.52 10.67
N CYS B 339 22.86 -57.51 9.61
CA CYS B 339 21.42 -57.37 9.76
C CYS B 339 20.83 -58.76 10.05
N SER B 340 21.32 -59.35 11.13
CA SER B 340 20.93 -60.69 11.56
C SER B 340 20.88 -60.68 13.07
N LYS B 341 19.92 -61.41 13.63
CA LYS B 341 19.75 -61.40 15.07
C LYS B 341 20.94 -62.01 15.79
N THR B 342 21.48 -63.09 15.26
CA THR B 342 22.64 -63.76 15.84
C THR B 342 23.80 -63.73 14.85
N LYS B 343 24.94 -63.21 15.29
CA LYS B 343 26.15 -63.16 14.48
C LYS B 343 27.05 -64.33 14.88
N GLU B 344 27.17 -65.31 14.00
CA GLU B 344 27.99 -66.48 14.29
C GLU B 344 29.45 -66.08 14.44
N ILE B 345 30.06 -66.50 15.56
CA ILE B 345 31.46 -66.21 15.85
C ILE B 345 32.16 -67.52 16.16
N ASN B 346 33.22 -67.83 15.41
CA ASN B 346 34.03 -69.03 15.62
C ASN B 346 33.19 -70.30 15.67
N ASN B 347 32.27 -70.42 14.71
CA ASN B 347 31.35 -71.56 14.59
C ASN B 347 30.37 -71.62 15.76
N MET B 348 30.15 -70.50 16.43
CA MET B 348 29.20 -70.41 17.54
C MET B 348 28.22 -69.29 17.23
N THR B 349 26.93 -69.59 17.32
CA THR B 349 25.87 -68.65 16.97
C THR B 349 25.64 -67.70 18.15
N VAL B 350 26.60 -66.80 18.33
CA VAL B 350 26.57 -65.76 19.36
C VAL B 350 25.57 -64.70 18.92
N PRO B 351 24.86 -64.03 19.83
CA PRO B 351 23.94 -62.97 19.39
C PRO B 351 24.68 -61.76 18.85
N SER B 352 24.13 -61.19 17.78
CA SER B 352 24.69 -60.02 17.12
C SER B 352 24.52 -58.78 17.99
N LYS B 353 25.27 -57.72 17.64
CA LYS B 353 25.25 -56.50 18.44
C LYS B 353 23.84 -55.94 18.57
N LEU B 354 23.05 -55.96 17.48
CA LEU B 354 21.69 -55.48 17.56
C LEU B 354 20.93 -56.16 18.69
N TRP B 355 21.24 -57.43 18.96
CA TRP B 355 20.69 -58.07 20.15
C TRP B 355 21.07 -57.29 21.39
N GLY B 356 22.33 -56.84 21.46
CA GLY B 356 22.80 -56.02 22.56
C GLY B 356 22.15 -54.66 22.62
N PHE B 357 21.56 -54.21 21.52
CA PHE B 357 20.90 -52.92 21.48
C PHE B 357 19.40 -53.03 21.68
N PHE B 358 18.86 -54.25 21.67
CA PHE B 358 17.46 -54.48 21.93
C PHE B 358 17.24 -55.40 23.13
N CYS B 359 18.30 -56.04 23.61
CA CYS B 359 18.24 -56.96 24.73
C CYS B 359 19.49 -56.67 25.57
N ASN B 360 19.33 -56.55 26.88
CA ASN B 360 20.44 -56.13 27.70
C ASN B 360 21.32 -57.26 28.18
N SER B 361 20.95 -58.52 27.90
CA SER B 361 21.77 -59.64 28.35
C SER B 361 23.13 -59.66 27.67
N SER B 362 23.12 -59.56 26.33
CA SER B 362 24.31 -59.54 25.47
C SER B 362 24.95 -60.92 25.36
N GLN B 363 24.46 -61.92 26.08
CA GLN B 363 24.99 -63.28 26.02
C GLN B 363 23.91 -64.30 25.66
N PHE B 364 22.68 -63.85 25.42
CA PHE B 364 21.55 -64.72 25.10
C PHE B 364 21.40 -65.85 26.12
N PHE B 365 21.83 -65.60 27.36
CA PHE B 365 21.65 -66.55 28.45
C PHE B 365 20.31 -66.23 29.08
N ASN B 366 19.24 -66.87 28.60
CA ASN B 366 17.88 -66.58 29.06
C ASN B 366 17.60 -65.09 28.89
N ALA B 367 17.98 -64.56 27.73
CA ALA B 367 17.90 -63.13 27.47
C ALA B 367 16.46 -62.61 27.46
N THR B 368 16.26 -61.46 28.11
CA THR B 368 14.97 -60.78 28.12
C THR B 368 14.97 -59.78 26.97
N CYS B 369 14.44 -60.21 25.82
CA CYS B 369 14.33 -59.35 24.65
C CYS B 369 12.96 -58.71 24.63
N ASP B 370 12.89 -57.47 24.14
CA ASP B 370 11.62 -56.77 24.15
C ASP B 370 10.63 -57.38 23.16
N GLU B 371 9.45 -56.76 23.08
CA GLU B 371 8.34 -57.34 22.33
C GLU B 371 8.60 -57.38 20.82
N TYR B 372 8.88 -56.21 20.23
CA TYR B 372 8.99 -56.14 18.78
C TYR B 372 10.16 -56.96 18.30
N PHE B 373 11.23 -57.00 19.09
CA PHE B 373 12.41 -57.78 18.71
C PHE B 373 12.09 -59.27 18.66
N VAL B 374 11.40 -59.79 19.68
CA VAL B 374 11.13 -61.22 19.68
C VAL B 374 10.13 -61.60 18.61
N HIS B 375 9.16 -60.73 18.33
CA HIS B 375 8.12 -61.13 17.38
C HIS B 375 8.59 -61.02 15.94
N ASN B 376 9.23 -59.91 15.57
CA ASN B 376 9.47 -59.60 14.16
C ASN B 376 10.82 -60.17 13.74
N ASN B 377 11.29 -59.79 12.55
CA ASN B 377 12.55 -60.28 12.02
C ASN B 377 13.37 -59.11 11.50
N VAL B 378 14.69 -59.22 11.65
CA VAL B 378 15.59 -58.26 11.03
C VAL B 378 15.86 -58.74 9.60
N THR B 379 15.81 -57.81 8.65
CA THR B 379 15.97 -58.14 7.24
C THR B 379 16.91 -57.15 6.59
N SER B 380 17.62 -57.60 5.56
CA SER B 380 18.47 -56.71 4.77
C SER B 380 17.70 -56.33 3.51
N ILE B 381 17.28 -55.07 3.45
CA ILE B 381 16.54 -54.54 2.31
C ILE B 381 17.52 -53.77 1.45
N GLN B 382 17.53 -54.07 0.15
CA GLN B 382 18.42 -53.35 -0.75
C GLN B 382 18.06 -51.87 -0.70
N GLY B 383 19.02 -51.03 -0.35
CA GLY B 383 18.72 -49.62 -0.14
C GLY B 383 18.64 -48.83 -1.42
N ILE B 384 19.41 -49.21 -2.43
CA ILE B 384 19.33 -48.57 -3.74
C ILE B 384 18.89 -49.64 -4.71
N PRO B 385 17.59 -49.83 -4.92
CA PRO B 385 17.14 -50.76 -5.95
C PRO B 385 17.36 -50.15 -7.32
N GLY B 386 17.25 -50.99 -8.33
CA GLY B 386 17.50 -50.53 -9.68
C GLY B 386 16.52 -49.45 -10.09
N LEU B 387 16.95 -48.63 -11.06
CA LEU B 387 16.02 -47.66 -11.62
C LEU B 387 14.84 -48.35 -12.26
N ALA B 388 15.05 -49.55 -12.80
CA ALA B 388 13.99 -50.37 -13.36
C ALA B 388 13.29 -51.23 -12.32
N SER B 389 13.73 -51.21 -11.06
CA SER B 389 13.09 -52.02 -10.03
C SER B 389 11.65 -51.62 -9.82
N GLY B 390 11.32 -50.34 -9.99
CA GLY B 390 9.95 -49.89 -9.87
C GLY B 390 9.52 -49.46 -8.49
N ILE B 391 10.46 -49.02 -7.65
CA ILE B 391 10.10 -48.55 -6.31
C ILE B 391 9.39 -47.20 -6.35
N ILE B 392 9.46 -46.51 -7.49
CA ILE B 392 8.82 -45.20 -7.59
C ILE B 392 7.34 -45.32 -7.26
N THR B 393 6.73 -46.43 -7.67
CA THR B 393 5.31 -46.62 -7.35
C THR B 393 5.11 -46.67 -5.84
N GLU B 394 6.12 -47.11 -5.11
CA GLU B 394 6.00 -47.21 -3.66
C GLU B 394 6.13 -45.83 -3.02
N ASN B 395 7.11 -45.05 -3.44
CA ASN B 395 7.36 -43.76 -2.79
C ASN B 395 6.69 -42.58 -3.47
N LEU B 396 5.61 -42.81 -4.20
CA LEU B 396 4.87 -41.77 -4.90
C LEU B 396 3.90 -41.01 -3.99
N TRP B 397 4.00 -41.12 -2.67
CA TRP B 397 2.98 -40.52 -1.81
C TRP B 397 3.63 -39.91 -0.59
N SER B 398 2.98 -38.88 -0.05
CA SER B 398 3.52 -38.13 1.07
C SER B 398 3.55 -38.98 2.33
N ASN B 399 4.47 -38.63 3.24
CA ASN B 399 4.54 -39.24 4.56
C ASN B 399 4.21 -38.27 5.69
N TYR B 400 4.92 -37.15 5.77
CA TYR B 400 4.63 -36.07 6.71
C TYR B 400 4.47 -36.57 8.15
N LEU B 401 5.29 -37.53 8.54
CA LEU B 401 5.23 -38.05 9.90
C LEU B 401 5.79 -37.01 10.88
N PRO B 402 5.13 -36.81 12.02
CA PRO B 402 5.61 -35.81 12.99
C PRO B 402 6.92 -36.17 13.66
N LYS B 403 7.36 -35.30 14.57
CA LYS B 403 8.67 -35.44 15.21
C LYS B 403 8.75 -36.70 16.05
N GLY B 404 9.90 -37.37 15.98
CA GLY B 404 10.19 -38.51 16.82
C GLY B 404 9.51 -39.80 16.44
N GLU B 405 8.73 -39.82 15.36
CA GLU B 405 8.09 -41.04 14.91
C GLU B 405 9.09 -41.96 14.23
N ILE B 406 8.98 -43.25 14.52
CA ILE B 406 9.83 -44.24 13.85
C ILE B 406 9.43 -44.32 12.38
N ILE B 407 10.44 -44.38 11.51
CA ILE B 407 10.22 -44.41 10.07
C ILE B 407 9.87 -45.83 9.66
N GLU B 408 8.70 -46.02 9.07
CA GLU B 408 8.20 -47.34 8.74
C GLU B 408 7.99 -47.50 7.25
N LYS B 409 8.58 -48.54 6.68
CA LYS B 409 8.38 -48.90 5.28
C LYS B 409 7.08 -49.67 5.16
N PRO B 410 6.06 -49.13 4.49
CA PRO B 410 4.79 -49.86 4.43
C PRO B 410 4.77 -50.94 3.36
N SER B 411 5.85 -51.72 3.23
CA SER B 411 5.90 -52.81 2.28
C SER B 411 6.18 -54.15 2.94
N ALA B 412 7.18 -54.21 3.81
CA ALA B 412 7.62 -55.47 4.40
C ALA B 412 6.63 -55.96 5.45
N LYS B 413 6.75 -57.25 5.77
CA LYS B 413 5.90 -57.83 6.80
C LYS B 413 6.26 -57.28 8.17
N SER B 414 5.34 -57.46 9.12
CA SER B 414 5.52 -56.96 10.46
C SER B 414 4.55 -57.65 11.40
N SER B 415 4.97 -57.79 12.66
CA SER B 415 4.05 -58.24 13.69
C SER B 415 3.25 -57.01 14.12
N ASP B 416 2.47 -57.10 15.19
CA ASP B 416 1.67 -55.97 15.61
C ASP B 416 1.95 -55.49 17.02
N VAL B 417 2.77 -56.19 17.79
CA VAL B 417 3.07 -55.76 19.15
C VAL B 417 3.82 -54.44 19.13
N LEU B 418 3.60 -53.63 20.16
CA LEU B 418 4.26 -52.33 20.27
C LEU B 418 4.75 -52.15 21.70
N GLY B 419 5.40 -51.03 21.97
CA GLY B 419 5.88 -50.68 23.29
C GLY B 419 7.39 -50.66 23.41
N SER B 420 8.09 -51.42 22.57
CA SER B 420 9.55 -51.51 22.64
C SER B 420 10.19 -50.30 21.96
N LEU B 421 10.16 -49.17 22.66
CA LEU B 421 10.83 -47.98 22.17
C LEU B 421 12.34 -48.14 22.37
N ASN B 422 13.10 -47.85 21.31
CA ASN B 422 14.55 -48.06 21.37
C ASN B 422 15.27 -46.90 20.72
N HIS B 423 16.55 -46.79 21.08
CA HIS B 423 17.42 -45.74 20.56
C HIS B 423 17.76 -45.98 19.08
N GLU B 424 17.96 -47.24 18.69
CA GLU B 424 18.37 -47.54 17.32
C GLU B 424 17.31 -47.21 16.28
N TYR B 425 16.05 -47.05 16.67
CA TYR B 425 15.02 -46.72 15.70
C TYR B 425 15.28 -45.34 15.10
N VAL B 426 15.53 -45.30 13.79
CA VAL B 426 15.71 -44.02 13.11
C VAL B 426 14.43 -43.21 13.25
N LEU B 427 14.58 -41.96 13.66
CA LEU B 427 13.43 -41.11 13.95
C LEU B 427 13.38 -39.92 13.00
N VAL B 428 12.16 -39.46 12.73
CA VAL B 428 11.96 -38.20 12.03
C VAL B 428 12.49 -37.08 12.91
N ASP B 429 13.44 -36.31 12.39
CA ASP B 429 14.15 -35.33 13.20
C ASP B 429 13.48 -33.97 13.27
N ILE B 430 12.41 -33.75 12.52
CA ILE B 430 11.69 -32.48 12.57
C ILE B 430 10.27 -32.73 12.12
N THR B 431 9.32 -32.04 12.76
CA THR B 431 7.91 -32.24 12.43
C THR B 431 7.62 -31.57 11.11
N THR B 432 7.66 -32.35 10.05
CA THR B 432 7.54 -31.85 8.69
C THR B 432 6.10 -31.54 8.33
N SER B 433 5.96 -30.86 7.20
CA SER B 433 4.68 -30.50 6.60
C SER B 433 5.00 -29.93 5.23
N PHE B 434 3.96 -29.76 4.41
CA PHE B 434 4.16 -29.19 3.08
C PHE B 434 4.73 -27.78 3.18
N THR B 435 4.04 -26.92 3.94
CA THR B 435 4.47 -25.53 4.11
C THR B 435 5.86 -25.43 4.72
N LEU B 436 6.31 -26.45 5.43
CA LEU B 436 7.69 -26.44 5.92
C LEU B 436 8.65 -26.85 4.83
N LEU B 437 8.25 -27.81 4.00
CA LEU B 437 9.14 -28.29 2.94
C LEU B 437 9.37 -27.22 1.89
N VAL B 438 8.34 -26.45 1.55
CA VAL B 438 8.54 -25.39 0.56
C VAL B 438 9.54 -24.36 1.08
N GLY B 439 9.48 -24.03 2.36
CA GLY B 439 10.44 -23.10 2.92
C GLY B 439 11.84 -23.68 2.98
N ILE B 440 11.94 -24.97 3.33
CA ILE B 440 13.26 -25.60 3.39
C ILE B 440 13.88 -25.69 2.01
N PHE B 441 13.05 -25.79 0.97
CA PHE B 441 13.57 -25.97 -0.37
C PHE B 441 13.79 -24.68 -1.14
N PHE B 442 13.06 -23.61 -0.82
CA PHE B 442 13.21 -22.39 -1.61
C PHE B 442 14.62 -21.84 -1.73
N PRO B 443 15.49 -21.91 -0.73
CA PRO B 443 16.83 -21.34 -0.92
C PRO B 443 17.71 -22.10 -1.88
N SER B 444 17.15 -23.06 -2.62
CA SER B 444 17.88 -23.71 -3.67
C SER B 444 17.62 -23.12 -5.05
N VAL B 445 16.58 -22.30 -5.20
CA VAL B 445 16.33 -21.60 -6.46
C VAL B 445 16.75 -20.13 -6.41
N THR B 446 17.07 -19.60 -5.24
CA THR B 446 17.53 -18.23 -5.14
C THR B 446 18.90 -18.08 -5.75
N GLY B 447 19.16 -16.89 -6.30
CA GLY B 447 20.47 -16.58 -6.83
C GLY B 447 20.39 -16.03 -8.23
N ILE B 448 19.17 -15.77 -8.70
CA ILE B 448 19.00 -15.32 -10.08
C ILE B 448 19.46 -13.88 -10.25
N MET B 449 19.43 -13.07 -9.19
CA MET B 449 20.01 -11.74 -9.30
C MET B 449 21.51 -11.79 -9.50
N ALA B 450 22.15 -12.93 -9.28
CA ALA B 450 23.56 -13.07 -9.54
C ALA B 450 23.85 -13.17 -11.02
N GLY B 451 22.84 -13.55 -11.82
CA GLY B 451 22.99 -13.53 -13.27
C GLY B 451 23.48 -12.19 -13.77
N SER B 452 22.98 -11.10 -13.18
CA SER B 452 23.36 -9.75 -13.56
C SER B 452 24.30 -9.11 -12.56
N ASN B 453 25.03 -9.92 -11.80
CA ASN B 453 26.04 -9.43 -10.88
C ASN B 453 27.34 -9.14 -11.58
N ARG B 454 27.46 -9.49 -12.85
CA ARG B 454 28.65 -9.26 -13.64
C ARG B 454 28.28 -8.50 -14.91
N SER B 455 27.49 -7.44 -14.76
CA SER B 455 26.97 -6.70 -15.91
C SER B 455 27.94 -5.63 -16.42
N GLY B 456 28.85 -5.15 -15.58
CA GLY B 456 29.83 -4.20 -16.07
C GLY B 456 30.79 -4.80 -17.08
N ASP B 457 31.15 -6.07 -16.88
CA ASP B 457 32.04 -6.77 -17.80
C ASP B 457 31.26 -7.64 -18.77
N LEU B 458 30.44 -6.99 -19.58
CA LEU B 458 29.65 -7.66 -20.59
C LEU B 458 29.79 -6.94 -21.91
N LYS B 459 29.39 -7.62 -22.98
CA LYS B 459 29.45 -7.06 -24.32
C LYS B 459 28.11 -6.52 -24.75
N ASP B 460 27.05 -7.32 -24.66
CA ASP B 460 25.71 -6.91 -25.02
C ASP B 460 24.85 -7.24 -23.81
N ALA B 461 24.76 -6.30 -22.87
CA ALA B 461 24.13 -6.58 -21.58
C ALA B 461 22.66 -6.93 -21.77
N GLN B 462 21.91 -6.06 -22.45
CA GLN B 462 20.48 -6.28 -22.62
C GLN B 462 20.17 -7.55 -23.39
N LYS B 463 21.16 -8.14 -24.04
CA LYS B 463 20.98 -9.38 -24.79
C LYS B 463 21.50 -10.60 -24.05
N SER B 464 22.58 -10.44 -23.28
CA SER B 464 23.14 -11.56 -22.55
C SER B 464 22.36 -11.85 -21.28
N ILE B 465 21.91 -10.81 -20.59
CA ILE B 465 21.31 -11.00 -19.26
C ILE B 465 19.97 -11.72 -19.36
N PRO B 466 19.02 -11.31 -20.20
CA PRO B 466 17.74 -12.02 -20.21
C PRO B 466 17.86 -13.47 -20.64
N ILE B 467 18.51 -13.73 -21.77
CA ILE B 467 18.66 -15.09 -22.25
C ILE B 467 19.48 -15.92 -21.27
N GLY B 468 20.59 -15.37 -20.80
CA GLY B 468 21.41 -16.10 -19.85
C GLY B 468 20.67 -16.48 -18.59
N THR B 469 19.97 -15.52 -17.99
CA THR B 469 19.24 -15.79 -16.76
C THR B 469 18.13 -16.82 -16.98
N ILE B 470 17.34 -16.66 -18.05
CA ILE B 470 16.22 -17.58 -18.24
C ILE B 470 16.73 -18.98 -18.56
N LEU B 471 17.82 -19.08 -19.32
CA LEU B 471 18.38 -20.39 -19.61
C LEU B 471 18.98 -21.02 -18.36
N ALA B 472 19.63 -20.24 -17.51
CA ALA B 472 20.15 -20.79 -16.27
C ALA B 472 19.04 -21.31 -15.38
N ILE B 473 17.94 -20.55 -15.27
CA ILE B 473 16.84 -21.02 -14.44
C ILE B 473 16.19 -22.25 -15.06
N LEU B 474 16.09 -22.31 -16.38
CA LEU B 474 15.55 -23.52 -16.99
C LEU B 474 16.44 -24.71 -16.72
N THR B 475 17.76 -24.53 -16.80
CA THR B 475 18.68 -25.62 -16.52
C THR B 475 18.53 -26.11 -15.10
N THR B 476 18.57 -25.20 -14.12
CA THR B 476 18.49 -25.64 -12.74
C THR B 476 17.12 -26.23 -12.41
N SER B 477 16.05 -25.65 -12.97
CA SER B 477 14.72 -26.21 -12.75
C SER B 477 14.61 -27.61 -13.32
N PHE B 478 15.20 -27.84 -14.50
CA PHE B 478 15.17 -29.17 -15.06
C PHE B 478 16.01 -30.12 -14.21
N VAL B 479 17.15 -29.67 -13.71
CA VAL B 479 17.98 -30.52 -12.86
C VAL B 479 17.22 -30.92 -11.61
N TYR B 480 16.53 -29.97 -10.97
CA TYR B 480 15.81 -30.29 -9.74
C TYR B 480 14.62 -31.20 -10.04
N LEU B 481 13.84 -30.89 -11.07
CA LEU B 481 12.68 -31.70 -11.38
C LEU B 481 13.07 -33.09 -11.88
N SER B 482 14.25 -33.22 -12.45
CA SER B 482 14.76 -34.52 -12.85
C SER B 482 15.28 -35.30 -11.66
N ASN B 483 15.99 -34.63 -10.74
CA ASN B 483 16.51 -35.33 -9.58
C ASN B 483 15.39 -35.77 -8.66
N VAL B 484 14.28 -35.03 -8.63
CA VAL B 484 13.13 -35.48 -7.85
C VAL B 484 12.68 -36.86 -8.32
N VAL B 485 12.51 -37.02 -9.63
CA VAL B 485 12.04 -38.29 -10.16
C VAL B 485 13.13 -39.36 -10.03
N LEU B 486 14.39 -38.98 -10.17
CA LEU B 486 15.44 -40.00 -10.05
C LEU B 486 15.53 -40.51 -8.62
N PHE B 487 15.42 -39.63 -7.62
CA PHE B 487 15.40 -40.09 -6.25
C PHE B 487 14.15 -40.91 -5.97
N GLY B 488 13.01 -40.48 -6.50
CA GLY B 488 11.80 -41.29 -6.40
C GLY B 488 11.97 -42.68 -6.94
N ALA B 489 12.74 -42.84 -8.02
CA ALA B 489 12.77 -44.11 -8.71
C ALA B 489 14.05 -44.90 -8.48
N CYS B 490 14.94 -44.44 -7.60
CA CYS B 490 16.19 -45.14 -7.38
C CYS B 490 16.51 -45.40 -5.91
N ILE B 491 15.99 -44.61 -4.99
CA ILE B 491 16.29 -44.74 -3.57
C ILE B 491 15.09 -45.35 -2.85
N GLU B 492 15.37 -46.23 -1.89
CA GLU B 492 14.32 -46.83 -1.09
C GLU B 492 13.46 -45.75 -0.44
N GLY B 493 12.17 -46.06 -0.28
CA GLY B 493 11.28 -45.09 0.34
C GLY B 493 11.52 -44.85 1.81
N VAL B 494 12.53 -45.49 2.38
CA VAL B 494 12.90 -45.32 3.78
C VAL B 494 14.22 -44.59 3.92
N VAL B 495 15.16 -44.86 3.02
CA VAL B 495 16.46 -44.19 3.02
C VAL B 495 16.32 -42.72 2.67
N LEU B 496 15.23 -42.34 2.02
CA LEU B 496 15.04 -40.94 1.66
C LEU B 496 14.70 -40.10 2.88
N ARG B 497 13.77 -40.55 3.71
CA ARG B 497 13.41 -39.76 4.89
C ARG B 497 14.50 -39.69 5.94
N ASP B 498 15.66 -40.29 5.71
CA ASP B 498 16.76 -40.21 6.67
C ASP B 498 17.53 -38.93 6.40
N LYS B 499 17.43 -37.97 7.31
CA LYS B 499 17.96 -36.64 7.07
C LYS B 499 19.41 -36.49 7.51
N PHE B 500 20.00 -37.55 8.07
CA PHE B 500 21.39 -37.50 8.51
C PHE B 500 22.13 -38.75 8.09
N GLY B 501 21.73 -39.31 6.96
CA GLY B 501 22.42 -40.46 6.39
C GLY B 501 22.49 -41.66 7.31
N ASP B 502 21.50 -41.82 8.19
CA ASP B 502 21.49 -42.99 9.04
C ASP B 502 20.89 -44.16 8.26
N ALA B 503 21.06 -45.36 8.79
CA ALA B 503 20.56 -46.60 8.20
C ALA B 503 21.28 -46.94 6.92
N VAL B 504 22.22 -46.11 6.45
CA VAL B 504 22.96 -46.45 5.25
C VAL B 504 24.44 -46.50 5.62
N LYS B 505 24.70 -46.81 6.89
CA LYS B 505 26.05 -46.90 7.45
C LYS B 505 26.67 -45.51 7.63
N GLY B 506 25.84 -44.48 7.68
CA GLY B 506 26.33 -43.12 7.83
C GLY B 506 26.95 -42.52 6.58
N ASN B 507 26.27 -42.64 5.46
CA ASN B 507 26.70 -42.05 4.20
C ASN B 507 25.66 -41.07 3.69
N LEU B 508 26.12 -40.09 2.91
CA LEU B 508 25.21 -39.10 2.36
C LEU B 508 24.18 -39.79 1.49
N VAL B 509 22.91 -39.48 1.71
CA VAL B 509 21.82 -40.16 1.00
C VAL B 509 21.98 -40.04 -0.51
N VAL B 510 22.12 -38.80 -1.00
CA VAL B 510 22.37 -38.60 -2.43
C VAL B 510 23.73 -39.14 -2.82
N GLY B 511 24.67 -39.21 -1.88
CA GLY B 511 25.97 -39.77 -2.18
C GLY B 511 25.90 -41.22 -2.65
N THR B 512 24.94 -41.98 -2.11
CA THR B 512 24.77 -43.36 -2.55
C THR B 512 24.46 -43.49 -4.04
N LEU B 513 23.92 -42.44 -4.66
CA LEU B 513 23.72 -42.41 -6.10
C LEU B 513 24.89 -41.66 -6.73
N SER B 514 25.88 -42.40 -7.19
CA SER B 514 27.03 -41.80 -7.85
C SER B 514 27.80 -42.92 -8.53
N TRP B 515 28.48 -42.57 -9.62
CA TRP B 515 29.25 -43.60 -10.34
C TRP B 515 30.49 -44.00 -9.57
N PRO B 516 31.44 -43.11 -9.25
CA PRO B 516 32.67 -43.59 -8.60
C PRO B 516 32.45 -44.06 -7.16
N SER B 517 31.87 -43.19 -6.32
CA SER B 517 31.64 -43.45 -4.91
C SER B 517 30.91 -42.26 -4.30
N PRO B 518 30.21 -42.43 -3.17
CA PRO B 518 29.62 -41.28 -2.50
C PRO B 518 30.62 -40.24 -2.04
N TRP B 519 31.91 -40.57 -1.99
CA TRP B 519 32.90 -39.62 -1.52
C TRP B 519 33.02 -38.43 -2.47
N VAL B 520 32.93 -38.68 -3.78
CA VAL B 520 33.04 -37.57 -4.73
C VAL B 520 31.97 -36.52 -4.47
N ILE B 521 30.74 -36.96 -4.20
CA ILE B 521 29.67 -36.00 -3.91
C ILE B 521 29.85 -35.39 -2.53
N VAL B 522 30.22 -36.20 -1.53
CA VAL B 522 30.32 -35.64 -0.19
C VAL B 522 31.42 -34.58 -0.11
N ILE B 523 32.45 -34.67 -0.95
CA ILE B 523 33.46 -33.62 -0.96
C ILE B 523 33.09 -32.48 -1.89
N GLY B 524 32.51 -32.79 -3.05
CA GLY B 524 32.09 -31.72 -3.94
C GLY B 524 31.06 -30.81 -3.31
N SER B 525 30.11 -31.39 -2.57
CA SER B 525 29.11 -30.58 -1.88
C SER B 525 29.74 -29.72 -0.81
N PHE B 526 30.72 -30.24 -0.07
CA PHE B 526 31.37 -29.45 0.96
C PHE B 526 32.12 -28.27 0.35
N PHE B 527 32.90 -28.53 -0.69
CA PHE B 527 33.64 -27.44 -1.32
C PHE B 527 32.70 -26.44 -1.98
N SER B 528 31.64 -26.92 -2.64
CA SER B 528 30.67 -26.02 -3.23
C SER B 528 29.99 -25.17 -2.17
N THR B 529 29.69 -25.73 -1.01
CA THR B 529 28.97 -24.96 -0.01
C THR B 529 29.88 -23.95 0.69
N CYS B 530 31.14 -24.29 0.94
CA CYS B 530 32.04 -23.27 1.47
C CYS B 530 32.30 -22.20 0.42
N GLY B 531 32.38 -22.58 -0.85
CA GLY B 531 32.54 -21.59 -1.90
C GLY B 531 31.36 -20.65 -2.01
N ALA B 532 30.15 -21.18 -1.88
CA ALA B 532 28.97 -20.32 -1.89
C ALA B 532 28.90 -19.46 -0.64
N GLY B 533 29.39 -19.95 0.49
CA GLY B 533 29.50 -19.10 1.66
C GLY B 533 30.44 -17.93 1.44
N LEU B 534 31.62 -18.20 0.85
CA LEU B 534 32.53 -17.12 0.50
C LEU B 534 31.88 -16.15 -0.48
N GLN B 535 31.19 -16.69 -1.48
CA GLN B 535 30.53 -15.84 -2.46
C GLN B 535 29.53 -14.92 -1.78
N SER B 536 28.75 -15.43 -0.83
CA SER B 536 27.75 -14.57 -0.21
C SER B 536 28.33 -13.66 0.85
N LEU B 537 29.52 -13.96 1.36
CA LEU B 537 30.20 -13.01 2.24
C LEU B 537 31.00 -11.98 1.49
N THR B 538 31.13 -12.14 0.17
CA THR B 538 31.63 -11.06 -0.66
C THR B 538 30.49 -10.27 -1.29
N GLY B 539 29.37 -10.94 -1.58
CA GLY B 539 28.25 -10.28 -2.21
C GLY B 539 27.41 -9.47 -1.26
N ALA B 540 27.37 -9.83 0.03
CA ALA B 540 26.55 -9.06 0.93
C ALA B 540 27.18 -7.71 1.30
N PRO B 541 28.47 -7.65 1.68
CA PRO B 541 29.04 -6.35 2.03
C PRO B 541 29.23 -5.42 0.83
N ARG B 542 29.52 -5.94 -0.37
CA ARG B 542 29.57 -5.08 -1.53
C ARG B 542 28.23 -4.40 -1.77
N LEU B 543 27.15 -5.17 -1.68
CA LEU B 543 25.83 -4.58 -1.83
C LEU B 543 25.56 -3.57 -0.71
N LEU B 544 26.06 -3.86 0.50
CA LEU B 544 25.81 -2.92 1.59
C LEU B 544 26.56 -1.62 1.39
N GLN B 545 27.81 -1.68 0.92
CA GLN B 545 28.51 -0.43 0.66
C GLN B 545 27.93 0.30 -0.53
N ALA B 546 27.31 -0.41 -1.48
CA ALA B 546 26.66 0.30 -2.57
C ALA B 546 25.41 1.03 -2.09
N ILE B 547 24.66 0.41 -1.19
CA ILE B 547 23.51 1.09 -0.63
C ILE B 547 23.93 2.23 0.27
N ALA B 548 25.11 2.13 0.88
CA ALA B 548 25.52 3.21 1.75
C ALA B 548 26.07 4.37 0.92
N LYS B 549 26.93 4.07 -0.05
CA LYS B 549 27.52 5.10 -0.89
C LYS B 549 26.46 5.82 -1.71
N ASP B 550 25.31 5.18 -1.96
CA ASP B 550 24.31 5.92 -2.73
C ASP B 550 23.66 7.02 -1.91
N ASN B 551 23.93 7.07 -0.60
CA ASN B 551 23.31 8.04 0.32
C ASN B 551 21.80 7.99 0.24
N ILE B 552 21.27 6.83 -0.15
CA ILE B 552 19.83 6.62 -0.14
C ILE B 552 19.29 6.66 1.27
N ILE B 553 19.90 5.90 2.17
CA ILE B 553 19.55 5.87 3.59
C ILE B 553 20.68 6.54 4.37
N PRO B 554 20.38 7.56 5.18
CA PRO B 554 21.46 8.28 5.88
C PRO B 554 22.25 7.44 6.86
N PHE B 555 21.57 6.79 7.83
CA PHE B 555 22.30 6.20 8.95
C PHE B 555 23.26 5.11 8.51
N LEU B 556 23.07 4.53 7.33
CA LEU B 556 24.02 3.56 6.83
C LEU B 556 25.31 4.21 6.34
N ARG B 557 25.43 5.53 6.48
CA ARG B 557 26.62 6.22 5.98
C ARG B 557 27.90 5.66 6.57
N VAL B 558 27.85 5.20 7.83
CA VAL B 558 29.04 4.63 8.45
C VAL B 558 29.58 3.48 7.62
N PHE B 559 28.69 2.69 7.01
CA PHE B 559 29.09 1.53 6.25
C PHE B 559 29.54 1.85 4.84
N GLY B 560 29.45 3.12 4.43
CA GLY B 560 30.00 3.49 3.15
C GLY B 560 31.50 3.46 3.10
N HIS B 561 32.13 3.37 4.26
CA HIS B 561 33.59 3.38 4.32
C HIS B 561 34.15 2.17 3.60
N SER B 562 35.17 2.40 2.79
CA SER B 562 35.78 1.35 1.99
C SER B 562 37.27 1.28 2.30
N LYS B 563 37.87 0.18 1.86
CA LYS B 563 39.29 -0.03 2.03
C LYS B 563 40.06 0.75 0.96
N ALA B 564 41.39 0.61 0.97
CA ALA B 564 42.19 1.34 -0.01
C ALA B 564 41.79 0.98 -1.43
N ASN B 565 41.50 -0.30 -1.65
CA ASN B 565 41.12 -0.82 -2.96
C ASN B 565 39.62 -0.71 -3.21
N GLY B 566 38.86 -0.23 -2.23
CA GLY B 566 37.43 -0.11 -2.36
C GLY B 566 36.67 -1.30 -1.85
N GLU B 567 37.23 -2.04 -0.90
CA GLU B 567 36.64 -3.18 -0.19
C GLU B 567 35.94 -2.68 1.06
N PRO B 568 34.80 -3.26 1.41
CA PRO B 568 34.02 -2.73 2.54
C PRO B 568 34.56 -3.22 3.88
N THR B 569 35.21 -2.31 4.61
CA THR B 569 35.75 -2.67 5.91
C THR B 569 34.67 -2.78 6.97
N TRP B 570 33.70 -1.87 6.97
CA TRP B 570 32.73 -1.81 8.05
C TRP B 570 31.37 -2.36 7.64
N ALA B 571 31.15 -2.61 6.36
CA ALA B 571 29.93 -3.30 5.93
C ALA B 571 30.09 -4.79 6.17
N LEU B 572 31.28 -5.30 5.87
CA LEU B 572 31.56 -6.71 6.06
C LEU B 572 31.42 -7.10 7.52
N LEU B 573 31.87 -6.25 8.43
CA LEU B 573 31.74 -6.58 9.84
C LEU B 573 30.28 -6.71 10.25
N LEU B 574 29.40 -5.88 9.69
CA LEU B 574 27.98 -6.01 10.01
C LEU B 574 27.42 -7.27 9.38
N THR B 575 27.89 -7.61 8.18
CA THR B 575 27.44 -8.84 7.55
C THR B 575 27.86 -10.04 8.38
N ALA B 576 29.07 -10.00 8.92
CA ALA B 576 29.55 -11.06 9.79
C ALA B 576 28.72 -11.16 11.06
N ALA B 577 28.35 -10.01 11.62
CA ALA B 577 27.52 -10.04 12.82
C ALA B 577 26.17 -10.69 12.53
N ILE B 578 25.55 -10.34 11.41
CA ILE B 578 24.25 -10.93 11.09
C ILE B 578 24.39 -12.40 10.76
N ALA B 579 25.48 -12.79 10.08
CA ALA B 579 25.70 -14.20 9.82
C ALA B 579 25.92 -14.96 11.13
N GLU B 580 26.55 -14.32 12.11
CA GLU B 580 26.75 -14.95 13.41
C GLU B 580 25.40 -15.20 14.08
N LEU B 581 24.55 -14.17 14.09
CA LEU B 581 23.21 -14.31 14.63
C LEU B 581 22.45 -15.43 13.94
N GLY B 582 22.64 -15.57 12.63
CA GLY B 582 22.04 -16.69 11.92
C GLY B 582 22.59 -18.03 12.36
N ILE B 583 23.91 -18.14 12.43
CA ILE B 583 24.55 -19.40 12.79
C ILE B 583 24.16 -19.85 14.19
N LEU B 584 23.88 -18.90 15.09
CA LEU B 584 23.43 -19.30 16.42
C LEU B 584 22.19 -20.18 16.36
N ILE B 585 21.38 -20.06 15.30
CA ILE B 585 20.33 -21.04 15.03
C ILE B 585 20.99 -22.11 14.16
N ALA B 586 21.66 -23.05 14.83
CA ALA B 586 22.50 -24.01 14.13
C ALA B 586 21.65 -25.15 13.57
N SER B 587 20.84 -24.81 12.57
CA SER B 587 20.06 -25.83 11.87
C SER B 587 19.61 -25.27 10.53
N LEU B 588 20.01 -25.93 9.43
CA LEU B 588 19.55 -25.52 8.11
C LEU B 588 18.04 -25.43 8.05
N ASP B 589 17.34 -26.36 8.70
CA ASP B 589 15.89 -26.40 8.61
C ASP B 589 15.21 -25.19 9.22
N LEU B 590 15.94 -24.42 10.04
CA LEU B 590 15.37 -23.22 10.64
C LEU B 590 15.94 -21.94 10.06
N VAL B 591 17.12 -21.98 9.45
CA VAL B 591 17.65 -20.82 8.76
C VAL B 591 17.00 -20.69 7.38
N ALA B 592 16.69 -21.81 6.74
CA ALA B 592 16.10 -21.77 5.40
C ALA B 592 14.83 -20.96 5.31
N PRO B 593 13.88 -21.03 6.25
CA PRO B 593 12.69 -20.17 6.10
C PRO B 593 13.00 -18.69 6.15
N ILE B 594 13.98 -18.26 6.95
CA ILE B 594 14.29 -16.83 7.05
C ILE B 594 14.94 -16.33 5.77
N LEU B 595 15.97 -17.05 5.32
CA LEU B 595 16.60 -16.76 4.04
C LEU B 595 15.57 -16.71 2.93
N SER B 596 14.71 -17.73 2.87
CA SER B 596 13.71 -17.79 1.81
C SER B 596 12.75 -16.63 1.92
N MET B 597 12.41 -16.20 3.13
CA MET B 597 11.50 -15.08 3.29
C MET B 597 12.11 -13.78 2.79
N PHE B 598 13.39 -13.56 3.09
CA PHE B 598 14.03 -12.34 2.62
C PHE B 598 14.15 -12.32 1.10
N PHE B 599 14.60 -13.42 0.51
CA PHE B 599 14.70 -13.47 -0.93
C PHE B 599 13.32 -13.40 -1.58
N LEU B 600 12.31 -13.95 -0.94
CA LEU B 600 10.96 -13.87 -1.47
C LEU B 600 10.46 -12.45 -1.45
N MET B 601 10.79 -11.69 -0.40
CA MET B 601 10.42 -10.29 -0.37
C MET B 601 11.12 -9.50 -1.47
N CYS B 602 12.40 -9.78 -1.68
CA CYS B 602 13.12 -9.14 -2.77
C CYS B 602 12.45 -9.41 -4.11
N TYR B 603 12.13 -10.68 -4.39
CA TYR B 603 11.52 -11.02 -5.67
C TYR B 603 10.11 -10.44 -5.79
N LEU B 604 9.38 -10.37 -4.68
CA LEU B 604 8.05 -9.79 -4.74
C LEU B 604 8.10 -8.32 -5.08
N PHE B 605 9.04 -7.58 -4.49
CA PHE B 605 9.16 -6.18 -4.86
C PHE B 605 9.63 -6.02 -6.29
N VAL B 606 10.56 -6.87 -6.75
CA VAL B 606 11.00 -6.75 -8.14
C VAL B 606 9.87 -7.04 -9.11
N ASN B 607 8.93 -7.92 -8.75
CA ASN B 607 7.81 -8.16 -9.65
C ASN B 607 6.74 -7.07 -9.53
N LEU B 608 6.55 -6.51 -8.34
CA LEU B 608 5.48 -5.55 -8.16
C LEU B 608 5.87 -4.21 -8.74
N ALA B 609 7.14 -3.82 -8.61
CA ALA B 609 7.56 -2.54 -9.17
C ALA B 609 7.42 -2.56 -10.68
N CYS B 610 7.75 -3.69 -11.31
CA CYS B 610 7.61 -3.79 -12.75
C CYS B 610 6.14 -3.76 -13.16
N ALA B 611 5.28 -4.50 -12.46
CA ALA B 611 3.87 -4.46 -12.80
C ALA B 611 3.31 -3.04 -12.67
N LEU B 612 3.65 -2.35 -11.58
CA LEU B 612 3.17 -1.00 -11.39
C LEU B 612 3.69 -0.07 -12.48
N GLN B 613 5.01 -0.06 -12.69
CA GLN B 613 5.57 0.87 -13.66
C GLN B 613 5.11 0.58 -15.08
N THR B 614 4.66 -0.64 -15.36
CA THR B 614 4.10 -0.90 -16.68
C THR B 614 2.66 -0.43 -16.78
N LEU B 615 1.85 -0.70 -15.74
CA LEU B 615 0.47 -0.25 -15.77
C LEU B 615 0.37 1.27 -15.80
N LEU B 616 0.97 1.93 -14.81
CA LEU B 616 0.82 3.37 -14.65
C LEU B 616 1.56 4.20 -15.69
N ARG B 617 2.21 3.59 -16.69
CA ARG B 617 2.95 4.31 -17.71
C ARG B 617 3.99 5.24 -17.09
N THR B 618 4.84 4.68 -16.23
CA THR B 618 5.88 5.46 -15.60
C THR B 618 6.87 5.96 -16.64
N PRO B 619 7.32 7.21 -16.55
CA PRO B 619 8.29 7.72 -17.51
C PRO B 619 9.58 6.90 -17.52
N ASN B 620 10.19 6.83 -18.70
CA ASN B 620 11.44 6.10 -18.92
C ASN B 620 11.30 4.62 -18.62
N TRP B 621 10.08 4.10 -18.70
CA TRP B 621 9.84 2.67 -18.55
C TRP B 621 9.57 2.12 -19.95
N ARG B 622 10.65 1.78 -20.66
CA ARG B 622 10.56 1.19 -21.99
C ARG B 622 11.09 -0.24 -21.89
N PRO B 623 10.24 -1.20 -21.59
CA PRO B 623 10.72 -2.60 -21.46
C PRO B 623 10.92 -3.30 -22.81
N ARG B 624 12.09 -3.09 -23.39
CA ARG B 624 12.37 -3.65 -24.70
C ARG B 624 12.61 -5.15 -24.59
N PHE B 625 11.56 -5.92 -24.34
CA PHE B 625 11.68 -7.37 -24.26
C PHE B 625 10.62 -8.00 -25.15
N ARG B 626 10.98 -9.11 -25.79
CA ARG B 626 10.06 -9.76 -26.78
C ARG B 626 8.94 -10.57 -26.10
N TYR B 627 9.03 -10.84 -24.80
CA TYR B 627 8.01 -11.65 -24.16
C TYR B 627 7.49 -11.09 -22.84
N TYR B 628 7.96 -9.93 -22.39
CA TYR B 628 7.54 -9.41 -21.10
C TYR B 628 6.17 -8.75 -21.21
N HIS B 629 5.20 -9.29 -20.48
CA HIS B 629 3.91 -8.65 -20.30
C HIS B 629 3.65 -8.51 -18.81
N TRP B 630 3.11 -7.37 -18.41
CA TRP B 630 2.95 -7.08 -16.98
C TRP B 630 2.14 -8.14 -16.25
N ALA B 631 1.28 -8.88 -16.96
CA ALA B 631 0.57 -9.97 -16.33
C ALA B 631 1.51 -11.06 -15.83
N LEU B 632 2.64 -11.27 -16.51
CA LEU B 632 3.61 -12.25 -16.04
C LEU B 632 4.23 -11.83 -14.72
N SER B 633 4.70 -10.59 -14.63
CA SER B 633 5.26 -10.11 -13.38
C SER B 633 4.23 -10.11 -12.28
N PHE B 634 2.98 -9.79 -12.62
CA PHE B 634 1.92 -9.81 -11.62
C PHE B 634 1.65 -11.23 -11.12
N MET B 635 1.65 -12.20 -12.04
CA MET B 635 1.45 -13.58 -11.64
C MET B 635 2.59 -14.07 -10.76
N GLY B 636 3.82 -13.64 -11.06
CA GLY B 636 4.94 -14.01 -10.20
C GLY B 636 4.81 -13.40 -8.82
N MET B 637 4.48 -12.11 -8.77
CA MET B 637 4.25 -11.45 -7.49
C MET B 637 3.19 -12.20 -6.68
N SER B 638 2.08 -12.57 -7.31
CA SER B 638 1.04 -13.27 -6.58
C SER B 638 1.48 -14.65 -6.12
N ILE B 639 2.11 -15.42 -7.02
CA ILE B 639 2.55 -16.77 -6.69
C ILE B 639 3.46 -16.75 -5.47
N CYS B 640 4.50 -15.95 -5.51
CA CYS B 640 5.40 -16.05 -4.38
C CYS B 640 5.11 -15.08 -3.24
N LEU B 641 4.08 -14.22 -3.38
CA LEU B 641 3.46 -13.68 -2.17
C LEU B 641 2.76 -14.79 -1.42
N ALA B 642 2.00 -15.62 -2.14
CA ALA B 642 1.42 -16.81 -1.53
C ALA B 642 2.51 -17.68 -0.91
N LEU B 643 3.65 -17.81 -1.59
CA LEU B 643 4.76 -18.59 -1.05
C LEU B 643 5.25 -18.00 0.27
N MET B 644 5.51 -16.69 0.29
CA MET B 644 5.89 -16.01 1.53
C MET B 644 4.95 -16.39 2.65
N PHE B 645 3.65 -16.18 2.44
CA PHE B 645 2.73 -16.34 3.56
C PHE B 645 2.62 -17.82 3.96
N ILE B 646 2.61 -18.71 2.97
CA ILE B 646 2.57 -20.15 3.25
C ILE B 646 3.69 -20.54 4.19
N SER B 647 4.93 -20.17 3.85
CA SER B 647 6.07 -20.59 4.67
C SER B 647 5.96 -20.07 6.10
N SER B 648 5.65 -18.80 6.28
CA SER B 648 5.42 -18.25 7.62
C SER B 648 4.55 -17.02 7.51
N TRP B 649 3.40 -17.01 8.19
CA TRP B 649 2.56 -15.83 8.06
C TRP B 649 3.02 -14.68 8.95
N TYR B 650 3.88 -14.94 9.93
CA TYR B 650 4.35 -13.89 10.83
C TYR B 650 5.70 -13.33 10.38
N TYR B 651 6.55 -14.20 9.85
CA TYR B 651 7.79 -13.71 9.25
C TYR B 651 7.45 -12.88 8.03
N ALA B 652 6.43 -13.28 7.28
CA ALA B 652 6.11 -12.56 6.05
C ALA B 652 5.60 -11.16 6.38
N ILE B 653 4.76 -11.04 7.40
CA ILE B 653 4.30 -9.72 7.82
C ILE B 653 5.45 -8.88 8.35
N VAL B 654 6.36 -9.49 9.10
CA VAL B 654 7.50 -8.72 9.60
C VAL B 654 8.35 -8.22 8.43
N ALA B 655 8.57 -9.07 7.42
CA ALA B 655 9.35 -8.65 6.26
C ALA B 655 8.63 -7.55 5.49
N MET B 656 7.32 -7.70 5.28
CA MET B 656 6.57 -6.69 4.56
C MET B 656 6.62 -5.36 5.28
N VAL B 657 6.50 -5.37 6.60
CA VAL B 657 6.51 -4.11 7.36
C VAL B 657 7.91 -3.50 7.35
N ILE B 658 8.95 -4.33 7.45
CA ILE B 658 10.31 -3.80 7.39
C ILE B 658 10.57 -3.16 6.04
N ALA B 659 10.18 -3.85 4.96
CA ALA B 659 10.40 -3.31 3.62
C ALA B 659 9.57 -2.05 3.38
N GLY B 660 8.32 -2.04 3.86
CA GLY B 660 7.50 -0.84 3.71
C GLY B 660 8.07 0.34 4.46
N MET B 661 8.57 0.10 5.67
CA MET B 661 9.17 1.19 6.43
C MET B 661 10.43 1.71 5.76
N ILE B 662 11.28 0.81 5.26
CA ILE B 662 12.48 1.26 4.55
C ILE B 662 12.10 2.05 3.31
N TYR B 663 11.07 1.59 2.60
CA TYR B 663 10.64 2.28 1.38
C TYR B 663 10.14 3.68 1.69
N LYS B 664 9.23 3.80 2.65
CA LYS B 664 8.72 5.13 2.97
C LYS B 664 9.79 6.02 3.56
N TYR B 665 10.74 5.45 4.30
CA TYR B 665 11.80 6.27 4.87
C TYR B 665 12.75 6.77 3.78
N ILE B 666 13.03 5.92 2.78
CA ILE B 666 13.84 6.37 1.66
C ILE B 666 13.12 7.46 0.89
N GLU B 667 11.81 7.32 0.69
CA GLU B 667 11.06 8.36 0.00
C GLU B 667 11.12 9.67 0.77
N TYR B 668 10.96 9.60 2.10
CA TYR B 668 11.04 10.80 2.92
C TYR B 668 12.41 11.43 2.85
N GLN B 669 13.47 10.62 2.89
CA GLN B 669 14.82 11.19 2.84
C GLN B 669 15.09 11.82 1.49
N GLY B 670 14.61 11.22 0.41
CA GLY B 670 14.76 11.82 -0.90
C GLY B 670 14.01 13.14 -1.01
N ALA B 671 12.80 13.19 -0.45
CA ALA B 671 12.05 14.44 -0.42
C ALA B 671 12.83 15.52 0.33
N GLU B 672 13.25 15.21 1.56
CA GLU B 672 14.00 16.21 2.33
C GLU B 672 15.31 16.59 1.64
N LYS B 673 15.87 15.69 0.84
CA LYS B 673 17.13 15.98 0.19
C LYS B 673 16.93 16.94 -0.97
N GLU B 674 15.91 16.70 -1.80
CA GLU B 674 15.77 17.50 -3.01
C GLU B 674 14.94 18.76 -2.79
N TRP B 675 13.81 18.67 -2.09
CA TRP B 675 12.97 19.84 -1.90
C TRP B 675 13.36 20.67 -0.69
N GLY B 676 13.96 20.06 0.33
CA GLY B 676 14.41 20.75 1.51
C GLY B 676 13.59 20.49 2.75
N ASP B 677 12.36 19.98 2.61
CA ASP B 677 11.51 19.68 3.74
C ASP B 677 11.02 18.24 3.66
N GLY B 678 10.57 17.72 4.80
CA GLY B 678 10.16 16.33 4.85
C GLY B 678 8.78 16.07 4.27
N ILE B 679 7.74 16.62 4.89
CA ILE B 679 6.37 16.39 4.44
C ILE B 679 5.98 17.36 3.34
N ARG B 680 6.34 18.64 3.51
CA ARG B 680 6.20 19.59 2.42
C ARG B 680 6.85 19.04 1.16
N GLY B 681 8.13 18.66 1.27
CA GLY B 681 8.83 18.10 0.14
C GLY B 681 8.26 16.78 -0.33
N LEU B 682 7.64 16.01 0.57
CA LEU B 682 7.03 14.75 0.17
C LEU B 682 5.85 15.00 -0.74
N SER B 683 4.94 15.90 -0.35
CA SER B 683 3.83 16.25 -1.22
C SER B 683 4.33 16.90 -2.50
N LEU B 684 5.40 17.68 -2.41
CA LEU B 684 5.99 18.30 -3.59
C LEU B 684 6.44 17.25 -4.59
N SER B 685 7.15 16.22 -4.11
CA SER B 685 7.60 15.14 -4.99
C SER B 685 6.43 14.37 -5.56
N ALA B 686 5.40 14.12 -4.74
CA ALA B 686 4.23 13.43 -5.26
C ALA B 686 3.61 14.21 -6.42
N ALA B 687 3.45 15.51 -6.25
CA ALA B 687 2.85 16.33 -7.30
C ALA B 687 3.73 16.34 -8.54
N ARG B 688 5.03 16.54 -8.37
CA ARG B 688 5.92 16.60 -9.53
C ARG B 688 5.92 15.27 -10.28
N PHE B 689 5.97 14.15 -9.56
CA PHE B 689 5.99 12.86 -10.21
C PHE B 689 4.69 12.60 -10.94
N ALA B 690 3.56 12.95 -10.32
CA ALA B 690 2.29 12.77 -11.01
C ALA B 690 2.24 13.59 -12.29
N LEU B 691 2.72 14.83 -12.24
CA LEU B 691 2.69 15.67 -13.43
C LEU B 691 3.60 15.12 -14.52
N LEU B 692 4.78 14.63 -14.14
CA LEU B 692 5.70 14.04 -15.11
C LEU B 692 5.06 12.83 -15.78
N ARG B 693 4.60 11.86 -14.98
CA ARG B 693 3.85 10.73 -15.53
C ARG B 693 2.71 11.20 -16.41
N LEU B 694 2.13 12.36 -16.09
CA LEU B 694 1.01 12.91 -16.82
C LEU B 694 1.44 13.48 -18.16
N GLU B 695 2.72 13.79 -18.32
CA GLU B 695 3.21 14.40 -19.56
C GLU B 695 3.33 13.39 -20.69
N GLU B 696 3.95 12.24 -20.42
CA GLU B 696 4.18 11.23 -21.47
C GLU B 696 2.93 10.39 -21.65
N GLY B 697 1.94 11.00 -22.29
CA GLY B 697 0.67 10.37 -22.57
C GLY B 697 -0.04 11.12 -23.67
N PRO B 698 -1.11 10.55 -24.20
CA PRO B 698 -1.87 11.25 -25.25
C PRO B 698 -2.41 12.57 -24.70
N PRO B 699 -2.26 13.65 -25.45
CA PRO B 699 -2.71 14.95 -24.94
C PRO B 699 -4.21 15.00 -24.71
N HIS B 700 -5.00 14.39 -25.58
CA HIS B 700 -6.44 14.43 -25.46
C HIS B 700 -6.92 13.36 -24.49
N THR B 701 -8.22 13.34 -24.25
CA THR B 701 -8.85 12.41 -23.33
C THR B 701 -10.10 11.85 -23.99
N LYS B 702 -10.41 10.59 -23.69
CA LYS B 702 -11.57 9.95 -24.33
C LYS B 702 -12.86 10.66 -23.97
N ASN B 703 -12.87 11.38 -22.86
CA ASN B 703 -14.04 12.16 -22.44
C ASN B 703 -13.55 13.58 -22.19
N TRP B 704 -14.45 14.54 -22.35
CA TRP B 704 -14.13 15.94 -22.11
C TRP B 704 -14.80 16.36 -20.80
N ARG B 705 -14.01 16.96 -19.91
CA ARG B 705 -14.53 17.44 -18.64
C ARG B 705 -14.04 18.87 -18.43
N PRO B 706 -14.92 19.80 -18.09
CA PRO B 706 -14.52 21.21 -17.97
C PRO B 706 -13.62 21.48 -16.79
N GLN B 707 -12.39 21.88 -17.07
CA GLN B 707 -11.45 22.36 -16.06
C GLN B 707 -11.47 23.89 -16.14
N LEU B 708 -11.92 24.54 -15.07
CA LEU B 708 -12.22 25.95 -15.18
C LEU B 708 -11.02 26.83 -14.87
N LEU B 709 -10.93 27.95 -15.58
CA LEU B 709 -10.12 29.09 -15.22
C LEU B 709 -11.08 30.26 -15.00
N VAL B 710 -11.37 30.59 -13.75
CA VAL B 710 -12.27 31.69 -13.47
C VAL B 710 -11.50 32.99 -13.56
N LEU B 711 -11.88 33.86 -14.50
CA LEU B 711 -11.24 35.15 -14.65
C LEU B 711 -11.96 36.18 -13.79
N LEU B 712 -11.46 36.38 -12.58
CA LEU B 712 -12.03 37.37 -11.68
C LEU B 712 -11.49 38.74 -12.02
N LYS B 713 -12.37 39.72 -12.11
CA LYS B 713 -11.97 41.10 -12.40
C LYS B 713 -11.82 41.86 -11.10
N LEU B 714 -10.66 42.46 -10.89
CA LEU B 714 -10.37 43.20 -9.67
C LEU B 714 -10.60 44.69 -9.91
N ASP B 715 -11.45 45.29 -9.09
CA ASP B 715 -11.75 46.71 -9.19
C ASP B 715 -10.58 47.55 -8.69
N GLU B 716 -10.74 48.86 -8.77
CA GLU B 716 -9.70 49.78 -8.32
C GLU B 716 -9.47 49.71 -6.82
N ASP B 717 -10.40 49.13 -6.07
CA ASP B 717 -10.21 48.90 -4.64
C ASP B 717 -9.51 47.58 -4.36
N LEU B 718 -9.16 46.83 -5.41
CA LEU B 718 -8.55 45.50 -5.27
C LEU B 718 -9.47 44.57 -4.47
N HIS B 719 -10.74 44.60 -4.82
CA HIS B 719 -11.72 43.66 -4.29
C HIS B 719 -12.40 42.94 -5.45
N VAL B 720 -12.75 41.69 -5.22
CA VAL B 720 -13.35 40.89 -6.28
C VAL B 720 -14.66 41.55 -6.71
N LYS B 721 -14.71 41.97 -7.97
CA LYS B 721 -15.90 42.65 -8.48
C LYS B 721 -17.05 41.69 -8.71
N HIS B 722 -16.81 40.38 -8.67
CA HIS B 722 -17.86 39.38 -8.91
C HIS B 722 -17.53 38.12 -8.14
N PRO B 723 -17.93 38.05 -6.86
CA PRO B 723 -17.80 36.77 -6.14
C PRO B 723 -18.71 35.69 -6.69
N ARG B 724 -19.81 36.09 -7.33
CA ARG B 724 -20.72 35.09 -7.88
C ARG B 724 -20.03 34.22 -8.91
N LEU B 725 -18.99 34.74 -9.58
CA LEU B 725 -18.19 33.92 -10.46
C LEU B 725 -17.64 32.71 -9.72
N LEU B 726 -17.06 32.95 -8.54
CA LEU B 726 -16.53 31.85 -7.74
C LEU B 726 -17.64 30.94 -7.25
N THR B 727 -18.77 31.51 -6.84
CA THR B 727 -19.86 30.67 -6.35
C THR B 727 -20.33 29.72 -7.45
N PHE B 728 -20.53 30.26 -8.65
CA PHE B 728 -20.99 29.45 -9.77
C PHE B 728 -19.92 28.46 -10.22
N ALA B 729 -18.64 28.82 -10.12
CA ALA B 729 -17.59 27.84 -10.43
C ALA B 729 -17.61 26.70 -9.44
N SER B 730 -17.83 26.99 -8.16
CA SER B 730 -17.94 25.93 -7.17
C SER B 730 -19.13 25.04 -7.46
N GLN B 731 -20.26 25.63 -7.81
CA GLN B 731 -21.44 24.83 -8.14
C GLN B 731 -21.21 23.99 -9.39
N LEU B 732 -20.43 24.50 -10.34
CA LEU B 732 -20.20 23.79 -11.58
C LEU B 732 -19.26 22.61 -11.40
N LYS B 733 -18.18 22.80 -10.63
CA LYS B 733 -17.22 21.73 -10.43
C LYS B 733 -17.55 20.83 -9.25
N ALA B 734 -18.42 21.28 -8.35
CA ALA B 734 -18.85 20.48 -7.21
C ALA B 734 -17.67 20.04 -6.34
N GLY B 735 -16.75 20.96 -6.08
CA GLY B 735 -15.64 20.72 -5.20
C GLY B 735 -14.59 19.76 -5.70
N LYS B 736 -14.80 19.13 -6.85
CA LYS B 736 -13.81 18.22 -7.41
C LYS B 736 -13.32 18.75 -8.75
N GLY B 737 -12.12 18.36 -9.12
CA GLY B 737 -11.50 18.81 -10.34
C GLY B 737 -10.53 19.95 -10.10
N LEU B 738 -10.17 20.62 -11.19
CA LEU B 738 -9.19 21.71 -11.15
C LEU B 738 -9.88 23.04 -11.42
N THR B 739 -9.68 24.00 -10.52
CA THR B 739 -10.19 25.36 -10.69
C THR B 739 -9.07 26.35 -10.40
N ILE B 740 -8.59 27.02 -11.44
CA ILE B 740 -7.56 28.04 -11.31
C ILE B 740 -8.24 29.40 -11.39
N VAL B 741 -8.19 30.15 -10.30
CA VAL B 741 -8.78 31.50 -10.25
C VAL B 741 -7.69 32.51 -10.59
N GLY B 742 -7.82 33.14 -11.75
CA GLY B 742 -6.83 34.09 -12.23
C GLY B 742 -7.38 35.50 -12.21
N SER B 743 -6.50 36.47 -11.97
CA SER B 743 -6.91 37.87 -11.96
C SER B 743 -5.71 38.73 -12.29
N VAL B 744 -5.96 39.85 -12.96
CA VAL B 744 -4.92 40.78 -13.38
C VAL B 744 -5.06 42.04 -12.55
N ILE B 745 -3.93 42.53 -12.04
CA ILE B 745 -3.87 43.81 -11.34
C ILE B 745 -3.16 44.81 -12.26
N VAL B 746 -3.88 45.86 -12.67
CA VAL B 746 -3.30 46.83 -13.57
C VAL B 746 -2.32 47.71 -12.80
N GLY B 747 -1.11 47.85 -13.32
CA GLY B 747 -0.09 48.61 -12.65
C GLY B 747 1.27 48.00 -12.93
N ASN B 748 2.29 48.57 -12.27
CA ASN B 748 3.66 48.11 -12.42
C ASN B 748 4.01 47.14 -11.30
N PHE B 749 4.62 46.02 -11.66
CA PHE B 749 4.90 44.98 -10.67
C PHE B 749 5.97 45.42 -9.69
N LEU B 750 6.90 46.29 -10.11
CA LEU B 750 8.01 46.67 -9.25
C LEU B 750 7.54 47.29 -7.96
N GLU B 751 6.37 47.91 -7.95
CA GLU B 751 5.88 48.58 -6.76
C GLU B 751 4.56 48.04 -6.23
N ASN B 752 3.95 47.07 -6.89
CA ASN B 752 2.67 46.52 -6.46
C ASN B 752 2.75 45.11 -5.89
N TYR B 753 3.94 44.64 -5.50
CA TYR B 753 4.04 43.28 -4.99
C TYR B 753 3.22 43.11 -3.71
N GLY B 754 3.25 44.09 -2.81
CA GLY B 754 2.48 43.98 -1.60
C GLY B 754 0.98 43.94 -1.88
N GLU B 755 0.53 44.77 -2.81
CA GLU B 755 -0.88 44.76 -3.19
C GLU B 755 -1.24 43.42 -3.82
N ALA B 756 -0.35 42.87 -4.64
CA ALA B 756 -0.63 41.58 -5.26
C ALA B 756 -0.76 40.50 -4.22
N LEU B 757 0.07 40.54 -3.18
CA LEU B 757 -0.03 39.55 -2.11
C LEU B 757 -1.32 39.71 -1.32
N ALA B 758 -1.70 40.96 -1.06
CA ALA B 758 -2.91 41.22 -0.29
C ALA B 758 -4.13 40.75 -1.07
N ALA B 759 -4.21 41.10 -2.35
CA ALA B 759 -5.35 40.67 -3.16
C ALA B 759 -5.34 39.16 -3.35
N GLU B 760 -4.16 38.53 -3.36
CA GLU B 760 -4.11 37.07 -3.46
C GLU B 760 -4.69 36.43 -2.21
N GLN B 761 -4.34 36.96 -1.03
CA GLN B 761 -4.95 36.48 0.20
C GLN B 761 -6.45 36.70 0.18
N THR B 762 -6.88 37.85 -0.35
CA THR B 762 -8.31 38.13 -0.44
C THR B 762 -9.01 37.09 -1.31
N ILE B 763 -8.44 36.80 -2.48
CA ILE B 763 -9.06 35.84 -3.38
C ILE B 763 -9.05 34.45 -2.80
N LYS B 764 -7.99 34.09 -2.05
CA LYS B 764 -7.97 32.78 -1.42
C LYS B 764 -9.05 32.67 -0.35
N HIS B 765 -9.20 33.71 0.47
CA HIS B 765 -10.27 33.70 1.46
C HIS B 765 -11.63 33.61 0.79
N LEU B 766 -11.81 34.30 -0.33
CA LEU B 766 -13.09 34.24 -1.02
C LEU B 766 -13.34 32.85 -1.58
N MET B 767 -12.32 32.23 -2.18
CA MET B 767 -12.46 30.88 -2.70
C MET B 767 -12.86 29.91 -1.58
N GLU B 768 -12.16 29.97 -0.45
CA GLU B 768 -12.54 29.10 0.65
C GLU B 768 -13.94 29.42 1.18
N ALA B 769 -14.34 30.69 1.14
CA ALA B 769 -15.68 31.05 1.60
C ALA B 769 -16.75 30.52 0.68
N GLU B 770 -16.45 30.40 -0.61
CA GLU B 770 -17.42 29.93 -1.59
C GLU B 770 -17.23 28.46 -1.93
N LYS B 771 -16.50 27.74 -1.07
CA LYS B 771 -16.26 26.31 -1.20
C LYS B 771 -15.59 25.96 -2.53
N VAL B 772 -14.77 26.87 -3.05
CA VAL B 772 -14.00 26.60 -4.27
C VAL B 772 -12.69 25.97 -3.86
N LYS B 773 -12.43 24.76 -4.33
CA LYS B 773 -11.16 24.09 -4.08
C LYS B 773 -10.29 24.25 -5.32
N GLY B 774 -9.18 24.96 -5.18
CA GLY B 774 -8.35 25.26 -6.32
C GLY B 774 -7.24 26.21 -5.93
N PHE B 775 -6.65 26.84 -6.94
CA PHE B 775 -5.46 27.65 -6.77
C PHE B 775 -5.69 29.04 -7.31
N CYS B 776 -4.91 29.99 -6.82
CA CYS B 776 -5.04 31.39 -7.19
C CYS B 776 -3.72 31.86 -7.79
N GLN B 777 -3.83 32.63 -8.87
CA GLN B 777 -2.66 33.21 -9.54
C GLN B 777 -2.98 34.64 -9.91
N LEU B 778 -2.15 35.58 -9.44
CA LEU B 778 -2.28 36.98 -9.79
C LEU B 778 -1.14 37.39 -10.70
N VAL B 779 -1.48 38.16 -11.73
CA VAL B 779 -0.51 38.72 -12.66
C VAL B 779 -0.66 40.23 -12.60
N VAL B 780 0.42 40.91 -12.21
CA VAL B 780 0.46 42.37 -12.23
C VAL B 780 0.95 42.80 -13.61
N ALA B 781 0.05 43.36 -14.40
CA ALA B 781 0.34 43.67 -15.80
C ALA B 781 0.13 45.14 -16.10
N ALA B 782 0.83 45.61 -17.12
CA ALA B 782 0.69 46.99 -17.53
C ALA B 782 -0.65 47.23 -18.23
N LYS B 783 -1.16 46.21 -18.92
CA LYS B 783 -2.41 46.31 -19.65
C LYS B 783 -3.29 45.13 -19.30
N LEU B 784 -4.50 45.42 -18.82
CA LEU B 784 -5.43 44.37 -18.40
C LEU B 784 -5.66 43.34 -19.50
N ARG B 785 -5.81 43.80 -20.73
CA ARG B 785 -6.06 42.89 -21.85
C ARG B 785 -4.90 41.92 -22.05
N GLU B 786 -3.67 42.42 -22.00
CA GLU B 786 -2.52 41.54 -22.18
C GLU B 786 -2.34 40.61 -20.99
N GLY B 787 -2.61 41.11 -19.78
CA GLY B 787 -2.56 40.24 -18.62
C GLY B 787 -3.52 39.07 -18.74
N ILE B 788 -4.74 39.34 -19.20
CA ILE B 788 -5.70 38.25 -19.35
C ILE B 788 -5.29 37.33 -20.48
N SER B 789 -4.74 37.88 -21.57
CA SER B 789 -4.28 37.04 -22.66
C SER B 789 -3.11 36.17 -22.24
N HIS B 790 -2.40 36.53 -21.19
CA HIS B 790 -1.29 35.73 -20.71
C HIS B 790 -1.75 34.71 -19.70
N LEU B 791 -2.79 35.06 -18.92
CA LEU B 791 -3.33 34.12 -17.97
C LEU B 791 -4.03 32.99 -18.70
N ILE B 792 -4.73 33.30 -19.79
CA ILE B 792 -5.52 32.28 -20.47
C ILE B 792 -4.61 31.21 -21.06
N GLN B 793 -3.40 31.59 -21.46
CA GLN B 793 -2.52 30.64 -22.11
C GLN B 793 -1.40 30.12 -21.22
N SER B 794 -1.21 30.68 -20.02
CA SER B 794 -0.08 30.24 -19.21
C SER B 794 -0.45 29.62 -17.87
N CYS B 795 -1.71 29.69 -17.45
CA CYS B 795 -2.06 29.13 -16.16
C CYS B 795 -1.86 27.62 -16.15
N GLY B 796 -1.46 27.10 -14.99
CA GLY B 796 -1.32 25.68 -14.78
C GLY B 796 -0.02 25.08 -15.24
N LEU B 797 0.47 24.10 -14.50
CA LEU B 797 1.66 23.36 -14.90
C LEU B 797 1.31 22.40 -16.03
N GLY B 798 2.29 22.09 -16.86
CA GLY B 798 2.04 21.27 -18.04
C GLY B 798 1.37 19.97 -17.65
N GLY B 799 0.27 19.65 -18.32
CA GLY B 799 -0.51 18.47 -18.03
C GLY B 799 -1.68 18.74 -17.10
N MET B 800 -1.63 19.82 -16.35
CA MET B 800 -2.71 20.24 -15.46
C MET B 800 -3.33 21.53 -15.99
N LYS B 801 -3.41 21.62 -17.31
CA LYS B 801 -3.96 22.80 -17.96
C LYS B 801 -5.47 22.85 -17.79
N HIS B 802 -6.02 24.05 -17.90
CA HIS B 802 -7.45 24.22 -17.98
C HIS B 802 -7.93 23.93 -19.40
N ASN B 803 -9.23 23.83 -19.56
CA ASN B 803 -9.80 23.77 -20.90
C ASN B 803 -11.02 24.65 -21.08
N THR B 804 -11.43 25.39 -20.06
CA THR B 804 -12.53 26.34 -20.16
C THR B 804 -12.14 27.62 -19.45
N VAL B 805 -12.61 28.74 -19.99
CA VAL B 805 -12.39 30.05 -19.40
C VAL B 805 -13.75 30.60 -19.01
N VAL B 806 -13.93 30.90 -17.73
CA VAL B 806 -15.21 31.38 -17.22
C VAL B 806 -15.09 32.87 -17.00
N MET B 807 -15.90 33.64 -17.70
CA MET B 807 -15.83 35.10 -17.67
C MET B 807 -17.13 35.68 -17.15
N GLY B 808 -17.05 36.90 -16.62
CA GLY B 808 -18.22 37.67 -16.30
C GLY B 808 -18.53 38.63 -17.44
N TRP B 809 -19.81 38.80 -17.71
CA TRP B 809 -20.22 39.69 -18.79
C TRP B 809 -19.86 41.13 -18.45
N PRO B 810 -19.40 41.92 -19.41
CA PRO B 810 -19.08 43.32 -19.13
C PRO B 810 -20.35 44.18 -19.04
N ASN B 811 -20.98 44.11 -17.87
CA ASN B 811 -22.20 44.83 -17.63
C ASN B 811 -21.98 46.34 -17.74
N GLY B 812 -22.96 47.02 -18.34
CA GLY B 812 -22.88 48.46 -18.54
C GLY B 812 -21.76 48.88 -19.48
N TRP B 813 -21.56 48.12 -20.56
CA TRP B 813 -20.51 48.47 -21.51
C TRP B 813 -20.87 49.73 -22.29
N ARG B 814 -22.15 49.86 -22.67
CA ARG B 814 -22.58 51.03 -23.43
C ARG B 814 -22.57 52.28 -22.56
N GLN B 815 -22.97 52.16 -21.30
CA GLN B 815 -23.04 53.33 -20.42
C GLN B 815 -21.67 53.98 -20.28
N SER B 816 -20.65 53.18 -19.97
CA SER B 816 -19.31 53.72 -19.81
C SER B 816 -18.83 54.36 -21.10
N GLU B 817 -18.27 55.56 -21.00
CA GLU B 817 -17.76 56.24 -22.17
C GLU B 817 -16.59 55.48 -22.78
N ASP B 818 -15.72 54.94 -21.92
CA ASP B 818 -14.57 54.17 -22.39
C ASP B 818 -15.03 52.92 -23.11
N ALA B 819 -14.45 52.66 -24.28
CA ALA B 819 -14.79 51.51 -25.09
C ALA B 819 -13.93 50.30 -24.76
N ARG B 820 -12.94 50.50 -23.88
CA ARG B 820 -12.04 49.42 -23.52
C ARG B 820 -12.78 48.30 -22.82
N ALA B 821 -13.75 48.62 -21.96
CA ALA B 821 -14.41 47.56 -21.20
C ALA B 821 -15.09 46.56 -22.11
N TRP B 822 -15.88 47.03 -23.08
CA TRP B 822 -16.52 46.09 -24.00
C TRP B 822 -15.52 45.48 -24.96
N LYS B 823 -14.51 46.24 -25.40
CA LYS B 823 -13.55 45.71 -26.37
C LYS B 823 -12.68 44.62 -25.75
N THR B 824 -12.39 44.72 -24.46
CA THR B 824 -11.60 43.71 -23.78
C THR B 824 -12.30 42.38 -23.76
N PHE B 825 -13.61 42.37 -23.45
CA PHE B 825 -14.34 41.11 -23.47
C PHE B 825 -14.19 40.41 -24.80
N ILE B 826 -14.28 41.15 -25.91
CA ILE B 826 -14.12 40.55 -27.22
C ILE B 826 -12.70 40.03 -27.39
N GLY B 827 -11.71 40.81 -26.95
CA GLY B 827 -10.34 40.36 -27.06
C GLY B 827 -10.13 39.04 -26.35
N THR B 828 -10.70 38.91 -25.15
CA THR B 828 -10.62 37.67 -24.39
C THR B 828 -11.32 36.53 -25.10
N VAL B 829 -12.48 36.83 -25.72
CA VAL B 829 -13.19 35.79 -26.45
C VAL B 829 -12.33 35.27 -27.60
N ARG B 830 -11.70 36.19 -28.32
CA ARG B 830 -10.81 35.78 -29.42
C ARG B 830 -9.64 34.96 -28.89
N VAL B 831 -9.06 35.38 -27.76
CA VAL B 831 -7.93 34.63 -27.20
C VAL B 831 -8.35 33.22 -26.82
N THR B 832 -9.52 33.08 -26.18
CA THR B 832 -10.02 31.76 -25.81
C THR B 832 -10.26 30.90 -27.03
N THR B 833 -10.91 31.46 -28.05
CA THR B 833 -11.18 30.69 -29.26
C THR B 833 -9.89 30.28 -29.95
N ALA B 834 -8.92 31.19 -30.04
CA ALA B 834 -7.66 30.86 -30.70
C ALA B 834 -6.88 29.81 -29.92
N ALA B 835 -6.88 29.88 -28.59
CA ALA B 835 -6.18 28.89 -27.80
C ALA B 835 -6.85 27.53 -27.82
N HIS B 836 -8.02 27.42 -28.45
CA HIS B 836 -8.78 26.18 -28.55
C HIS B 836 -9.28 25.71 -27.19
N LEU B 837 -9.61 26.65 -26.32
CA LEU B 837 -10.23 26.38 -25.03
C LEU B 837 -11.72 26.68 -25.09
N ALA B 838 -12.48 26.00 -24.26
CA ALA B 838 -13.90 26.29 -24.16
C ALA B 838 -14.11 27.62 -23.45
N LEU B 839 -15.30 28.19 -23.60
CA LEU B 839 -15.59 29.50 -23.06
C LEU B 839 -16.96 29.51 -22.41
N LEU B 840 -17.04 30.09 -21.21
CA LEU B 840 -18.29 30.22 -20.46
C LEU B 840 -18.47 31.67 -20.05
N VAL B 841 -19.29 32.40 -20.78
CA VAL B 841 -19.58 33.79 -20.46
C VAL B 841 -20.86 33.81 -19.63
N ALA B 842 -20.74 34.18 -18.36
CA ALA B 842 -21.90 34.31 -17.48
C ALA B 842 -22.40 35.74 -17.52
N LYS B 843 -23.69 35.91 -17.75
CA LYS B 843 -24.32 37.22 -17.80
C LYS B 843 -25.30 37.40 -16.65
N ASN B 844 -25.46 38.64 -16.20
CA ASN B 844 -26.27 38.95 -15.03
C ASN B 844 -25.83 38.10 -13.84
N ILE B 845 -24.52 38.00 -13.65
CA ILE B 845 -24.00 37.08 -12.65
C ILE B 845 -24.31 37.52 -11.24
N SER B 846 -24.68 38.78 -11.02
CA SER B 846 -25.05 39.22 -9.68
C SER B 846 -26.29 38.51 -9.16
N PHE B 847 -27.12 37.96 -10.04
CA PHE B 847 -28.35 37.27 -9.66
C PHE B 847 -28.17 35.76 -9.58
N PHE B 848 -26.93 35.27 -9.71
CA PHE B 848 -26.70 33.84 -9.64
C PHE B 848 -26.85 33.33 -8.20
N PRO B 849 -27.52 32.19 -8.02
CA PRO B 849 -27.79 31.69 -6.67
C PRO B 849 -26.53 31.36 -5.90
N SER B 850 -26.58 31.63 -4.59
CA SER B 850 -25.49 31.39 -3.67
C SER B 850 -25.44 29.91 -3.31
N ASN B 851 -24.35 29.51 -2.64
CA ASN B 851 -24.15 28.12 -2.28
C ASN B 851 -25.12 27.63 -1.23
N VAL B 852 -25.74 28.52 -0.45
CA VAL B 852 -26.64 28.08 0.61
C VAL B 852 -28.08 27.97 0.12
N GLU B 853 -28.55 28.89 -0.71
CA GLU B 853 -29.92 28.80 -1.16
C GLU B 853 -30.08 27.73 -2.23
N GLN B 854 -31.32 27.47 -2.62
CA GLN B 854 -31.62 26.40 -3.56
C GLN B 854 -32.79 26.86 -4.43
N PHE B 855 -33.09 26.04 -5.43
CA PHE B 855 -34.25 26.24 -6.30
C PHE B 855 -35.28 25.15 -6.02
N SER B 856 -36.51 25.56 -5.70
CA SER B 856 -37.57 24.60 -5.48
C SER B 856 -37.90 23.85 -6.76
N GLU B 857 -38.17 24.58 -7.85
CA GLU B 857 -38.44 23.97 -9.13
C GLU B 857 -38.05 24.94 -10.23
N GLY B 858 -37.53 24.40 -11.33
CA GLY B 858 -37.07 25.25 -12.41
C GLY B 858 -36.61 24.40 -13.58
N ASN B 859 -36.26 25.09 -14.65
CA ASN B 859 -35.86 24.45 -15.89
C ASN B 859 -34.57 25.08 -16.37
N ILE B 860 -33.54 24.25 -16.54
CA ILE B 860 -32.29 24.69 -17.14
C ILE B 860 -32.51 24.50 -18.63
N ASP B 861 -32.75 25.60 -19.34
CA ASP B 861 -33.12 25.54 -20.74
C ASP B 861 -31.88 25.62 -21.62
N VAL B 862 -31.21 24.48 -21.77
CA VAL B 862 -30.06 24.43 -22.66
C VAL B 862 -30.55 24.59 -24.09
N TRP B 863 -30.00 25.56 -24.79
CA TRP B 863 -30.36 25.82 -26.17
C TRP B 863 -29.25 25.27 -27.04
N TRP B 864 -29.55 24.19 -27.77
CA TRP B 864 -28.57 23.53 -28.61
C TRP B 864 -28.78 23.99 -30.04
N ILE B 865 -27.75 24.64 -30.58
CA ILE B 865 -27.76 25.30 -31.88
C ILE B 865 -26.64 24.69 -32.70
N VAL B 866 -26.97 24.32 -33.94
CA VAL B 866 -26.15 23.65 -34.94
C VAL B 866 -24.91 22.93 -34.42
N HIS B 867 -23.99 23.58 -33.72
CA HIS B 867 -22.79 22.84 -33.37
C HIS B 867 -22.36 23.11 -31.94
N ASP B 868 -21.24 22.47 -31.57
CA ASP B 868 -20.65 22.51 -30.23
C ASP B 868 -21.60 21.92 -29.19
N GLY B 869 -22.39 20.92 -29.59
CA GLY B 869 -23.35 20.28 -28.72
C GLY B 869 -22.78 19.50 -27.54
N GLY B 870 -21.50 19.16 -27.57
CA GLY B 870 -20.93 18.38 -26.48
C GLY B 870 -20.84 19.17 -25.19
N MET B 871 -20.22 20.35 -25.24
CA MET B 871 -20.11 21.16 -24.03
C MET B 871 -21.49 21.57 -23.55
N LEU B 872 -22.37 21.91 -24.49
CA LEU B 872 -23.68 22.41 -24.11
C LEU B 872 -24.47 21.34 -23.38
N MET B 873 -24.45 20.11 -23.89
CA MET B 873 -25.18 19.05 -23.22
C MET B 873 -24.53 18.69 -21.89
N LEU B 874 -23.19 18.59 -21.85
CA LEU B 874 -22.52 18.18 -20.62
C LEU B 874 -22.73 19.16 -19.46
N LEU B 875 -22.81 20.46 -19.74
CA LEU B 875 -22.93 21.43 -18.64
C LEU B 875 -24.12 21.21 -17.70
N PRO B 876 -25.38 21.24 -18.17
CA PRO B 876 -26.50 21.19 -17.24
C PRO B 876 -26.45 20.02 -16.29
N PHE B 877 -25.91 18.89 -16.72
CA PHE B 877 -25.88 17.71 -15.86
C PHE B 877 -24.87 17.88 -14.74
N LEU B 878 -23.70 18.45 -15.05
CA LEU B 878 -22.75 18.81 -13.99
C LEU B 878 -23.36 19.81 -13.04
N LEU B 879 -24.22 20.70 -13.54
CA LEU B 879 -24.82 21.68 -12.64
C LEU B 879 -25.87 21.03 -11.75
N LYS B 880 -26.73 20.20 -12.36
CA LYS B 880 -27.77 19.48 -11.64
C LYS B 880 -27.18 18.49 -10.64
N GLN B 881 -25.91 18.13 -10.80
CA GLN B 881 -25.26 17.24 -9.84
C GLN B 881 -24.94 17.96 -8.53
N HIS B 882 -25.21 19.26 -8.46
CA HIS B 882 -25.01 20.02 -7.23
C HIS B 882 -26.36 20.23 -6.54
N LYS B 883 -26.30 20.37 -5.22
CA LYS B 883 -27.52 20.44 -4.42
C LYS B 883 -28.37 21.65 -4.78
N VAL B 884 -27.74 22.73 -5.24
CA VAL B 884 -28.49 23.94 -5.57
C VAL B 884 -29.40 23.70 -6.77
N TRP B 885 -28.85 23.23 -7.88
CA TRP B 885 -29.61 22.97 -9.09
C TRP B 885 -30.19 21.56 -9.13
N ARG B 886 -30.26 20.89 -7.99
CA ARG B 886 -30.71 19.50 -7.97
C ARG B 886 -32.18 19.38 -8.34
N LYS B 887 -33.02 20.28 -7.82
CA LYS B 887 -34.47 20.18 -7.96
C LYS B 887 -35.01 20.88 -9.21
N CYS B 888 -34.19 21.05 -10.25
CA CYS B 888 -34.67 21.65 -11.48
C CYS B 888 -34.68 20.63 -12.62
N SER B 889 -35.48 20.94 -13.64
CA SER B 889 -35.58 20.11 -14.83
C SER B 889 -34.75 20.70 -15.97
N ILE B 890 -34.68 19.97 -17.08
CA ILE B 890 -33.88 20.35 -18.24
C ILE B 890 -34.73 20.24 -19.50
N ARG B 891 -34.66 21.25 -20.36
CA ARG B 891 -35.40 21.27 -21.62
C ARG B 891 -34.47 21.72 -22.74
N ILE B 892 -34.22 20.84 -23.70
CA ILE B 892 -33.38 21.14 -24.85
C ILE B 892 -34.24 21.65 -26.00
N PHE B 893 -34.12 22.93 -26.32
CA PHE B 893 -34.80 23.54 -27.46
C PHE B 893 -33.89 23.60 -28.69
N THR B 894 -33.71 22.42 -29.28
CA THR B 894 -32.93 22.29 -30.51
C THR B 894 -33.52 23.13 -31.63
N VAL B 895 -32.63 23.82 -32.35
CA VAL B 895 -33.03 24.65 -33.49
C VAL B 895 -32.49 24.09 -34.80
N ALA B 896 -31.62 23.09 -34.76
CA ALA B 896 -31.08 22.49 -35.97
C ALA B 896 -30.44 21.14 -35.66
N ASN B 901 -23.46 18.38 -40.38
CA ASN B 901 -24.16 17.16 -40.01
C ASN B 901 -24.97 17.36 -38.74
N SER B 902 -25.84 18.39 -38.75
CA SER B 902 -26.65 18.65 -37.57
C SER B 902 -27.60 17.50 -37.26
N ILE B 903 -28.21 16.92 -38.30
CA ILE B 903 -29.13 15.81 -38.05
C ILE B 903 -28.39 14.63 -37.43
N GLN B 904 -27.18 14.34 -37.94
CA GLN B 904 -26.40 13.25 -37.38
C GLN B 904 -26.00 13.58 -35.95
N MET B 905 -25.64 14.85 -35.73
CA MET B 905 -25.26 15.31 -34.41
C MET B 905 -26.42 15.18 -33.44
N LYS B 906 -27.64 15.48 -33.89
CA LYS B 906 -28.79 15.36 -33.01
C LYS B 906 -28.97 13.92 -32.56
N LYS B 907 -28.80 12.97 -33.48
CA LYS B 907 -28.92 11.57 -33.11
C LYS B 907 -27.85 11.19 -32.10
N ASP B 908 -26.62 11.70 -32.32
CA ASP B 908 -25.54 11.41 -31.38
C ASP B 908 -25.86 12.01 -30.02
N LEU B 909 -26.44 13.21 -30.01
CA LEU B 909 -26.80 13.86 -28.76
C LEU B 909 -27.83 13.03 -28.02
N ALA B 910 -28.81 12.48 -28.76
CA ALA B 910 -29.82 11.65 -28.14
C ALA B 910 -29.18 10.43 -27.50
N THR B 911 -28.23 9.81 -28.21
CA THR B 911 -27.54 8.66 -27.66
C THR B 911 -26.75 9.06 -26.41
N PHE B 912 -26.12 10.23 -26.43
CA PHE B 912 -25.37 10.68 -25.27
C PHE B 912 -26.32 10.89 -24.09
N LEU B 913 -27.50 11.45 -24.37
CA LEU B 913 -28.48 11.68 -23.32
C LEU B 913 -28.88 10.35 -22.70
N TYR B 914 -29.08 9.33 -23.54
CA TYR B 914 -29.45 8.01 -23.05
C TYR B 914 -28.34 7.45 -22.16
N HIS B 915 -27.08 7.65 -22.58
CA HIS B 915 -25.96 7.16 -21.79
C HIS B 915 -25.93 7.89 -20.45
N LEU B 916 -26.23 9.18 -20.47
CA LEU B 916 -26.24 10.01 -19.27
C LEU B 916 -27.31 9.53 -18.28
N ARG B 917 -28.40 8.97 -18.79
CA ARG B 917 -29.50 8.41 -17.99
C ARG B 917 -30.23 9.43 -17.11
N ILE B 918 -29.99 10.73 -17.27
CA ILE B 918 -30.68 11.74 -16.49
C ILE B 918 -31.77 12.35 -17.36
N GLU B 919 -33.00 12.37 -16.84
CA GLU B 919 -34.17 12.76 -17.61
C GLU B 919 -34.03 14.16 -18.21
N ALA B 920 -34.27 14.24 -19.52
CA ALA B 920 -34.21 15.48 -20.27
C ALA B 920 -35.11 15.34 -21.49
N GLU B 921 -35.87 16.39 -21.78
CA GLU B 921 -36.80 16.39 -22.89
C GLU B 921 -36.30 17.35 -23.96
N VAL B 922 -36.20 16.87 -25.20
CA VAL B 922 -35.67 17.65 -26.30
C VAL B 922 -36.80 18.02 -27.23
N GLU B 923 -36.89 19.31 -27.56
CA GLU B 923 -37.87 19.83 -28.51
C GLU B 923 -37.14 20.54 -29.63
N VAL B 924 -37.47 20.19 -30.87
CA VAL B 924 -36.84 20.81 -32.03
C VAL B 924 -37.81 21.84 -32.61
N VAL B 925 -37.40 23.10 -32.60
CA VAL B 925 -38.20 24.19 -33.12
C VAL B 925 -37.67 24.60 -34.48
N GLU B 926 -38.51 24.52 -35.50
CA GLU B 926 -38.11 24.93 -36.84
C GLU B 926 -37.84 26.43 -36.86
N MET B 927 -36.71 26.82 -37.44
CA MET B 927 -36.34 28.22 -37.54
C MET B 927 -35.83 28.49 -38.95
N HIS B 928 -36.14 29.67 -39.46
CA HIS B 928 -35.68 30.05 -40.79
C HIS B 928 -34.17 30.20 -40.79
N ASP B 929 -33.54 29.72 -41.86
CA ASP B 929 -32.07 29.77 -41.94
C ASP B 929 -31.57 31.19 -41.79
N SER B 930 -32.32 32.16 -42.30
CA SER B 930 -31.90 33.54 -42.20
C SER B 930 -31.76 33.96 -40.74
N ASP B 931 -32.71 33.54 -39.89
CA ASP B 931 -32.65 33.89 -38.48
C ASP B 931 -31.37 33.38 -37.82
N ILE B 932 -30.91 32.22 -38.24
CA ILE B 932 -29.70 31.61 -37.72
C ILE B 932 -28.53 31.82 -38.65
N SER B 933 -28.62 32.82 -39.54
CA SER B 933 -27.61 33.06 -40.56
C SER B 933 -26.20 33.18 -39.99
N ALA B 934 -26.02 34.00 -38.94
CA ALA B 934 -24.68 34.14 -38.38
C ALA B 934 -24.11 32.80 -37.93
N TYR B 935 -24.97 31.94 -37.38
CA TYR B 935 -24.53 30.60 -36.98
C TYR B 935 -24.18 29.76 -38.19
N THR B 936 -25.10 29.67 -39.16
CA THR B 936 -24.86 28.84 -40.34
C THR B 936 -23.63 29.31 -41.08
N TYR B 937 -23.44 30.63 -41.17
CA TYR B 937 -22.24 31.22 -41.76
C TYR B 937 -20.98 30.72 -41.07
N GLU B 938 -20.95 30.82 -39.73
CA GLU B 938 -19.79 30.31 -38.99
C GLU B 938 -19.59 28.81 -39.24
N ARG B 939 -20.67 28.04 -39.21
CA ARG B 939 -20.60 26.61 -39.47
C ARG B 939 -20.01 26.32 -40.84
N ASP B 940 -20.48 27.05 -41.85
CA ASP B 940 -19.93 26.89 -43.19
C ASP B 940 -18.44 27.20 -43.20
N LEU B 941 -18.02 28.24 -42.48
CA LEU B 941 -16.61 28.56 -42.41
C LEU B 941 -15.83 27.41 -41.78
N MET B 942 -16.43 26.75 -40.79
CA MET B 942 -15.79 25.61 -40.15
C MET B 942 -15.68 24.45 -41.12
N MET B 943 -16.76 24.16 -41.84
CA MET B 943 -16.75 23.05 -42.78
C MET B 943 -15.72 23.29 -43.87
N GLU B 944 -15.65 24.53 -44.37
CA GLU B 944 -14.69 24.90 -45.40
C GLU B 944 -13.27 24.70 -44.91
N GLN B 945 -12.93 25.22 -43.73
CA GLN B 945 -11.59 25.02 -43.21
C GLN B 945 -11.31 23.54 -42.98
N ARG B 946 -12.29 22.82 -42.43
CA ARG B 946 -12.13 21.39 -42.19
C ARG B 946 -11.93 20.64 -43.50
N SER B 947 -12.69 21.00 -44.53
CA SER B 947 -12.56 20.34 -45.83
C SER B 947 -11.18 20.57 -46.42
N GLN B 948 -10.65 21.78 -46.29
CA GLN B 948 -9.31 22.05 -46.82
C GLN B 948 -8.26 21.21 -46.12
N MET B 949 -8.39 21.04 -44.81
CA MET B 949 -7.45 20.23 -44.04
C MET B 949 -7.70 18.74 -44.25
N SER B 1028 -25.09 43.04 -43.70
CA SER B 1028 -24.69 41.91 -42.87
C SER B 1028 -25.07 42.14 -41.42
N ASN B 1029 -24.58 43.25 -40.86
CA ASN B 1029 -24.87 43.57 -39.46
C ASN B 1029 -26.36 43.78 -39.25
N VAL B 1030 -27.02 44.48 -40.17
CA VAL B 1030 -28.45 44.70 -40.05
C VAL B 1030 -29.20 43.38 -40.11
N ARG B 1031 -28.74 42.46 -40.96
CA ARG B 1031 -29.38 41.16 -41.05
C ARG B 1031 -29.14 40.35 -39.78
N ARG B 1032 -27.91 40.36 -39.27
CA ARG B 1032 -27.63 39.65 -38.02
C ARG B 1032 -28.49 40.17 -36.88
N MET B 1033 -28.67 41.50 -36.78
CA MET B 1033 -29.49 42.04 -35.70
C MET B 1033 -30.97 41.73 -35.90
N HIS B 1034 -31.47 41.87 -37.13
CA HIS B 1034 -32.87 41.61 -37.40
C HIS B 1034 -33.20 40.14 -37.25
N THR B 1035 -32.19 39.27 -37.28
CA THR B 1035 -32.40 37.86 -37.03
C THR B 1035 -32.18 37.50 -35.57
N ALA B 1036 -31.29 38.21 -34.90
CA ALA B 1036 -31.10 38.05 -33.47
C ALA B 1036 -32.38 38.40 -32.72
N VAL B 1037 -33.14 39.37 -33.23
CA VAL B 1037 -34.39 39.70 -32.54
C VAL B 1037 -35.41 38.58 -32.73
N LYS B 1038 -35.35 37.87 -33.87
CA LYS B 1038 -36.20 36.69 -34.03
C LYS B 1038 -35.80 35.58 -33.06
N LEU B 1039 -34.49 35.36 -32.94
CA LEU B 1039 -33.99 34.44 -31.93
C LEU B 1039 -34.47 34.84 -30.54
N ASN B 1040 -34.47 36.14 -30.25
CA ASN B 1040 -35.01 36.62 -28.99
C ASN B 1040 -36.48 36.25 -28.84
N GLU B 1041 -37.28 36.51 -29.87
CA GLU B 1041 -38.70 36.18 -29.80
C GLU B 1041 -38.89 34.73 -29.41
N VAL B 1042 -38.27 33.82 -30.16
CA VAL B 1042 -38.46 32.40 -29.88
C VAL B 1042 -37.92 32.03 -28.49
N ILE B 1043 -36.71 32.49 -28.16
CA ILE B 1043 -36.06 32.06 -26.93
C ILE B 1043 -36.83 32.56 -25.70
N VAL B 1044 -37.32 33.79 -25.75
CA VAL B 1044 -38.08 34.29 -24.60
C VAL B 1044 -39.46 33.65 -24.55
N ASN B 1045 -40.11 33.50 -25.71
CA ASN B 1045 -41.44 32.89 -25.74
C ASN B 1045 -41.42 31.48 -25.19
N LYS B 1046 -40.29 30.79 -25.32
CA LYS B 1046 -40.17 29.42 -24.81
C LYS B 1046 -39.56 29.35 -23.43
N SER B 1047 -38.62 30.24 -23.09
CA SER B 1047 -37.75 30.07 -21.93
C SER B 1047 -37.68 31.30 -21.04
N HIS B 1048 -38.60 32.26 -21.19
CA HIS B 1048 -38.54 33.49 -20.40
C HIS B 1048 -38.39 33.22 -18.92
N GLU B 1049 -39.09 32.22 -18.40
CA GLU B 1049 -39.12 31.93 -16.97
C GLU B 1049 -38.16 30.82 -16.57
N ALA B 1050 -37.11 30.58 -17.34
CA ALA B 1050 -36.15 29.55 -16.97
C ALA B 1050 -35.24 30.05 -15.85
N LYS B 1051 -34.69 29.11 -15.09
CA LYS B 1051 -33.78 29.47 -14.01
C LYS B 1051 -32.36 29.71 -14.51
N LEU B 1052 -31.98 29.12 -15.63
CA LEU B 1052 -30.65 29.32 -16.21
C LEU B 1052 -30.74 28.92 -17.67
N VAL B 1053 -30.49 29.85 -18.58
CA VAL B 1053 -30.55 29.58 -20.00
C VAL B 1053 -29.13 29.47 -20.54
N LEU B 1054 -28.69 28.24 -20.83
CA LEU B 1054 -27.49 28.05 -21.62
C LEU B 1054 -27.79 28.39 -23.07
N LEU B 1055 -26.76 28.83 -23.78
CA LEU B 1055 -26.98 29.30 -25.15
C LEU B 1055 -25.66 29.27 -25.90
N ASN B 1056 -25.66 28.65 -27.08
CA ASN B 1056 -24.45 28.59 -27.87
C ASN B 1056 -24.07 29.98 -28.36
N MET B 1057 -22.80 30.17 -28.66
CA MET B 1057 -22.37 31.48 -29.09
C MET B 1057 -21.92 31.46 -30.54
N PRO B 1058 -22.09 32.57 -31.25
CA PRO B 1058 -21.40 32.73 -32.53
C PRO B 1058 -20.01 33.31 -32.32
N GLY B 1059 -19.12 32.99 -33.24
CA GLY B 1059 -17.78 33.50 -33.18
C GLY B 1059 -17.71 35.00 -33.39
N PRO B 1060 -16.65 35.62 -32.89
CA PRO B 1060 -16.45 37.05 -33.11
C PRO B 1060 -16.13 37.33 -34.57
N PRO B 1061 -16.38 38.54 -35.04
CA PRO B 1061 -16.11 38.84 -36.45
C PRO B 1061 -14.62 38.78 -36.74
N ARG B 1062 -14.30 38.51 -38.00
CA ARG B 1062 -12.90 38.48 -38.42
C ARG B 1062 -12.28 39.87 -38.37
N ASN B 1063 -13.00 40.87 -38.86
CA ASN B 1063 -12.51 42.24 -38.77
C ASN B 1063 -12.82 42.79 -37.37
N PRO B 1064 -11.84 43.36 -36.69
CA PRO B 1064 -12.10 43.93 -35.36
C PRO B 1064 -12.91 45.21 -35.40
N GLU B 1065 -13.39 45.61 -36.57
CA GLU B 1065 -14.20 46.82 -36.66
C GLU B 1065 -15.65 46.53 -36.25
N GLY B 1066 -16.17 45.37 -36.63
CA GLY B 1066 -17.52 44.99 -36.32
C GLY B 1066 -17.69 44.47 -34.92
N ASP B 1067 -16.73 44.76 -34.05
CA ASP B 1067 -16.80 44.29 -32.66
C ASP B 1067 -18.00 44.90 -31.92
N GLU B 1068 -18.26 46.18 -32.15
CA GLU B 1068 -19.47 46.79 -31.59
C GLU B 1068 -20.72 46.10 -32.11
N ASN B 1069 -20.74 45.76 -33.40
CA ASN B 1069 -21.89 45.06 -33.97
C ASN B 1069 -22.06 43.68 -33.34
N TYR B 1070 -20.93 43.01 -33.09
CA TYR B 1070 -20.97 41.69 -32.45
C TYR B 1070 -21.50 41.79 -31.04
N MET B 1071 -21.05 42.79 -30.28
CA MET B 1071 -21.54 42.96 -28.92
C MET B 1071 -23.02 43.33 -28.92
N GLU B 1072 -23.46 44.14 -29.89
CA GLU B 1072 -24.88 44.43 -29.99
C GLU B 1072 -25.69 43.18 -30.31
N PHE B 1073 -25.17 42.35 -31.22
CA PHE B 1073 -25.81 41.07 -31.52
C PHE B 1073 -25.96 40.23 -30.25
N LEU B 1074 -24.87 40.09 -29.48
CA LEU B 1074 -24.94 39.31 -28.25
C LEU B 1074 -25.92 39.92 -27.26
N GLU B 1075 -25.84 41.24 -27.07
CA GLU B 1075 -26.69 41.91 -26.09
C GLU B 1075 -28.16 41.75 -26.43
N VAL B 1076 -28.52 41.90 -27.70
CA VAL B 1076 -29.92 41.68 -28.08
C VAL B 1076 -30.26 40.20 -27.92
N LEU B 1077 -29.38 39.31 -28.39
CA LEU B 1077 -29.61 37.87 -28.27
C LEU B 1077 -29.91 37.44 -26.85
N THR B 1078 -29.40 38.17 -25.87
CA THR B 1078 -29.64 37.85 -24.47
C THR B 1078 -30.62 38.81 -23.82
N GLU B 1079 -31.31 39.63 -24.59
CA GLU B 1079 -32.20 40.65 -24.03
C GLU B 1079 -33.46 39.99 -23.48
N GLY B 1080 -33.67 40.12 -22.17
CA GLY B 1080 -34.88 39.65 -21.53
C GLY B 1080 -34.75 38.37 -20.73
N LEU B 1081 -33.58 37.75 -20.70
CA LEU B 1081 -33.38 36.52 -19.97
C LEU B 1081 -32.79 36.83 -18.60
N GLU B 1082 -33.24 36.08 -17.59
CA GLU B 1082 -32.84 36.39 -16.22
C GLU B 1082 -31.37 36.09 -15.97
N ARG B 1083 -30.92 34.90 -16.35
CA ARG B 1083 -29.55 34.45 -16.05
C ARG B 1083 -29.07 33.60 -17.22
N VAL B 1084 -28.06 34.10 -17.94
CA VAL B 1084 -27.59 33.47 -19.16
C VAL B 1084 -26.16 33.01 -18.97
N LEU B 1085 -25.87 31.81 -19.44
CA LEU B 1085 -24.51 31.29 -19.52
C LEU B 1085 -24.22 31.12 -21.01
N LEU B 1086 -23.63 32.13 -21.61
CA LEU B 1086 -23.19 32.02 -23.00
C LEU B 1086 -22.02 31.06 -23.09
N VAL B 1087 -22.11 30.10 -24.00
CA VAL B 1087 -21.13 29.02 -24.11
C VAL B 1087 -20.60 28.98 -25.53
N ARG B 1088 -19.28 28.85 -25.65
CA ARG B 1088 -18.62 28.71 -26.95
C ARG B 1088 -17.63 27.56 -26.86
N GLY B 1089 -17.84 26.54 -27.68
CA GLY B 1089 -16.94 25.40 -27.68
C GLY B 1089 -15.55 25.73 -28.20
N GLY B 1090 -15.43 25.95 -29.50
CA GLY B 1090 -14.16 26.30 -30.10
C GLY B 1090 -13.06 25.28 -29.87
N GLY B 1091 -13.40 24.00 -29.83
CA GLY B 1091 -12.44 22.94 -29.61
C GLY B 1091 -13.02 21.62 -30.02
N SER B 1092 -12.19 20.59 -29.95
CA SER B 1092 -12.64 19.22 -30.24
C SER B 1092 -13.26 18.64 -28.97
N GLU B 1093 -14.47 19.13 -28.66
CA GLU B 1093 -15.22 18.67 -27.46
C GLU B 1093 -16.05 17.44 -27.82
N VAL B 1094 -15.93 16.37 -27.01
CA VAL B 1094 -16.72 15.12 -27.24
C VAL B 1094 -17.53 14.81 -25.99
C1 NAG C . -8.42 -38.16 34.71
C2 NAG C . -7.10 -37.41 34.66
C3 NAG C . -6.24 -38.00 33.56
C4 NAG C . -6.01 -39.47 33.87
C5 NAG C . -7.38 -40.15 33.96
C6 NAG C . -7.29 -41.62 34.27
C7 NAG C . -6.41 -35.05 34.65
C8 NAG C . -6.82 -33.64 34.35
N2 NAG C . -7.33 -35.99 34.42
O3 NAG C . -4.99 -37.31 33.50
O4 NAG C . -5.29 -40.11 32.83
O5 NAG C . -8.15 -39.54 35.02
O6 NAG C . -6.13 -41.92 35.03
O7 NAG C . -5.29 -35.33 35.07
C1 NAG C . -3.86 -40.19 33.05
C2 NAG C . -3.22 -40.05 31.66
C3 NAG C . -1.69 -39.97 31.75
C4 NAG C . -1.27 -38.90 32.74
C5 NAG C . -1.95 -39.14 34.10
C6 NAG C . -1.66 -38.04 35.10
C7 NAG C . -3.36 -42.43 30.98
C8 NAG C . -3.87 -43.37 29.95
N2 NAG C . -3.63 -41.13 30.77
O3 NAG C . -1.15 -39.69 30.47
O4 NAG C . 0.14 -38.80 32.84
O5 NAG C . -3.36 -39.17 33.92
O6 NAG C . -1.25 -38.60 36.35
O7 NAG C . -2.74 -42.82 31.97
C1 BMA C . 0.79 -39.90 33.52
C2 BMA C . 1.73 -40.61 32.52
C3 BMA C . 2.51 -41.71 33.26
C4 BMA C . 3.21 -41.13 34.49
C5 BMA C . 2.20 -40.38 35.39
C6 BMA C . 2.87 -39.69 36.56
O2 BMA C . 2.69 -39.70 32.00
O3 BMA C . 3.47 -42.30 32.41
O4 BMA C . 3.80 -42.18 35.23
O5 BMA C . 1.52 -39.38 34.61
O6 BMA C . 4.00 -40.46 36.95
C1 NAG D . 4.21 -51.07 10.64
C2 NAG D . 3.05 -50.29 10.09
C3 NAG D . 2.19 -49.80 11.25
C4 NAG D . 1.71 -51.02 12.03
C5 NAG D . 2.95 -51.79 12.50
C6 NAG D . 2.60 -53.03 13.28
C7 NAG D . 2.75 -48.57 8.36
C8 NAG D . 3.39 -47.42 7.63
N2 NAG D . 3.51 -49.17 9.29
O3 NAG D . 1.08 -49.07 10.75
O4 NAG D . 0.98 -50.62 13.18
O5 NAG D . 3.72 -52.20 11.36
O6 NAG D . 1.28 -53.46 12.99
O7 NAG D . 1.60 -48.93 8.13
C1 NAG D . -0.44 -50.73 12.98
C2 NAG D . -1.04 -49.51 13.69
C3 NAG D . -2.55 -49.41 13.45
C4 NAG D . -2.86 -49.49 11.96
C5 NAG D . -2.24 -50.74 11.36
C6 NAG D . -2.41 -50.84 9.86
C7 NAG D . -1.14 -50.52 15.95
C8 NAG D . -0.72 -50.35 17.39
N2 NAG D . -0.75 -49.54 15.11
O3 NAG D . -3.03 -48.19 14.00
O4 NAG D . -4.26 -49.37 11.71
O5 NAG D . -0.82 -50.74 11.61
O6 NAG D . -2.17 -52.16 9.41
O7 NAG D . -1.78 -51.49 15.58
C1 BMA D . -5.08 -50.48 12.11
C2 BMA D . -6.00 -50.03 13.24
C3 BMA D . -6.95 -51.16 13.61
C4 BMA D . -7.69 -51.66 12.35
C5 BMA D . -6.68 -52.04 11.25
C6 BMA D . -7.37 -52.42 9.95
O2 BMA D . -6.81 -48.94 12.83
O3 BMA D . -7.90 -50.74 14.57
O4 BMA D . -8.45 -52.82 12.67
O5 BMA D . -5.83 -50.90 10.99
O6 BMA D . -8.60 -53.05 10.27
C1 NAG E . -17.29 -43.73 45.39
C2 NAG E . -16.05 -44.52 45.81
C3 NAG E . -16.43 -45.82 46.49
C4 NAG E . -17.25 -45.46 47.70
C5 NAG E . -18.44 -44.65 47.22
C6 NAG E . -19.47 -44.43 48.32
C7 NAG E . -13.90 -45.29 44.97
C8 NAG E . -13.24 -44.88 46.24
N2 NAG E . -15.09 -44.77 44.75
O3 NAG E . -15.28 -46.52 46.95
O4 NAG E . -17.70 -46.65 48.34
O5 NAG E . -18.03 -43.45 46.58
O6 NAG E . -20.70 -45.02 47.86
O7 NAG E . -13.38 -46.07 44.17
C1 NAG F . 9.86 -64.05 10.61
C2 NAG F . 8.55 -63.88 9.84
C3 NAG F . 7.75 -65.17 9.89
C4 NAG F . 8.59 -66.31 9.35
C5 NAG F . 9.89 -66.41 10.15
C6 NAG F . 10.84 -67.46 9.61
C7 NAG F . 7.16 -61.87 9.59
C8 NAG F . 6.40 -60.79 10.30
N2 NAG F . 7.78 -62.77 10.38
O3 NAG F . 6.58 -65.02 9.11
O4 NAG F . 7.88 -67.55 9.46
O5 NAG F . 10.60 -65.16 10.08
O6 NAG F . 11.75 -66.90 8.68
O7 NAG F . 7.21 -61.93 8.37
#